data_3FWP
#
_entry.id   3FWP
#
_cell.length_a   88.790
_cell.length_b   124.070
_cell.length_c   134.100
_cell.angle_alpha   90.00
_cell.angle_beta   90.00
_cell.angle_gamma   90.00
#
_symmetry.space_group_name_H-M   'P 21 21 21'
#
loop_
_entity.id
_entity.type
_entity.pdbx_description
1 polymer 'Uridine phosphorylase'
2 non-polymer 'PHOSPHATE ION'
3 non-polymer 'POTASSIUM ION'
4 non-polymer "2,2'-Anhydro-(1-beta-D-arabinofuranosyl)uracil"
5 water water
#
_entity_poly.entity_id   1
_entity_poly.type   'polypeptide(L)'
_entity_poly.pdbx_seq_one_letter_code
;MSKSDVFHLGLTKNDLQGAQLAIVPGDPERVEKIAALMDKPVKLASHREFTSWRAELDGKAVIVCSTGIGGPSTSIAVEE
LAQLGIRTFLRIGTTGAIQPHINVGDVLVTTASVRLDGASLHFAPMEFPAVADFACTTALVEAAKSIGATTHVGVTASSD
TFYPGQERYDTYSGRVVRRFKGSMEEWQAMGVMNYEMESATLLTMCASQGLRAGMVAGVIVNRTQQEIPNAETMKQTESH
AVKIVVEAARRLL
;
_entity_poly.pdbx_strand_id   A,B,C,D,E,F
#
loop_
_chem_comp.id
_chem_comp.type
_chem_comp.name
_chem_comp.formula
ANU non-polymer 2,2'-Anhydro-(1-beta-D-arabinofuranosyl)uracil 'C9 H10 N2 O5'
K non-polymer 'POTASSIUM ION' 'K 1'
PO4 non-polymer 'PHOSPHATE ION' 'O4 P -3'
#
# COMPACT_ATOMS: atom_id res chain seq x y z
N LYS A 3 5.07 31.04 31.86
CA LYS A 3 5.82 29.77 32.03
C LYS A 3 5.13 28.58 31.34
N SER A 4 5.90 27.84 30.53
CA SER A 4 5.45 26.57 29.96
C SER A 4 6.64 25.68 29.60
N ASP A 5 6.56 24.40 30.00
CA ASP A 5 7.57 23.41 29.64
C ASP A 5 7.30 22.83 28.24
N VAL A 6 6.11 23.08 27.71
CA VAL A 6 5.68 22.48 26.44
C VAL A 6 5.19 23.54 25.45
N PHE A 7 5.19 23.19 24.16
CA PHE A 7 4.87 24.15 23.09
C PHE A 7 3.40 24.59 23.07
N HIS A 8 2.47 23.66 23.30
CA HIS A 8 1.04 23.96 23.11
C HIS A 8 0.20 24.09 24.38
N LEU A 9 0.45 23.24 25.37
CA LEU A 9 -0.47 23.09 26.50
C LEU A 9 -0.41 24.23 27.53
N GLY A 10 0.73 24.91 27.59
CA GLY A 10 0.92 26.00 28.56
C GLY A 10 1.00 25.48 29.98
N LEU A 11 1.72 24.38 30.15
CA LEU A 11 1.84 23.71 31.43
C LEU A 11 3.30 23.48 31.80
N THR A 12 3.57 23.44 33.10
CA THR A 12 4.88 23.09 33.62
C THR A 12 4.76 21.81 34.44
N LYS A 13 5.90 21.18 34.73
CA LYS A 13 5.90 19.99 35.57
C LYS A 13 5.34 20.30 36.96
N ASN A 14 5.58 21.51 37.45
CA ASN A 14 5.03 21.96 38.72
C ASN A 14 3.50 21.92 38.77
N ASP A 15 2.87 22.31 37.66
CA ASP A 15 1.41 22.29 37.52
C ASP A 15 0.82 20.92 37.81
N LEU A 16 1.57 19.89 37.48
CA LEU A 16 1.11 18.51 37.62
C LEU A 16 1.15 17.99 39.05
N GLN A 17 2.00 18.60 39.88
CA GLN A 17 2.14 18.20 41.28
C GLN A 17 2.37 16.70 41.41
N GLY A 18 3.19 16.18 40.50
CA GLY A 18 3.56 14.77 40.51
C GLY A 18 2.53 13.83 39.92
N ALA A 19 1.52 14.38 39.26
CA ALA A 19 0.51 13.58 38.56
C ALA A 19 1.16 12.70 37.50
N GLN A 20 0.67 11.48 37.38
CA GLN A 20 1.19 10.55 36.39
C GLN A 20 0.08 9.95 35.53
N LEU A 21 -1.17 10.30 35.85
CA LEU A 21 -2.32 9.86 35.06
C LEU A 21 -3.12 11.06 34.56
N ALA A 22 -3.51 11.00 33.28
CA ALA A 22 -4.39 12.02 32.70
C ALA A 22 -5.64 11.39 32.14
N ILE A 23 -6.77 12.05 32.38
CA ILE A 23 -8.02 11.72 31.70
C ILE A 23 -8.14 12.70 30.53
N VAL A 24 -8.37 12.15 29.34
CA VAL A 24 -8.29 12.96 28.13
C VAL A 24 -9.59 12.93 27.29
N PRO A 25 -10.53 13.83 27.61
CA PRO A 25 -11.74 13.94 26.79
C PRO A 25 -11.40 14.71 25.51
N GLY A 26 -12.32 14.67 24.54
CA GLY A 26 -12.15 15.40 23.30
C GLY A 26 -12.49 16.87 23.41
N ASP A 27 -13.59 17.16 24.10
CA ASP A 27 -14.15 18.51 24.22
CA ASP A 27 -14.10 18.52 24.20
C ASP A 27 -13.51 19.30 25.38
N PRO A 28 -12.97 20.51 25.10
CA PRO A 28 -12.45 21.39 26.16
C PRO A 28 -13.50 21.70 27.23
N GLU A 29 -14.77 21.70 26.84
CA GLU A 29 -15.88 22.02 27.76
C GLU A 29 -16.24 20.88 28.72
N ARG A 30 -15.83 19.65 28.40
CA ARG A 30 -16.05 18.52 29.29
C ARG A 30 -15.00 18.44 30.42
N VAL A 31 -13.87 19.14 30.25
CA VAL A 31 -12.75 19.02 31.19
C VAL A 31 -13.13 19.42 32.61
N GLU A 32 -13.79 20.57 32.74
CA GLU A 32 -14.26 21.05 34.05
C GLU A 32 -15.25 20.06 34.68
N LYS A 33 -16.16 19.54 33.86
CA LYS A 33 -17.18 18.59 34.30
C LYS A 33 -16.57 17.32 34.87
N ILE A 34 -15.55 16.78 34.19
CA ILE A 34 -14.85 15.58 34.65
C ILE A 34 -14.06 15.85 35.92
N ALA A 35 -13.36 16.99 35.97
CA ALA A 35 -12.60 17.38 37.16
C ALA A 35 -13.50 17.58 38.39
N ALA A 36 -14.75 17.98 38.15
CA ALA A 36 -15.75 18.17 39.21
C ALA A 36 -16.12 16.86 39.91
N LEU A 37 -15.77 15.72 39.32
CA LEU A 37 -16.00 14.42 39.91
C LEU A 37 -14.92 14.04 40.90
N MET A 38 -13.89 14.88 41.00
CA MET A 38 -12.78 14.63 41.90
C MET A 38 -12.64 15.74 42.96
N ASP A 39 -11.61 15.65 43.78
CA ASP A 39 -11.39 16.60 44.87
C ASP A 39 -10.44 17.73 44.49
N LYS A 40 -10.73 18.92 45.01
CA LYS A 40 -9.93 20.14 44.84
C LYS A 40 -9.54 20.44 43.37
N PRO A 41 -10.52 20.36 42.44
CA PRO A 41 -10.16 20.66 41.05
C PRO A 41 -9.83 22.14 40.83
N VAL A 42 -8.76 22.38 40.08
CA VAL A 42 -8.33 23.74 39.74
C VAL A 42 -7.97 23.78 38.26
N LYS A 43 -8.41 24.84 37.57
CA LYS A 43 -8.07 25.05 36.16
C LYS A 43 -6.60 25.43 36.05
N LEU A 44 -5.88 24.76 35.15
CA LEU A 44 -4.46 25.04 34.95
C LEU A 44 -4.23 25.97 33.77
N ALA A 45 -4.74 25.60 32.60
CA ALA A 45 -4.52 26.38 31.39
C ALA A 45 -5.60 26.13 30.35
N SER A 46 -5.72 27.06 29.42
CA SER A 46 -6.59 26.90 28.27
C SER A 46 -5.93 27.56 27.07
N HIS A 47 -5.48 26.74 26.13
CA HIS A 47 -4.84 27.23 24.91
C HIS A 47 -5.33 26.39 23.74
N ARG A 48 -5.79 27.07 22.68
CA ARG A 48 -6.39 26.39 21.52
C ARG A 48 -7.46 25.41 22.03
N GLU A 49 -7.45 24.17 21.52
CA GLU A 49 -8.39 23.15 22.00
C GLU A 49 -7.94 22.44 23.28
N PHE A 50 -6.84 22.91 23.88
CA PHE A 50 -6.28 22.24 25.06
C PHE A 50 -6.61 22.97 26.37
N THR A 51 -7.67 22.50 27.01
CA THR A 51 -8.05 22.96 28.35
C THR A 51 -7.61 21.90 29.36
N SER A 52 -6.93 22.35 30.42
CA SER A 52 -6.40 21.43 31.42
C SER A 52 -6.76 21.84 32.84
N TRP A 53 -7.05 20.84 33.66
CA TRP A 53 -7.38 20.99 35.07
C TRP A 53 -6.61 19.94 35.83
N ARG A 54 -6.27 20.26 37.08
CA ARG A 54 -5.74 19.28 38.00
C ARG A 54 -6.76 19.06 39.09
N ALA A 55 -6.92 17.80 39.49
CA ALA A 55 -7.74 17.45 40.64
C ALA A 55 -7.04 16.37 41.44
N GLU A 56 -7.64 16.02 42.58
CA GLU A 56 -7.11 15.00 43.46
C GLU A 56 -8.05 13.80 43.48
N LEU A 57 -7.47 12.62 43.37
CA LEU A 57 -8.24 11.38 43.40
C LEU A 57 -7.61 10.46 44.43
N ASP A 58 -8.40 10.10 45.45
CA ASP A 58 -7.90 9.40 46.63
C ASP A 58 -6.58 10.00 47.12
N GLY A 59 -6.50 11.33 47.09
CA GLY A 59 -5.34 12.07 47.60
C GLY A 59 -4.16 12.24 46.65
N LYS A 60 -4.29 11.73 45.44
CA LYS A 60 -3.21 11.80 44.44
CA LYS A 60 -3.21 11.79 44.45
C LYS A 60 -3.59 12.71 43.29
N ALA A 61 -2.63 13.50 42.81
CA ALA A 61 -2.86 14.44 41.72
C ALA A 61 -3.18 13.72 40.41
N VAL A 62 -4.17 14.25 39.69
CA VAL A 62 -4.60 13.72 38.40
C VAL A 62 -4.85 14.90 37.47
N ILE A 63 -4.53 14.72 36.19
CA ILE A 63 -4.77 15.74 35.17
C ILE A 63 -6.01 15.36 34.36
N VAL A 64 -6.82 16.38 34.02
CA VAL A 64 -7.83 16.25 32.98
C VAL A 64 -7.46 17.25 31.90
N CYS A 65 -7.27 16.75 30.67
CA CYS A 65 -6.83 17.60 29.57
C CYS A 65 -7.53 17.22 28.27
N SER A 66 -8.15 18.19 27.61
CA SER A 66 -8.83 17.92 26.34
C SER A 66 -7.82 17.73 25.21
N THR A 67 -8.23 16.92 24.23
CA THR A 67 -7.39 16.59 23.09
C THR A 67 -7.79 17.35 21.84
N GLY A 68 -9.01 17.88 21.84
CA GLY A 68 -9.64 18.34 20.62
C GLY A 68 -10.06 17.14 19.78
N ILE A 69 -10.65 17.41 18.63
CA ILE A 69 -11.13 16.35 17.73
C ILE A 69 -10.00 15.87 16.83
N GLY A 70 -9.80 14.56 16.77
CA GLY A 70 -8.86 13.95 15.84
C GLY A 70 -7.50 13.62 16.38
N GLY A 71 -6.84 12.69 15.68
CA GLY A 71 -5.50 12.23 16.01
C GLY A 71 -4.41 13.29 16.11
N PRO A 72 -4.35 14.21 15.12
CA PRO A 72 -3.33 15.27 15.18
C PRO A 72 -3.29 16.06 16.50
N SER A 73 -4.41 16.64 16.93
CA SER A 73 -4.41 17.38 18.19
C SER A 73 -4.22 16.46 19.39
N THR A 74 -4.80 15.26 19.30
CA THR A 74 -4.61 14.22 20.32
C THR A 74 -3.12 13.90 20.51
N SER A 75 -2.40 13.73 19.40
CA SER A 75 -0.97 13.43 19.45
C SER A 75 -0.16 14.54 20.13
N ILE A 76 -0.58 15.79 19.96
CA ILE A 76 0.08 16.92 20.61
C ILE A 76 -0.14 16.84 22.12
N ALA A 77 -1.41 16.72 22.53
CA ALA A 77 -1.75 16.63 23.95
C ALA A 77 -1.00 15.49 24.65
N VAL A 78 -1.08 14.29 24.09
CA VAL A 78 -0.47 13.10 24.68
C VAL A 78 1.06 13.24 24.76
N GLU A 79 1.68 13.71 23.68
CA GLU A 79 3.14 13.90 23.66
C GLU A 79 3.58 14.88 24.75
N GLU A 80 2.90 16.02 24.81
CA GLU A 80 3.29 17.08 25.73
C GLU A 80 2.99 16.71 27.19
N LEU A 81 1.85 16.05 27.41
CA LEU A 81 1.57 15.45 28.72
C LEU A 81 2.63 14.42 29.14
N ALA A 82 3.08 13.60 28.19
CA ALA A 82 4.15 12.62 28.46
C ALA A 82 5.45 13.32 28.89
N GLN A 83 5.81 14.38 28.17
CA GLN A 83 6.99 15.18 28.49
C GLN A 83 6.92 15.70 29.92
N LEU A 84 5.71 16.12 30.31
CA LEU A 84 5.44 16.64 31.66
C LEU A 84 5.44 15.56 32.75
N GLY A 85 5.30 14.29 32.36
CA GLY A 85 5.38 13.17 33.31
C GLY A 85 4.23 12.19 33.32
N ILE A 86 3.21 12.45 32.49
CA ILE A 86 2.07 11.54 32.45
C ILE A 86 2.50 10.24 31.79
N ARG A 87 2.13 9.12 32.40
CA ARG A 87 2.47 7.80 31.88
C ARG A 87 1.23 6.97 31.55
N THR A 88 0.08 7.41 32.05
CA THR A 88 -1.19 6.71 31.85
C THR A 88 -2.26 7.68 31.36
N PHE A 89 -2.94 7.28 30.29
CA PHE A 89 -3.95 8.11 29.63
C PHE A 89 -5.27 7.36 29.53
N LEU A 90 -6.34 7.99 29.99
CA LEU A 90 -7.67 7.41 29.82
C LEU A 90 -8.55 8.35 29.01
N ARG A 91 -8.90 7.92 27.80
CA ARG A 91 -9.84 8.68 26.98
C ARG A 91 -11.25 8.34 27.39
N ILE A 92 -12.05 9.39 27.52
CA ILE A 92 -13.48 9.25 27.75
C ILE A 92 -14.17 10.00 26.63
N GLY A 93 -15.07 9.30 25.95
CA GLY A 93 -15.83 9.89 24.85
C GLY A 93 -17.31 9.62 24.92
N THR A 94 -18.04 10.18 23.97
CA THR A 94 -19.44 9.85 23.77
C THR A 94 -19.49 9.41 22.32
N THR A 95 -20.26 8.38 22.02
CA THR A 95 -20.09 7.73 20.73
C THR A 95 -21.41 7.25 20.12
N GLY A 96 -21.38 7.01 18.81
CA GLY A 96 -22.48 6.37 18.11
C GLY A 96 -22.16 4.92 17.77
N ALA A 97 -22.99 4.02 18.27
CA ALA A 97 -22.82 2.59 18.03
C ALA A 97 -23.27 2.17 16.62
N ILE A 98 -22.70 1.09 16.11
CA ILE A 98 -23.05 0.57 14.80
C ILE A 98 -23.61 -0.86 14.84
N GLN A 99 -23.74 -1.41 16.06
CA GLN A 99 -24.34 -2.71 16.25
C GLN A 99 -25.76 -2.56 16.77
N PRO A 100 -26.72 -3.29 16.16
CA PRO A 100 -28.11 -3.10 16.53
C PRO A 100 -28.38 -3.45 18.00
N HIS A 101 -27.58 -4.37 18.56
CA HIS A 101 -27.78 -4.82 19.93
C HIS A 101 -27.16 -3.88 20.99
N ILE A 102 -26.39 -2.90 20.55
CA ILE A 102 -25.82 -1.91 21.46
C ILE A 102 -26.77 -0.73 21.61
N ASN A 103 -27.27 -0.54 22.82
CA ASN A 103 -28.30 0.46 23.10
C ASN A 103 -27.76 1.78 23.63
N VAL A 104 -28.49 2.86 23.35
CA VAL A 104 -28.22 4.18 23.94
C VAL A 104 -28.24 4.04 25.46
N GLY A 105 -27.22 4.58 26.11
CA GLY A 105 -27.04 4.40 27.56
C GLY A 105 -25.96 3.38 27.91
N ASP A 106 -25.67 2.48 26.96
CA ASP A 106 -24.63 1.47 27.16
C ASP A 106 -23.25 2.11 27.20
N VAL A 107 -22.30 1.39 27.78
CA VAL A 107 -20.93 1.87 27.90
C VAL A 107 -19.99 0.96 27.07
N LEU A 108 -19.07 1.56 26.32
CA LEU A 108 -18.16 0.80 25.48
C LEU A 108 -16.72 0.96 25.95
N VAL A 109 -16.05 -0.17 26.19
CA VAL A 109 -14.64 -0.18 26.52
C VAL A 109 -13.89 -0.74 25.31
N THR A 110 -12.89 -0.02 24.84
CA THR A 110 -12.19 -0.39 23.62
C THR A 110 -10.91 -1.16 23.89
N THR A 111 -10.86 -2.39 23.39
CA THR A 111 -9.67 -3.22 23.52
C THR A 111 -8.61 -2.82 22.47
N ALA A 112 -9.08 -2.46 21.28
CA ALA A 112 -8.21 -2.01 20.19
C ALA A 112 -9.05 -1.34 19.10
N SER A 113 -8.37 -0.59 18.22
CA SER A 113 -9.07 0.21 17.23
C SER A 113 -8.66 -0.09 15.79
N VAL A 114 -9.64 -0.06 14.89
CA VAL A 114 -9.37 -0.04 13.45
C VAL A 114 -8.76 1.33 13.15
N ARG A 115 -7.58 1.31 12.54
CA ARG A 115 -6.83 2.53 12.27
C ARG A 115 -7.27 3.19 10.96
N LEU A 116 -8.33 3.98 11.04
CA LEU A 116 -8.82 4.74 9.88
C LEU A 116 -8.35 6.20 9.99
N ASP A 117 -7.19 6.36 10.62
CA ASP A 117 -6.59 7.66 10.89
C ASP A 117 -5.25 7.76 10.16
N GLY A 118 -4.62 8.92 10.24
CA GLY A 118 -3.30 9.11 9.66
C GLY A 118 -2.20 9.21 10.71
N ALA A 119 -2.52 9.78 11.87
CA ALA A 119 -1.50 10.05 12.90
C ALA A 119 -0.86 8.80 13.50
N SER A 120 -1.62 7.71 13.61
CA SER A 120 -1.09 6.47 14.16
C SER A 120 0.13 6.01 13.38
N LEU A 121 0.08 6.22 12.06
CA LEU A 121 1.17 5.86 11.13
C LEU A 121 2.45 6.67 11.37
N HIS A 122 2.33 7.76 12.12
CA HIS A 122 3.47 8.60 12.46
C HIS A 122 4.22 8.03 13.66
N PHE A 123 3.64 6.99 14.27
CA PHE A 123 4.23 6.33 15.43
C PHE A 123 4.59 4.87 15.19
N ALA A 124 3.83 4.21 14.31
CA ALA A 124 4.03 2.79 14.02
C ALA A 124 3.39 2.44 12.67
N PRO A 125 4.01 1.51 11.91
CA PRO A 125 3.44 1.09 10.63
C PRO A 125 2.08 0.43 10.84
N MET A 126 1.28 0.33 9.78
CA MET A 126 -0.10 -0.15 9.90
C MET A 126 -0.23 -1.53 10.53
N GLU A 127 0.80 -2.37 10.37
CA GLU A 127 0.82 -3.73 10.92
C GLU A 127 0.70 -3.74 12.45
N PHE A 128 1.15 -2.66 13.09
CA PHE A 128 1.12 -2.54 14.54
C PHE A 128 -0.32 -2.35 15.05
N PRO A 129 -0.70 -3.07 16.13
CA PRO A 129 -2.07 -2.93 16.64
C PRO A 129 -2.29 -1.67 17.45
N ALA A 130 -3.40 -0.97 17.16
CA ALA A 130 -3.85 0.15 17.98
C ALA A 130 -4.54 -0.41 19.23
N VAL A 131 -3.73 -1.03 20.10
CA VAL A 131 -4.24 -1.80 21.22
C VAL A 131 -4.16 -1.03 22.54
N ALA A 132 -5.18 -1.19 23.36
CA ALA A 132 -5.21 -0.57 24.68
C ALA A 132 -4.33 -1.33 25.67
N ASP A 133 -3.80 -0.62 26.67
CA ASP A 133 -3.11 -1.24 27.79
C ASP A 133 -4.07 -2.12 28.59
N PHE A 134 -3.59 -3.29 28.99
CA PHE A 134 -4.39 -4.27 29.75
C PHE A 134 -4.87 -3.76 31.11
N ALA A 135 -3.97 -3.16 31.88
CA ALA A 135 -4.34 -2.62 33.19
C ALA A 135 -5.44 -1.55 33.05
N CYS A 136 -5.28 -0.65 32.08
CA CYS A 136 -6.29 0.38 31.81
C CYS A 136 -7.64 -0.22 31.42
N THR A 137 -7.62 -1.19 30.50
CA THR A 137 -8.85 -1.83 30.04
C THR A 137 -9.53 -2.55 31.22
N THR A 138 -8.73 -3.27 32.01
CA THR A 138 -9.21 -3.93 33.23
C THR A 138 -9.89 -2.95 34.19
N ALA A 139 -9.22 -1.82 34.46
CA ALA A 139 -9.74 -0.80 35.37
C ALA A 139 -11.07 -0.23 34.89
N LEU A 140 -11.17 -0.02 33.57
CA LEU A 140 -12.40 0.47 32.96
C LEU A 140 -13.55 -0.53 33.05
N VAL A 141 -13.26 -1.80 32.74
CA VAL A 141 -14.26 -2.88 32.80
C VAL A 141 -14.78 -3.04 34.23
N GLU A 142 -13.84 -3.08 35.18
CA GLU A 142 -14.16 -3.20 36.61
C GLU A 142 -14.94 -2.02 37.13
N ALA A 143 -14.54 -0.80 36.75
CA ALA A 143 -15.22 0.43 37.16
C ALA A 143 -16.65 0.46 36.64
N ALA A 144 -16.84 -0.03 35.42
CA ALA A 144 -18.17 -0.13 34.81
C ALA A 144 -19.10 -1.01 35.65
N LYS A 145 -18.54 -2.09 36.20
CA LYS A 145 -19.28 -2.97 37.11
C LYS A 145 -19.60 -2.31 38.45
N SER A 146 -18.66 -1.50 38.95
CA SER A 146 -18.86 -0.75 40.20
C SER A 146 -19.97 0.28 40.06
N ILE A 147 -20.06 0.87 38.87
CA ILE A 147 -21.04 1.90 38.55
C ILE A 147 -22.40 1.29 38.20
N GLY A 148 -22.38 0.16 37.48
CA GLY A 148 -23.60 -0.59 37.16
C GLY A 148 -24.05 -0.59 35.70
N ALA A 149 -23.16 -0.18 34.80
CA ALA A 149 -23.49 0.03 33.39
C ALA A 149 -23.68 -1.25 32.59
N THR A 150 -24.47 -1.17 31.52
CA THR A 150 -24.48 -2.22 30.52
C THR A 150 -23.25 -1.96 29.64
N THR A 151 -22.32 -2.90 29.65
CA THR A 151 -20.99 -2.67 29.07
C THR A 151 -20.70 -3.64 27.94
N HIS A 152 -20.12 -3.10 26.86
CA HIS A 152 -19.60 -3.92 25.76
C HIS A 152 -18.12 -3.66 25.61
N VAL A 153 -17.38 -4.73 25.39
CA VAL A 153 -15.93 -4.68 25.31
C VAL A 153 -15.50 -5.24 23.96
N GLY A 154 -14.77 -4.44 23.20
CA GLY A 154 -14.33 -4.89 21.88
C GLY A 154 -13.71 -3.81 21.03
N VAL A 155 -13.90 -3.95 19.73
CA VAL A 155 -13.17 -3.17 18.73
C VAL A 155 -13.95 -1.93 18.30
N THR A 156 -13.22 -0.82 18.15
CA THR A 156 -13.77 0.46 17.73
C THR A 156 -13.10 0.87 16.42
N ALA A 157 -13.87 1.45 15.50
CA ALA A 157 -13.29 2.02 14.29
C ALA A 157 -12.99 3.49 14.53
N SER A 158 -11.73 3.85 14.41
CA SER A 158 -11.27 5.20 14.71
C SER A 158 -10.92 5.95 13.42
N SER A 159 -11.78 6.92 13.08
CA SER A 159 -11.75 7.60 11.78
C SER A 159 -11.23 9.05 11.85
N ASP A 160 -10.45 9.42 10.85
CA ASP A 160 -9.99 10.82 10.71
C ASP A 160 -11.09 11.78 10.27
N THR A 161 -12.25 11.25 9.90
CA THR A 161 -13.37 12.12 9.56
C THR A 161 -14.64 11.71 10.30
N PHE A 162 -15.51 12.68 10.50
CA PHE A 162 -16.81 12.44 11.06
C PHE A 162 -17.75 11.94 9.96
N TYR A 163 -17.52 12.37 8.72
CA TYR A 163 -18.48 12.14 7.65
C TYR A 163 -18.15 10.94 6.74
N PRO A 164 -17.27 11.10 5.72
CA PRO A 164 -17.14 9.99 4.77
C PRO A 164 -16.47 8.74 5.38
N GLY A 165 -15.56 8.94 6.33
CA GLY A 165 -14.88 7.84 7.00
C GLY A 165 -15.78 7.02 7.91
N GLN A 166 -16.92 7.60 8.29
CA GLN A 166 -17.95 6.90 9.04
C GLN A 166 -19.13 6.60 8.12
N GLU A 167 -18.84 6.58 6.83
CA GLU A 167 -19.82 6.38 5.74
C GLU A 167 -21.13 7.15 5.93
N ARG A 168 -21.02 8.45 6.19
CA ARG A 168 -22.17 9.34 6.17
C ARG A 168 -22.36 9.93 4.77
N TYR A 169 -23.59 9.87 4.27
CA TYR A 169 -23.94 10.37 2.94
C TYR A 169 -24.70 11.69 3.02
N ASP A 170 -25.19 12.02 4.22
CA ASP A 170 -25.94 13.25 4.47
C ASP A 170 -25.01 14.48 4.51
N THR A 171 -24.33 14.71 3.39
CA THR A 171 -23.26 15.70 3.32
C THR A 171 -23.42 16.62 2.12
N TYR A 172 -22.60 17.66 2.07
CA TYR A 172 -22.56 18.58 0.94
C TYR A 172 -22.43 17.87 -0.42
N SER A 173 -21.48 16.95 -0.52
CA SER A 173 -21.24 16.22 -1.78
C SER A 173 -22.13 15.01 -1.95
N GLY A 174 -22.56 14.42 -0.83
CA GLY A 174 -23.37 13.21 -0.83
C GLY A 174 -22.65 12.00 -1.40
N ARG A 175 -21.32 12.09 -1.50
CA ARG A 175 -20.52 10.98 -2.01
C ARG A 175 -19.51 10.51 -0.97
N VAL A 176 -19.17 9.24 -1.07
CA VAL A 176 -18.17 8.64 -0.19
C VAL A 176 -17.14 7.97 -1.10
N VAL A 177 -15.87 8.31 -0.90
CA VAL A 177 -14.76 7.76 -1.68
C VAL A 177 -14.78 6.23 -1.64
N ARG A 178 -14.26 5.61 -2.70
CA ARG A 178 -14.31 4.15 -2.88
C ARG A 178 -13.92 3.35 -1.63
N ARG A 179 -12.82 3.74 -0.98
CA ARG A 179 -12.31 3.09 0.22
C ARG A 179 -13.38 2.90 1.31
N PHE A 180 -14.27 3.88 1.44
CA PHE A 180 -15.26 3.85 2.50
C PHE A 180 -16.68 3.47 2.06
N LYS A 181 -16.88 3.34 0.75
CA LYS A 181 -18.14 2.82 0.22
C LYS A 181 -18.35 1.41 0.73
N GLY A 182 -19.51 1.19 1.36
CA GLY A 182 -19.84 -0.11 1.96
C GLY A 182 -19.02 -0.50 3.17
N SER A 183 -18.25 0.45 3.71
CA SER A 183 -17.34 0.15 4.83
C SER A 183 -18.06 -0.09 6.15
N MET A 184 -19.12 0.68 6.43
CA MET A 184 -19.85 0.50 7.68
C MET A 184 -20.40 -0.92 7.83
N GLU A 185 -20.98 -1.46 6.74
CA GLU A 185 -21.47 -2.84 6.74
C GLU A 185 -20.36 -3.85 7.01
N GLU A 186 -19.19 -3.61 6.41
CA GLU A 186 -18.02 -4.47 6.64
C GLU A 186 -17.60 -4.46 8.11
N TRP A 187 -17.44 -3.28 8.70
CA TRP A 187 -17.09 -3.17 10.13
C TRP A 187 -18.13 -3.83 11.04
N GLN A 188 -19.41 -3.63 10.71
CA GLN A 188 -20.51 -4.28 11.43
C GLN A 188 -20.35 -5.79 11.42
N ALA A 189 -20.13 -6.36 10.24
CA ALA A 189 -19.93 -7.80 10.06
C ALA A 189 -18.70 -8.31 10.82
N MET A 190 -17.69 -7.46 10.95
CA MET A 190 -16.49 -7.81 11.71
C MET A 190 -16.62 -7.56 13.22
N GLY A 191 -17.83 -7.21 13.67
CA GLY A 191 -18.08 -7.02 15.09
C GLY A 191 -17.59 -5.71 15.70
N VAL A 192 -17.19 -4.76 14.86
CA VAL A 192 -16.81 -3.42 15.34
C VAL A 192 -18.02 -2.76 16.01
N MET A 193 -17.81 -2.23 17.21
CA MET A 193 -18.89 -1.70 18.05
C MET A 193 -19.37 -0.31 17.65
N ASN A 194 -18.42 0.55 17.26
CA ASN A 194 -18.69 1.97 17.12
C ASN A 194 -17.63 2.71 16.32
N TYR A 195 -17.94 3.96 15.99
CA TYR A 195 -16.98 4.90 15.42
C TYR A 195 -16.65 5.98 16.42
N GLU A 196 -15.40 6.39 16.45
CA GLU A 196 -15.01 7.67 17.04
C GLU A 196 -13.77 8.16 16.29
N MET A 197 -13.06 9.13 16.84
CA MET A 197 -12.07 9.83 16.02
C MET A 197 -10.69 10.05 16.63
N GLU A 198 -10.42 9.48 17.80
CA GLU A 198 -9.15 9.75 18.49
C GLU A 198 -8.36 8.51 18.92
N SER A 199 -9.04 7.40 19.13
CA SER A 199 -8.41 6.23 19.76
C SER A 199 -7.31 5.55 18.95
N ALA A 200 -7.45 5.47 17.63
CA ALA A 200 -6.39 4.86 16.81
C ALA A 200 -5.06 5.56 17.10
N THR A 201 -5.08 6.89 17.10
CA THR A 201 -3.89 7.66 17.37
C THR A 201 -3.43 7.47 18.81
N LEU A 202 -4.34 7.71 19.76
CA LEU A 202 -4.01 7.55 21.18
C LEU A 202 -3.42 6.17 21.47
N LEU A 203 -4.13 5.12 21.09
CA LEU A 203 -3.72 3.76 21.45
C LEU A 203 -2.40 3.35 20.82
N THR A 204 -2.24 3.65 19.53
CA THR A 204 -1.00 3.34 18.81
C THR A 204 0.20 4.10 19.41
N MET A 205 0.06 5.41 19.58
CA MET A 205 1.17 6.23 20.07
C MET A 205 1.59 5.88 21.50
N CYS A 206 0.65 5.41 22.31
CA CYS A 206 0.98 4.98 23.66
C CYS A 206 1.58 3.56 23.67
N ALA A 207 0.94 2.63 22.99
CA ALA A 207 1.42 1.23 22.95
C ALA A 207 2.83 1.10 22.34
N SER A 208 3.18 2.01 21.44
CA SER A 208 4.49 1.97 20.78
C SER A 208 5.56 2.84 21.46
N GLN A 209 5.23 3.43 22.61
CA GLN A 209 6.13 4.35 23.30
C GLN A 209 6.20 4.17 24.82
N GLY A 210 5.76 3.01 25.29
CA GLY A 210 5.83 2.67 26.71
C GLY A 210 4.88 3.44 27.61
N LEU A 211 3.79 3.91 27.03
CA LEU A 211 2.73 4.60 27.77
C LEU A 211 1.48 3.74 27.85
N ARG A 212 0.75 3.88 28.95
CA ARG A 212 -0.50 3.11 29.13
C ARG A 212 -1.69 3.95 28.68
N ALA A 213 -2.58 3.34 27.91
CA ALA A 213 -3.79 4.03 27.48
C ALA A 213 -5.02 3.12 27.48
N GLY A 214 -6.15 3.68 27.89
CA GLY A 214 -7.43 2.98 27.83
C GLY A 214 -8.47 3.88 27.21
N MET A 215 -9.57 3.28 26.76
CA MET A 215 -10.67 4.09 26.28
C MET A 215 -12.03 3.56 26.67
N VAL A 216 -12.85 4.47 27.19
CA VAL A 216 -14.25 4.22 27.51
C VAL A 216 -15.12 5.30 26.85
N ALA A 217 -16.34 4.94 26.47
CA ALA A 217 -17.27 5.89 25.85
C ALA A 217 -18.71 5.53 26.17
N GLY A 218 -19.56 6.54 26.25
CA GLY A 218 -21.00 6.33 26.45
C GLY A 218 -21.72 6.38 25.12
N VAL A 219 -22.67 5.47 24.93
CA VAL A 219 -23.44 5.41 23.67
C VAL A 219 -24.65 6.34 23.74
N ILE A 220 -24.59 7.39 22.92
CA ILE A 220 -25.63 8.42 22.93
C ILE A 220 -26.54 8.35 21.70
N VAL A 221 -26.06 7.66 20.66
CA VAL A 221 -26.83 7.43 19.43
C VAL A 221 -26.49 6.06 18.82
N ASN A 222 -27.42 5.51 18.03
CA ASN A 222 -27.18 4.28 17.29
C ASN A 222 -27.47 4.48 15.80
N ARG A 223 -26.44 4.27 14.97
CA ARG A 223 -26.57 4.45 13.52
C ARG A 223 -27.61 3.53 12.86
N THR A 224 -27.93 2.41 13.51
CA THR A 224 -28.86 1.42 12.94
C THR A 224 -30.31 1.68 13.33
N GLN A 225 -30.52 2.51 14.34
CA GLN A 225 -31.85 2.78 14.89
C GLN A 225 -32.47 4.07 14.32
N GLN A 226 -33.80 4.11 14.27
CA GLN A 226 -34.54 5.24 13.69
C GLN A 226 -34.64 6.45 14.62
N GLU A 227 -34.85 6.19 15.91
CA GLU A 227 -35.06 7.23 16.91
C GLU A 227 -33.75 7.77 17.48
N ILE A 228 -33.64 9.09 17.54
CA ILE A 228 -32.42 9.75 18.03
C ILE A 228 -32.65 10.42 19.40
N GLU A 232 -32.45 8.38 26.46
CA GLU A 232 -32.88 9.23 27.56
C GLU A 232 -32.31 10.63 27.35
N THR A 233 -31.56 11.12 28.35
CA THR A 233 -30.74 12.30 28.19
C THR A 233 -29.35 11.81 27.76
N MET A 234 -28.78 12.48 26.76
CA MET A 234 -27.41 12.19 26.32
C MET A 234 -26.39 12.62 27.38
N LYS A 235 -26.81 13.54 28.25
CA LYS A 235 -26.01 13.96 29.40
C LYS A 235 -26.03 12.92 30.51
N GLN A 236 -27.08 12.11 30.54
CA GLN A 236 -27.19 11.02 31.49
C GLN A 236 -26.22 9.88 31.13
N THR A 237 -26.07 9.63 29.83
CA THR A 237 -25.13 8.63 29.33
C THR A 237 -23.69 9.15 29.43
N GLU A 238 -23.52 10.44 29.15
CA GLU A 238 -22.26 11.17 29.39
C GLU A 238 -21.76 10.95 30.82
N SER A 239 -22.64 11.22 31.79
CA SER A 239 -22.30 11.19 33.21
C SER A 239 -21.95 9.79 33.68
N HIS A 240 -22.58 8.80 33.06
CA HIS A 240 -22.32 7.39 33.34
C HIS A 240 -20.88 7.04 32.95
N ALA A 241 -20.52 7.34 31.71
CA ALA A 241 -19.17 7.10 31.19
C ALA A 241 -18.11 7.89 31.95
N VAL A 242 -18.43 9.15 32.27
CA VAL A 242 -17.53 10.03 33.03
C VAL A 242 -17.27 9.47 34.44
N LYS A 243 -18.32 9.01 35.11
CA LYS A 243 -18.16 8.37 36.42
C LYS A 243 -17.26 7.14 36.35
N ILE A 244 -17.41 6.36 35.27
CA ILE A 244 -16.60 5.16 35.04
C ILE A 244 -15.11 5.46 34.82
N VAL A 245 -14.80 6.47 34.01
CA VAL A 245 -13.39 6.81 33.73
C VAL A 245 -12.69 7.30 35.00
N VAL A 246 -13.43 8.04 35.83
CA VAL A 246 -12.90 8.52 37.11
C VAL A 246 -12.66 7.35 38.08
N GLU A 247 -13.64 6.47 38.18
CA GLU A 247 -13.53 5.28 39.04
C GLU A 247 -12.40 4.36 38.58
N ALA A 248 -12.25 4.22 37.26
CA ALA A 248 -11.15 3.44 36.68
C ALA A 248 -9.80 4.04 37.03
N ALA A 249 -9.70 5.36 36.92
CA ALA A 249 -8.47 6.07 37.26
C ALA A 249 -7.99 5.77 38.67
N ARG A 250 -8.94 5.61 39.60
CA ARG A 250 -8.64 5.27 40.99
C ARG A 250 -7.78 4.02 41.14
N ARG A 251 -7.99 3.05 40.25
CA ARG A 251 -7.33 1.75 40.32
C ARG A 251 -5.97 1.74 39.62
N LEU A 252 -5.62 2.84 38.97
CA LEU A 252 -4.41 2.92 38.16
C LEU A 252 -3.39 3.88 38.74
N LEU A 253 -3.66 4.38 39.95
CA LEU A 253 -2.83 5.43 40.56
C LEU A 253 -1.62 4.89 41.30
N SER B 4 27.30 13.80 -28.72
CA SER B 4 26.08 14.23 -27.96
C SER B 4 26.36 14.28 -26.46
N ASP B 5 25.78 15.28 -25.80
CA ASP B 5 25.95 15.48 -24.35
C ASP B 5 25.07 14.56 -23.50
N VAL B 6 24.06 13.95 -24.14
CA VAL B 6 23.06 13.15 -23.44
C VAL B 6 22.80 11.86 -24.23
N PHE B 7 22.34 10.82 -23.54
CA PHE B 7 22.24 9.50 -24.14
C PHE B 7 21.16 9.32 -25.23
N HIS B 8 20.03 10.02 -25.10
CA HIS B 8 18.89 9.77 -26.01
C HIS B 8 18.60 10.88 -27.01
N LEU B 9 18.74 12.14 -26.59
CA LEU B 9 18.25 13.27 -27.40
C LEU B 9 19.13 13.63 -28.60
N GLY B 10 20.41 13.24 -28.54
CA GLY B 10 21.37 13.57 -29.59
C GLY B 10 21.68 15.04 -29.68
N LEU B 11 21.72 15.70 -28.53
CA LEU B 11 21.93 17.15 -28.45
C LEU B 11 23.13 17.52 -27.60
N THR B 12 23.74 18.67 -27.91
CA THR B 12 24.77 19.28 -27.08
C THR B 12 24.21 20.57 -26.53
N LYS B 13 24.80 21.09 -25.45
CA LYS B 13 24.38 22.37 -24.90
C LYS B 13 24.45 23.49 -25.94
N ASN B 14 25.37 23.37 -26.88
CA ASN B 14 25.53 24.34 -27.96
C ASN B 14 24.29 24.44 -28.84
N ASP B 15 23.64 23.30 -29.08
CA ASP B 15 22.41 23.24 -29.87
C ASP B 15 21.30 24.10 -29.29
N LEU B 16 21.33 24.29 -27.97
CA LEU B 16 20.31 25.05 -27.26
C LEU B 16 20.48 26.56 -27.41
N GLN B 17 21.72 26.99 -27.61
CA GLN B 17 22.03 28.42 -27.78
C GLN B 17 21.52 29.25 -26.60
N GLY B 18 21.66 28.70 -25.40
CA GLY B 18 21.28 29.39 -24.19
C GLY B 18 19.82 29.28 -23.80
N ALA B 19 19.05 28.51 -24.56
CA ALA B 19 17.65 28.27 -24.25
C ALA B 19 17.51 27.68 -22.84
N GLN B 20 16.53 28.18 -22.09
CA GLN B 20 16.24 27.66 -20.76
C GLN B 20 14.78 27.21 -20.65
N LEU B 21 14.03 27.38 -21.74
CA LEU B 21 12.63 26.96 -21.80
C LEU B 21 12.43 25.99 -22.96
N ALA B 22 11.70 24.91 -22.68
CA ALA B 22 11.33 23.93 -23.69
C ALA B 22 9.82 23.75 -23.73
N ILE B 23 9.28 23.75 -24.94
CA ILE B 23 7.90 23.35 -25.18
C ILE B 23 7.95 21.88 -25.56
N VAL B 24 7.18 21.06 -24.85
CA VAL B 24 7.30 19.60 -24.99
C VAL B 24 5.99 18.90 -25.40
N PRO B 25 5.74 18.78 -26.72
CA PRO B 25 4.58 18.00 -27.17
C PRO B 25 4.85 16.50 -27.06
N GLY B 26 3.80 15.69 -27.10
CA GLY B 26 3.98 14.25 -27.08
C GLY B 26 4.38 13.71 -28.44
N ASP B 27 3.71 14.21 -29.47
CA ASP B 27 3.88 13.74 -30.84
C ASP B 27 5.07 14.41 -31.53
N PRO B 28 6.05 13.61 -31.99
CA PRO B 28 7.20 14.08 -32.77
C PRO B 28 6.84 14.94 -33.99
N GLU B 29 5.72 14.63 -34.64
CA GLU B 29 5.30 15.35 -35.85
C GLU B 29 4.73 16.75 -35.56
N ARG B 30 4.46 17.05 -34.29
CA ARG B 30 3.92 18.34 -33.88
C ARG B 30 5.03 19.36 -33.61
N VAL B 31 6.26 18.85 -33.43
CA VAL B 31 7.40 19.69 -33.06
C VAL B 31 7.67 20.79 -34.08
N GLU B 32 7.78 20.40 -35.36
CA GLU B 32 8.03 21.35 -36.43
C GLU B 32 6.92 22.41 -36.51
N LYS B 33 5.68 21.98 -36.34
CA LYS B 33 4.51 22.88 -36.41
C LYS B 33 4.58 23.95 -35.32
N ILE B 34 4.95 23.55 -34.10
CA ILE B 34 5.09 24.49 -33.00
C ILE B 34 6.26 25.43 -33.27
N ALA B 35 7.38 24.87 -33.71
CA ALA B 35 8.58 25.66 -34.03
C ALA B 35 8.30 26.70 -35.11
N ALA B 36 7.47 26.33 -36.09
CA ALA B 36 7.12 27.19 -37.22
C ALA B 36 6.36 28.46 -36.85
N LEU B 37 5.78 28.49 -35.64
CA LEU B 37 5.10 29.68 -35.14
C LEU B 37 6.06 30.70 -34.52
N MET B 38 7.34 30.33 -34.46
CA MET B 38 8.34 31.21 -33.87
C MET B 38 9.40 31.60 -34.90
N ASP B 39 10.33 32.46 -34.50
CA ASP B 39 11.37 32.97 -35.39
C ASP B 39 12.54 31.99 -35.54
N LYS B 40 13.14 32.01 -36.73
CA LYS B 40 14.31 31.18 -37.08
C LYS B 40 14.21 29.72 -36.60
N PRO B 41 13.15 29.00 -37.00
CA PRO B 41 13.05 27.59 -36.61
C PRO B 41 14.12 26.73 -37.29
N VAL B 42 14.83 25.93 -36.49
CA VAL B 42 15.91 25.06 -36.96
C VAL B 42 15.75 23.67 -36.36
N LYS B 43 15.71 22.66 -37.22
CA LYS B 43 15.71 21.26 -36.78
C LYS B 43 17.04 20.94 -36.13
N LEU B 44 16.99 20.23 -35.01
CA LEU B 44 18.20 19.84 -34.30
C LEU B 44 18.49 18.36 -34.47
N ALA B 45 17.56 17.51 -34.04
CA ALA B 45 17.78 16.06 -34.05
C ALA B 45 16.47 15.30 -34.06
N SER B 46 16.56 14.03 -34.42
CA SER B 46 15.43 13.12 -34.36
C SER B 46 15.95 11.72 -34.04
N HIS B 47 15.75 11.30 -32.79
CA HIS B 47 16.15 9.97 -32.35
C HIS B 47 14.98 9.37 -31.58
N ARG B 48 14.64 8.12 -31.90
CA ARG B 48 13.47 7.47 -31.32
C ARG B 48 12.27 8.41 -31.40
N GLU B 49 11.53 8.55 -30.31
CA GLU B 49 10.36 9.44 -30.26
C GLU B 49 10.72 10.88 -29.92
N PHE B 50 12.02 11.18 -29.86
CA PHE B 50 12.51 12.50 -29.48
C PHE B 50 12.96 13.32 -30.68
N THR B 51 12.04 14.11 -31.20
CA THR B 51 12.34 15.06 -32.28
C THR B 51 12.47 16.43 -31.65
N SER B 52 13.57 17.13 -31.98
CA SER B 52 13.83 18.43 -31.38
C SER B 52 14.16 19.51 -32.41
N TRP B 53 13.63 20.71 -32.15
CA TRP B 53 13.87 21.89 -32.95
C TRP B 53 14.26 23.02 -32.03
N ARG B 54 14.99 23.98 -32.56
CA ARG B 54 15.24 25.24 -31.87
C ARG B 54 14.50 26.33 -32.64
N ALA B 55 14.02 27.32 -31.90
CA ALA B 55 13.43 28.51 -32.50
C ALA B 55 13.73 29.70 -31.59
N GLU B 56 13.25 30.87 -31.99
CA GLU B 56 13.53 32.08 -31.26
C GLU B 56 12.25 32.83 -30.98
N LEU B 57 12.13 33.31 -29.75
CA LEU B 57 10.94 34.01 -29.32
C LEU B 57 11.37 35.28 -28.61
N ASP B 58 10.98 36.42 -29.17
CA ASP B 58 11.41 37.74 -28.67
C ASP B 58 12.92 37.82 -28.48
N GLY B 59 13.68 37.27 -29.44
CA GLY B 59 15.14 37.31 -29.40
C GLY B 59 15.79 36.37 -28.40
N LYS B 60 15.02 35.41 -27.91
CA LYS B 60 15.53 34.39 -26.99
CA LYS B 60 15.52 34.39 -26.99
C LYS B 60 15.31 32.99 -27.57
N ALA B 61 16.33 32.15 -27.47
CA ALA B 61 16.26 30.78 -27.95
C ALA B 61 15.25 29.97 -27.14
N VAL B 62 14.46 29.16 -27.83
CA VAL B 62 13.48 28.26 -27.22
C VAL B 62 13.63 26.88 -27.87
N ILE B 63 13.50 25.83 -27.06
CA ILE B 63 13.55 24.46 -27.58
C ILE B 63 12.14 23.91 -27.71
N VAL B 64 11.87 23.19 -28.81
CA VAL B 64 10.69 22.35 -28.91
C VAL B 64 11.19 20.92 -29.03
N CYS B 65 10.70 20.04 -28.16
CA CYS B 65 11.17 18.65 -28.12
C CYS B 65 10.03 17.72 -27.75
N SER B 66 9.82 16.70 -28.58
CA SER B 66 8.77 15.72 -28.31
C SER B 66 9.16 14.78 -27.18
N THR B 67 8.17 14.27 -26.47
CA THR B 67 8.39 13.41 -25.32
C THR B 67 8.08 11.97 -25.65
N GLY B 68 7.30 11.76 -26.71
CA GLY B 68 6.65 10.48 -26.95
C GLY B 68 5.46 10.34 -26.02
N ILE B 69 4.73 9.24 -26.14
CA ILE B 69 3.62 8.95 -25.23
C ILE B 69 4.12 8.36 -23.92
N GLY B 70 3.69 8.93 -22.80
CA GLY B 70 3.88 8.30 -21.51
C GLY B 70 4.98 8.87 -20.65
N GLY B 71 4.84 8.65 -19.34
CA GLY B 71 5.81 9.07 -18.36
C GLY B 71 7.26 8.65 -18.58
N PRO B 72 7.49 7.37 -18.91
CA PRO B 72 8.87 6.89 -19.09
C PRO B 72 9.68 7.68 -20.12
N SER B 73 9.16 7.80 -21.35
CA SER B 73 9.88 8.57 -22.35
C SER B 73 9.87 10.06 -22.04
N THR B 74 8.78 10.55 -21.43
CA THR B 74 8.75 11.94 -20.95
C THR B 74 9.88 12.20 -19.96
N SER B 75 10.11 11.26 -19.03
CA SER B 75 11.11 11.43 -17.97
C SER B 75 12.53 11.48 -18.54
N ILE B 76 12.74 10.77 -19.65
CA ILE B 76 14.02 10.82 -20.34
C ILE B 76 14.22 12.20 -20.99
N ALA B 77 13.22 12.66 -21.75
CA ALA B 77 13.30 13.95 -22.43
C ALA B 77 13.52 15.10 -21.45
N VAL B 78 12.72 15.16 -20.39
CA VAL B 78 12.82 16.23 -19.40
C VAL B 78 14.19 16.21 -18.70
N GLU B 79 14.64 15.03 -18.30
CA GLU B 79 15.92 14.89 -17.60
C GLU B 79 17.08 15.38 -18.45
N GLU B 80 17.13 14.93 -19.70
CA GLU B 80 18.23 15.26 -20.60
C GLU B 80 18.20 16.72 -21.04
N LEU B 81 16.99 17.25 -21.24
CA LEU B 81 16.83 18.69 -21.46
C LEU B 81 17.30 19.49 -20.25
N ALA B 82 16.97 19.03 -19.05
CA ALA B 82 17.45 19.64 -17.81
C ALA B 82 18.98 19.64 -17.75
N GLN B 83 19.59 18.51 -18.10
CA GLN B 83 21.05 18.40 -18.15
C GLN B 83 21.65 19.41 -19.13
N LEU B 84 20.94 19.66 -20.24
CA LEU B 84 21.38 20.58 -21.26
C LEU B 84 21.15 22.06 -20.89
N GLY B 85 20.39 22.29 -19.83
CA GLY B 85 20.18 23.64 -19.31
C GLY B 85 18.74 24.13 -19.27
N ILE B 86 17.79 23.30 -19.68
CA ILE B 86 16.38 23.73 -19.64
C ILE B 86 15.89 23.73 -18.19
N ARG B 87 15.20 24.80 -17.81
CA ARG B 87 14.71 24.97 -16.44
C ARG B 87 13.20 25.14 -16.37
N THR B 88 12.58 25.41 -17.52
CA THR B 88 11.13 25.57 -17.62
C THR B 88 10.58 24.71 -18.76
N PHE B 89 9.57 23.90 -18.44
CA PHE B 89 8.96 22.99 -19.42
C PHE B 89 7.48 23.27 -19.57
N LEU B 90 7.03 23.45 -20.81
CA LEU B 90 5.61 23.61 -21.07
C LEU B 90 5.11 22.47 -21.94
N ARG B 91 4.36 21.55 -21.34
CA ARG B 91 3.76 20.47 -22.10
C ARG B 91 2.53 20.98 -22.84
N ILE B 92 2.47 20.66 -24.13
CA ILE B 92 1.32 20.93 -24.97
C ILE B 92 0.83 19.57 -25.50
N GLY B 93 -0.36 19.17 -25.06
CA GLY B 93 -0.86 17.84 -25.38
C GLY B 93 -2.23 17.82 -26.02
N THR B 94 -2.72 16.61 -26.24
CA THR B 94 -4.11 16.35 -26.61
C THR B 94 -4.75 15.58 -25.45
N THR B 95 -6.07 15.62 -25.36
CA THR B 95 -6.73 15.13 -24.17
C THR B 95 -8.18 14.70 -24.39
N GLY B 96 -8.61 13.72 -23.59
CA GLY B 96 -10.00 13.33 -23.52
C GLY B 96 -10.69 13.99 -22.33
N ALA B 97 -11.71 14.80 -22.60
CA ALA B 97 -12.50 15.43 -21.54
C ALA B 97 -13.41 14.40 -20.88
N ILE B 98 -13.61 14.53 -19.57
CA ILE B 98 -14.52 13.62 -18.85
C ILE B 98 -15.73 14.34 -18.24
N GLN B 99 -15.78 15.65 -18.47
CA GLN B 99 -16.91 16.48 -18.04
C GLN B 99 -17.79 16.79 -19.25
N PRO B 100 -19.13 16.65 -19.10
CA PRO B 100 -20.08 16.70 -20.22
C PRO B 100 -20.10 18.00 -21.02
N HIS B 101 -19.79 19.12 -20.38
CA HIS B 101 -19.90 20.43 -21.02
C HIS B 101 -18.57 21.00 -21.53
N ILE B 102 -17.54 20.16 -21.56
CA ILE B 102 -16.28 20.50 -22.22
C ILE B 102 -16.35 20.07 -23.68
N ASN B 103 -16.09 21.02 -24.58
CA ASN B 103 -16.19 20.83 -26.02
C ASN B 103 -14.84 20.41 -26.60
N VAL B 104 -14.88 19.56 -27.61
CA VAL B 104 -13.70 19.28 -28.45
C VAL B 104 -13.12 20.63 -28.91
N GLY B 105 -11.80 20.79 -28.80
CA GLY B 105 -11.17 22.05 -29.17
C GLY B 105 -10.94 22.99 -27.99
N ASP B 106 -11.64 22.75 -26.89
CA ASP B 106 -11.42 23.55 -25.66
C ASP B 106 -9.99 23.40 -25.18
N VAL B 107 -9.51 24.42 -24.50
CA VAL B 107 -8.16 24.40 -23.96
C VAL B 107 -8.21 24.12 -22.46
N LEU B 108 -7.51 23.09 -22.02
CA LEU B 108 -7.47 22.73 -20.59
C LEU B 108 -6.09 22.98 -20.01
N VAL B 109 -6.04 23.84 -19.00
CA VAL B 109 -4.81 24.11 -18.24
C VAL B 109 -4.86 23.33 -16.92
N THR B 110 -3.84 22.50 -16.71
CA THR B 110 -3.77 21.61 -15.55
C THR B 110 -3.06 22.28 -14.38
N THR B 111 -3.74 22.38 -13.25
CA THR B 111 -3.12 22.88 -12.01
C THR B 111 -2.29 21.80 -11.34
N ALA B 112 -2.79 20.57 -11.40
CA ALA B 112 -2.17 19.41 -10.78
C ALA B 112 -2.82 18.14 -11.31
N SER B 113 -2.11 17.02 -11.19
CA SER B 113 -2.56 15.78 -11.80
C SER B 113 -2.81 14.65 -10.80
N VAL B 114 -3.83 13.86 -11.08
CA VAL B 114 -4.01 12.57 -10.44
C VAL B 114 -2.93 11.63 -10.98
N ARG B 115 -2.11 11.10 -10.09
CA ARG B 115 -0.95 10.30 -10.46
C ARG B 115 -1.35 8.84 -10.68
N LEU B 116 -1.85 8.54 -11.88
CA LEU B 116 -2.21 7.17 -12.27
C LEU B 116 -1.09 6.58 -13.12
N ASP B 117 0.13 7.03 -12.82
CA ASP B 117 1.33 6.65 -13.54
C ASP B 117 2.30 5.95 -12.59
N GLY B 118 3.42 5.50 -13.14
CA GLY B 118 4.45 4.83 -12.34
C GLY B 118 5.71 5.65 -12.21
N ALA B 119 6.03 6.43 -13.26
CA ALA B 119 7.28 7.19 -13.29
C ALA B 119 7.35 8.29 -12.23
N SER B 120 6.22 8.94 -11.92
CA SER B 120 6.22 9.98 -10.88
C SER B 120 6.80 9.46 -9.56
N LEU B 121 6.52 8.20 -9.25
CA LEU B 121 6.99 7.56 -8.01
C LEU B 121 8.51 7.34 -7.99
N HIS B 122 9.14 7.45 -9.16
CA HIS B 122 10.60 7.35 -9.23
C HIS B 122 11.28 8.68 -8.84
N PHE B 123 10.46 9.71 -8.61
CA PHE B 123 10.97 11.03 -8.22
C PHE B 123 10.46 11.48 -6.84
N ALA B 124 9.23 11.10 -6.50
CA ALA B 124 8.62 11.47 -5.23
C ALA B 124 7.57 10.44 -4.84
N PRO B 125 7.44 10.17 -3.51
CA PRO B 125 6.42 9.21 -3.07
C PRO B 125 5.03 9.76 -3.40
N MET B 126 4.01 8.90 -3.34
CA MET B 126 2.66 9.25 -3.83
C MET B 126 2.03 10.46 -3.15
N GLU B 127 2.36 10.69 -1.88
CA GLU B 127 1.80 11.84 -1.16
C GLU B 127 2.22 13.21 -1.69
N PHE B 128 3.33 13.25 -2.43
CA PHE B 128 3.81 14.48 -3.08
C PHE B 128 2.86 14.88 -4.23
N PRO B 129 2.44 16.16 -4.26
CA PRO B 129 1.50 16.59 -5.30
C PRO B 129 2.12 16.74 -6.69
N ALA B 130 1.48 16.19 -7.72
CA ALA B 130 1.89 16.41 -9.10
C ALA B 130 1.37 17.79 -9.54
N VAL B 131 1.94 18.84 -8.95
CA VAL B 131 1.44 20.19 -9.12
C VAL B 131 2.26 20.98 -10.13
N ALA B 132 1.58 21.77 -10.96
CA ALA B 132 2.26 22.67 -11.89
C ALA B 132 2.89 23.86 -11.17
N ASP B 133 3.90 24.45 -11.80
CA ASP B 133 4.51 25.68 -11.33
C ASP B 133 3.52 26.83 -11.46
N PHE B 134 3.46 27.70 -10.44
CA PHE B 134 2.50 28.80 -10.43
C PHE B 134 2.70 29.79 -11.59
N ALA B 135 3.96 30.18 -11.83
CA ALA B 135 4.27 31.12 -12.90
C ALA B 135 3.89 30.54 -14.28
N CYS B 136 4.16 29.26 -14.49
CA CYS B 136 3.84 28.60 -15.76
C CYS B 136 2.33 28.52 -15.96
N THR B 137 1.61 28.11 -14.91
CA THR B 137 0.16 28.00 -14.95
C THR B 137 -0.47 29.36 -15.24
N THR B 138 -0.01 30.38 -14.52
CA THR B 138 -0.44 31.76 -14.72
C THR B 138 -0.23 32.22 -16.16
N ALA B 139 0.98 32.02 -16.69
CA ALA B 139 1.31 32.36 -18.07
C ALA B 139 0.37 31.70 -19.07
N LEU B 140 0.07 30.41 -18.85
CA LEU B 140 -0.86 29.66 -19.70
C LEU B 140 -2.29 30.21 -19.67
N VAL B 141 -2.78 30.50 -18.46
CA VAL B 141 -4.13 31.03 -18.27
C VAL B 141 -4.26 32.41 -18.90
N GLU B 142 -3.26 33.24 -18.65
CA GLU B 142 -3.23 34.60 -19.18
C GLU B 142 -3.02 34.67 -20.69
N ALA B 143 -2.28 33.71 -21.24
CA ALA B 143 -2.15 33.60 -22.69
C ALA B 143 -3.49 33.17 -23.31
N ALA B 144 -4.21 32.30 -22.60
CA ALA B 144 -5.49 31.80 -23.06
C ALA B 144 -6.55 32.89 -23.19
N LYS B 145 -6.58 33.80 -22.20
CA LYS B 145 -7.54 34.91 -22.21
C LYS B 145 -7.17 36.00 -23.21
N SER B 146 -5.88 36.11 -23.51
CA SER B 146 -5.38 37.06 -24.51
C SER B 146 -5.91 36.76 -25.91
N ILE B 147 -6.09 35.47 -26.21
CA ILE B 147 -6.63 35.08 -27.50
C ILE B 147 -8.09 34.64 -27.40
N GLY B 148 -8.63 34.71 -26.18
CA GLY B 148 -10.05 34.47 -25.92
C GLY B 148 -10.54 33.05 -26.17
N ALA B 149 -9.66 32.08 -26.01
CA ALA B 149 -10.03 30.67 -26.18
C ALA B 149 -10.89 30.20 -25.02
N THR B 150 -11.80 29.26 -25.31
CA THR B 150 -12.60 28.61 -24.25
C THR B 150 -11.65 27.72 -23.45
N THR B 151 -11.47 28.10 -22.19
CA THR B 151 -10.44 27.50 -21.34
C THR B 151 -11.00 27.00 -20.02
N HIS B 152 -10.54 25.83 -19.61
CA HIS B 152 -10.87 25.30 -18.29
C HIS B 152 -9.59 25.03 -17.52
N VAL B 153 -9.62 25.37 -16.24
CA VAL B 153 -8.45 25.26 -15.37
C VAL B 153 -8.78 24.32 -14.20
N GLY B 154 -7.91 23.34 -13.94
CA GLY B 154 -8.15 22.40 -12.87
C GLY B 154 -7.35 21.11 -12.93
N VAL B 155 -7.92 20.05 -12.36
CA VAL B 155 -7.19 18.79 -12.14
C VAL B 155 -7.33 17.85 -13.34
N THR B 156 -6.25 17.15 -13.64
CA THR B 156 -6.18 16.20 -14.75
C THR B 156 -5.78 14.82 -14.24
N ALA B 157 -6.49 13.78 -14.69
CA ALA B 157 -6.06 12.41 -14.43
C ALA B 157 -5.01 11.99 -15.47
N SER B 158 -3.83 11.61 -15.00
CA SER B 158 -2.70 11.27 -15.88
C SER B 158 -2.36 9.78 -15.77
N SER B 159 -2.68 9.03 -16.82
CA SER B 159 -2.68 7.57 -16.78
C SER B 159 -1.52 6.93 -17.54
N ASP B 160 -0.98 5.84 -16.99
CA ASP B 160 0.04 5.06 -17.69
C ASP B 160 -0.50 4.24 -18.87
N THR B 161 -1.82 4.20 -19.01
CA THR B 161 -2.40 3.55 -20.18
C THR B 161 -3.42 4.45 -20.87
N PHE B 162 -3.64 4.19 -22.16
CA PHE B 162 -4.69 4.83 -22.94
C PHE B 162 -6.02 4.11 -22.70
N TYR B 163 -5.94 2.81 -22.48
CA TYR B 163 -7.14 1.98 -22.42
C TYR B 163 -7.67 1.72 -21.00
N PRO B 164 -7.15 0.69 -20.28
CA PRO B 164 -7.86 0.35 -19.03
C PRO B 164 -7.79 1.45 -17.95
N GLY B 165 -6.64 2.13 -17.87
CA GLY B 165 -6.43 3.19 -16.89
C GLY B 165 -7.26 4.43 -17.14
N GLN B 166 -7.80 4.55 -18.35
CA GLN B 166 -8.75 5.62 -18.67
C GLN B 166 -10.16 5.04 -18.79
N GLU B 167 -10.32 3.83 -18.24
CA GLU B 167 -11.56 3.05 -18.28
C GLU B 167 -12.24 3.00 -19.64
N ARG B 168 -11.45 2.69 -20.67
CA ARG B 168 -11.99 2.36 -21.99
C ARG B 168 -12.26 0.86 -22.04
N TYR B 169 -13.46 0.50 -22.51
CA TYR B 169 -13.90 -0.89 -22.57
C TYR B 169 -13.89 -1.49 -23.97
N ASP B 170 -13.77 -0.64 -25.00
CA ASP B 170 -13.80 -1.12 -26.39
C ASP B 170 -12.44 -1.64 -26.78
N THR B 171 -12.09 -2.78 -26.20
CA THR B 171 -10.75 -3.31 -26.28
C THR B 171 -10.77 -4.79 -26.59
N TYR B 172 -9.59 -5.34 -26.83
CA TYR B 172 -9.43 -6.75 -27.09
C TYR B 172 -10.13 -7.61 -26.03
N SER B 173 -9.87 -7.30 -24.75
CA SER B 173 -10.43 -8.06 -23.64
C SER B 173 -11.78 -7.55 -23.18
N GLY B 174 -12.05 -6.27 -23.41
CA GLY B 174 -13.28 -5.62 -22.94
C GLY B 174 -13.39 -5.56 -21.43
N ARG B 175 -12.26 -5.78 -20.76
CA ARG B 175 -12.22 -5.81 -19.31
C ARG B 175 -11.36 -4.69 -18.75
N VAL B 176 -11.67 -4.27 -17.53
CA VAL B 176 -10.90 -3.26 -16.82
C VAL B 176 -10.60 -3.78 -15.41
N VAL B 177 -9.33 -3.77 -15.03
CA VAL B 177 -8.91 -4.29 -13.72
C VAL B 177 -9.67 -3.61 -12.58
N ARG B 178 -9.85 -4.31 -11.47
CA ARG B 178 -10.61 -3.80 -10.31
C ARG B 178 -10.33 -2.33 -9.96
N ARG B 179 -9.04 -2.00 -9.87
CA ARG B 179 -8.59 -0.64 -9.49
C ARG B 179 -9.25 0.47 -10.33
N PHE B 180 -9.47 0.19 -11.61
CA PHE B 180 -9.99 1.19 -12.52
C PHE B 180 -11.46 1.04 -12.91
N LYS B 181 -12.09 -0.06 -12.47
CA LYS B 181 -13.53 -0.22 -12.66
C LYS B 181 -14.25 0.87 -11.88
N GLY B 182 -15.05 1.67 -12.58
CA GLY B 182 -15.78 2.77 -11.94
C GLY B 182 -14.94 4.00 -11.64
N SER B 183 -13.68 4.00 -12.08
CA SER B 183 -12.76 5.12 -11.80
C SER B 183 -13.13 6.41 -12.51
N MET B 184 -13.57 6.34 -13.77
CA MET B 184 -13.92 7.55 -14.51
C MET B 184 -15.06 8.34 -13.84
N GLU B 185 -16.09 7.62 -13.39
CA GLU B 185 -17.20 8.24 -12.66
C GLU B 185 -16.69 8.91 -11.38
N GLU B 186 -15.75 8.25 -10.70
CA GLU B 186 -15.15 8.79 -9.49
C GLU B 186 -14.41 10.09 -9.76
N TRP B 187 -13.51 10.08 -10.75
CA TRP B 187 -12.77 11.31 -11.11
C TRP B 187 -13.72 12.42 -11.53
N GLN B 188 -14.76 12.05 -12.27
CA GLN B 188 -15.77 13.00 -12.74
C GLN B 188 -16.46 13.67 -11.57
N ALA B 189 -16.89 12.86 -10.59
CA ALA B 189 -17.53 13.36 -9.36
C ALA B 189 -16.58 14.27 -8.58
N MET B 190 -15.28 13.99 -8.69
CA MET B 190 -14.25 14.79 -8.03
C MET B 190 -13.86 16.05 -8.81
N GLY B 191 -14.52 16.32 -9.92
CA GLY B 191 -14.27 17.54 -10.70
C GLY B 191 -13.06 17.48 -11.62
N VAL B 192 -12.46 16.30 -11.76
CA VAL B 192 -11.33 16.14 -12.68
C VAL B 192 -11.81 16.44 -14.10
N MET B 193 -11.03 17.20 -14.86
CA MET B 193 -11.49 17.69 -16.16
C MET B 193 -11.33 16.69 -17.30
N ASN B 194 -10.24 15.92 -17.24
CA ASN B 194 -9.71 15.25 -18.40
C ASN B 194 -8.69 14.16 -18.11
N TYR B 195 -8.42 13.36 -19.14
CA TYR B 195 -7.39 12.34 -19.12
C TYR B 195 -6.30 12.71 -20.09
N GLU B 196 -5.05 12.50 -19.67
CA GLU B 196 -3.95 12.32 -20.61
C GLU B 196 -2.93 11.37 -19.98
N MET B 197 -1.68 11.36 -20.47
CA MET B 197 -0.77 10.31 -20.08
C MET B 197 0.63 10.74 -19.62
N GLU B 198 0.88 12.05 -19.57
CA GLU B 198 2.25 12.55 -19.36
C GLU B 198 2.43 13.51 -18.18
N SER B 199 1.38 14.22 -17.81
CA SER B 199 1.48 15.33 -16.86
C SER B 199 1.86 14.91 -15.43
N ALA B 200 1.39 13.76 -14.98
CA ALA B 200 1.74 13.30 -13.61
C ALA B 200 3.25 13.17 -13.49
N THR B 201 3.87 12.54 -14.49
CA THR B 201 5.32 12.37 -14.50
C THR B 201 6.03 13.72 -14.60
N LEU B 202 5.69 14.48 -15.63
CA LEU B 202 6.26 15.80 -15.88
C LEU B 202 6.16 16.69 -14.64
N LEU B 203 4.95 16.86 -14.12
CA LEU B 203 4.75 17.80 -13.03
C LEU B 203 5.46 17.36 -11.75
N THR B 204 5.38 16.07 -11.43
CA THR B 204 6.04 15.54 -10.24
C THR B 204 7.55 15.68 -10.34
N MET B 205 8.13 15.22 -11.46
CA MET B 205 9.58 15.25 -11.61
C MET B 205 10.13 16.67 -11.61
N CYS B 206 9.38 17.63 -12.12
CA CYS B 206 9.83 19.03 -12.13
C CYS B 206 9.68 19.71 -10.77
N ALA B 207 8.50 19.59 -10.16
CA ALA B 207 8.20 20.23 -8.88
C ALA B 207 9.08 19.73 -7.73
N SER B 208 9.59 18.51 -7.88
CA SER B 208 10.42 17.89 -6.85
C SER B 208 11.92 18.03 -7.15
N GLN B 209 12.26 18.77 -8.20
CA GLN B 209 13.65 18.94 -8.60
C GLN B 209 14.03 20.38 -8.97
N GLY B 210 13.21 21.33 -8.53
CA GLY B 210 13.47 22.75 -8.77
C GLY B 210 13.34 23.17 -10.22
N LEU B 211 12.55 22.44 -11.00
CA LEU B 211 12.27 22.80 -12.39
C LEU B 211 10.82 23.29 -12.50
N ARG B 212 10.60 24.29 -13.33
CA ARG B 212 9.25 24.83 -13.51
C ARG B 212 8.56 24.10 -14.66
N ALA B 213 7.31 23.71 -14.43
CA ALA B 213 6.51 23.06 -15.46
C ALA B 213 5.09 23.58 -15.53
N GLY B 214 4.60 23.72 -16.77
CA GLY B 214 3.21 24.00 -17.05
C GLY B 214 2.64 22.93 -17.98
N MET B 215 1.33 22.80 -17.97
CA MET B 215 0.63 21.75 -18.70
C MET B 215 -0.65 22.29 -19.33
N VAL B 216 -0.74 22.13 -20.64
CA VAL B 216 -1.92 22.59 -21.37
C VAL B 216 -2.23 21.57 -22.47
N ALA B 217 -3.51 21.35 -22.74
CA ALA B 217 -3.94 20.37 -23.74
C ALA B 217 -5.22 20.77 -24.45
N GLY B 218 -5.33 20.38 -25.71
CA GLY B 218 -6.54 20.57 -26.50
C GLY B 218 -7.38 19.31 -26.43
N VAL B 219 -8.68 19.50 -26.26
CA VAL B 219 -9.63 18.37 -26.16
C VAL B 219 -9.90 17.79 -27.55
N ILE B 220 -9.67 16.48 -27.70
CA ILE B 220 -9.90 15.78 -28.98
C ILE B 220 -11.05 14.77 -28.91
N VAL B 221 -11.53 14.50 -27.69
CA VAL B 221 -12.67 13.61 -27.48
C VAL B 221 -13.34 13.91 -26.14
N ASN B 222 -14.66 13.82 -26.09
CA ASN B 222 -15.40 13.91 -24.84
C ASN B 222 -15.86 12.51 -24.43
N ARG B 223 -15.29 12.02 -23.32
CA ARG B 223 -15.47 10.65 -22.86
C ARG B 223 -16.84 10.34 -22.27
N THR B 224 -17.63 11.38 -21.99
CA THR B 224 -19.02 11.16 -21.56
C THR B 224 -19.85 10.68 -22.75
N GLN B 225 -19.28 10.78 -23.94
CA GLN B 225 -19.99 10.47 -25.18
C GLN B 225 -19.39 9.28 -25.93
N GLN B 226 -18.07 9.22 -26.00
CA GLN B 226 -17.39 8.17 -26.74
C GLN B 226 -15.96 7.97 -26.26
N GLU B 227 -15.42 6.77 -26.48
CA GLU B 227 -14.07 6.44 -26.05
C GLU B 227 -13.00 7.00 -26.99
N ILE B 228 -13.30 7.02 -28.29
CA ILE B 228 -12.35 7.42 -29.32
C ILE B 228 -13.05 8.35 -30.32
N PRO B 229 -12.36 9.43 -30.75
CA PRO B 229 -12.98 10.35 -31.72
C PRO B 229 -13.29 9.63 -33.04
N ASN B 230 -14.25 10.18 -33.79
CA ASN B 230 -14.67 9.61 -35.07
C ASN B 230 -13.53 9.65 -36.08
N SER B 239 -4.88 26.29 -34.43
CA SER B 239 -4.34 25.43 -33.37
C SER B 239 -4.31 26.22 -32.05
N HIS B 240 -5.42 26.16 -31.32
CA HIS B 240 -5.65 27.05 -30.17
C HIS B 240 -4.71 26.82 -28.99
N ALA B 241 -4.62 25.58 -28.53
CA ALA B 241 -3.73 25.23 -27.42
C ALA B 241 -2.27 25.51 -27.78
N VAL B 242 -1.91 25.29 -29.06
CA VAL B 242 -0.56 25.51 -29.57
C VAL B 242 -0.18 27.00 -29.57
N LYS B 243 -1.12 27.86 -30.00
CA LYS B 243 -0.92 29.31 -29.93
C LYS B 243 -0.68 29.76 -28.48
N ILE B 244 -1.49 29.20 -27.57
CA ILE B 244 -1.44 29.55 -26.15
C ILE B 244 -0.11 29.17 -25.50
N VAL B 245 0.41 27.99 -25.81
CA VAL B 245 1.67 27.53 -25.22
C VAL B 245 2.86 28.40 -25.67
N VAL B 246 2.84 28.81 -26.93
CA VAL B 246 3.86 29.70 -27.48
C VAL B 246 3.77 31.08 -26.83
N GLU B 247 2.57 31.63 -26.76
CA GLU B 247 2.33 32.92 -26.13
C GLU B 247 2.68 32.88 -24.63
N ALA B 248 2.37 31.78 -23.95
CA ALA B 248 2.73 31.60 -22.54
C ALA B 248 4.25 31.54 -22.38
N ALA B 249 4.92 30.88 -23.33
CA ALA B 249 6.37 30.79 -23.33
C ALA B 249 7.04 32.16 -23.37
N ARG B 250 6.48 33.07 -24.17
CA ARG B 250 6.96 34.46 -24.26
C ARG B 250 7.04 35.12 -22.89
N ARG B 251 6.06 34.82 -22.04
CA ARG B 251 5.92 35.46 -20.73
C ARG B 251 6.86 34.87 -19.69
N LEU B 252 7.46 33.72 -20.02
CA LEU B 252 8.30 32.99 -19.07
C LEU B 252 9.78 33.03 -19.43
N LEU B 253 10.13 33.78 -20.47
CA LEU B 253 11.50 33.80 -20.98
C LEU B 253 12.48 34.61 -20.13
N LYS C 3 22.41 -33.38 17.56
CA LYS C 3 23.45 -33.56 16.50
C LYS C 3 23.08 -32.84 15.20
N SER C 4 21.82 -32.43 15.09
CA SER C 4 21.29 -31.74 13.91
C SER C 4 22.01 -30.43 13.60
N ASP C 5 22.17 -30.15 12.30
CA ASP C 5 22.77 -28.91 11.81
C ASP C 5 21.75 -27.77 11.66
N VAL C 6 20.47 -28.10 11.66
CA VAL C 6 19.39 -27.12 11.42
C VAL C 6 18.31 -27.18 12.49
N PHE C 7 17.62 -26.06 12.72
CA PHE C 7 16.73 -25.92 13.88
C PHE C 7 15.48 -26.81 13.86
N HIS C 8 14.90 -27.03 12.68
CA HIS C 8 13.61 -27.74 12.59
C HIS C 8 13.66 -29.14 11.98
N LEU C 9 14.47 -29.32 10.94
CA LEU C 9 14.43 -30.53 10.12
C LEU C 9 15.06 -31.76 10.76
N GLY C 10 15.95 -31.55 11.73
CA GLY C 10 16.64 -32.65 12.40
C GLY C 10 17.56 -33.38 11.44
N LEU C 11 18.30 -32.60 10.65
CA LEU C 11 19.19 -33.15 9.64
C LEU C 11 20.60 -32.57 9.73
N THR C 12 21.58 -33.36 9.30
CA THR C 12 22.95 -32.90 9.15
C THR C 12 23.30 -32.91 7.67
N LYS C 13 24.32 -32.15 7.29
CA LYS C 13 24.79 -32.14 5.91
C LYS C 13 25.17 -33.57 5.47
N ASN C 14 25.75 -34.33 6.40
CA ASN C 14 26.12 -35.71 6.15
C ASN C 14 24.94 -36.63 5.77
N ASP C 15 23.78 -36.41 6.40
CA ASP C 15 22.54 -37.14 6.10
C ASP C 15 22.14 -37.08 4.62
N LEU C 16 22.50 -35.97 3.97
CA LEU C 16 22.11 -35.73 2.58
C LEU C 16 22.97 -36.50 1.58
N GLN C 17 24.17 -36.88 2.01
CA GLN C 17 25.11 -37.65 1.19
C GLN C 17 25.37 -36.98 -0.16
N GLY C 18 25.60 -35.66 -0.12
CA GLY C 18 25.91 -34.89 -1.32
C GLY C 18 24.71 -34.48 -2.17
N ALA C 19 23.50 -34.76 -1.69
CA ALA C 19 22.28 -34.39 -2.40
C ALA C 19 22.19 -32.88 -2.62
N GLN C 20 21.76 -32.49 -3.82
CA GLN C 20 21.65 -31.09 -4.19
C GLN C 20 20.25 -30.75 -4.69
N LEU C 21 19.44 -31.78 -4.91
CA LEU C 21 18.06 -31.61 -5.33
C LEU C 21 17.11 -32.19 -4.27
N ALA C 22 16.00 -31.49 -4.03
CA ALA C 22 14.94 -32.00 -3.18
C ALA C 22 13.57 -31.95 -3.87
N ILE C 23 12.82 -33.04 -3.72
CA ILE C 23 11.40 -33.06 -4.06
C ILE C 23 10.64 -32.69 -2.79
N VAL C 24 9.77 -31.69 -2.88
CA VAL C 24 9.11 -31.15 -1.69
C VAL C 24 7.57 -31.21 -1.76
N PRO C 25 6.99 -32.39 -1.42
CA PRO C 25 5.54 -32.49 -1.31
C PRO C 25 5.05 -31.76 -0.06
N GLY C 26 3.75 -31.52 0.03
CA GLY C 26 3.19 -30.87 1.21
C GLY C 26 3.03 -31.83 2.37
N ASP C 27 2.54 -33.03 2.06
CA ASP C 27 2.14 -34.02 3.05
C ASP C 27 3.27 -35.01 3.39
N PRO C 28 3.64 -35.11 4.68
CA PRO C 28 4.63 -36.09 5.17
C PRO C 28 4.30 -37.53 4.76
N GLU C 29 3.01 -37.86 4.69
CA GLU C 29 2.55 -39.20 4.33
C GLU C 29 2.85 -39.56 2.89
N ARG C 30 3.10 -38.56 2.05
CA ARG C 30 3.42 -38.78 0.65
C ARG C 30 4.92 -38.93 0.39
N VAL C 31 5.74 -38.67 1.40
CA VAL C 31 7.19 -38.60 1.23
C VAL C 31 7.82 -39.95 0.86
N GLU C 32 7.47 -41.00 1.60
CA GLU C 32 7.98 -42.35 1.31
C GLU C 32 7.53 -42.84 -0.07
N LYS C 33 6.26 -42.61 -0.39
CA LYS C 33 5.67 -42.98 -1.68
C LYS C 33 6.48 -42.46 -2.87
N ILE C 34 6.97 -41.22 -2.74
CA ILE C 34 7.82 -40.60 -3.75
C ILE C 34 9.23 -41.21 -3.72
N ALA C 35 9.82 -41.27 -2.53
CA ALA C 35 11.17 -41.83 -2.37
C ALA C 35 11.23 -43.28 -2.85
N ALA C 36 10.11 -43.98 -2.76
CA ALA C 36 10.00 -45.40 -3.13
C ALA C 36 10.14 -45.64 -4.63
N LEU C 37 9.98 -44.58 -5.42
CA LEU C 37 10.14 -44.70 -6.87
C LEU C 37 11.61 -44.65 -7.28
N MET C 38 12.48 -44.33 -6.32
CA MET C 38 13.92 -44.21 -6.58
C MET C 38 14.75 -45.26 -5.84
N ASP C 39 16.03 -45.34 -6.17
CA ASP C 39 16.94 -46.33 -5.59
C ASP C 39 17.26 -46.04 -4.14
N LYS C 40 17.55 -47.10 -3.38
CA LYS C 40 18.00 -47.02 -1.99
C LYS C 40 17.25 -45.96 -1.15
N PRO C 41 15.92 -46.12 -0.99
CA PRO C 41 15.20 -45.13 -0.18
C PRO C 41 15.37 -45.39 1.32
N VAL C 42 15.80 -44.38 2.05
CA VAL C 42 15.99 -44.50 3.49
CA VAL C 42 16.04 -44.48 3.50
C VAL C 42 15.42 -43.28 4.22
N LYS C 43 14.71 -43.54 5.32
CA LYS C 43 14.15 -42.46 6.11
C LYS C 43 15.26 -41.72 6.84
N LEU C 44 15.22 -40.40 6.78
CA LEU C 44 16.19 -39.57 7.49
C LEU C 44 15.67 -39.08 8.83
N ALA C 45 14.55 -38.34 8.80
CA ALA C 45 14.00 -37.74 10.01
C ALA C 45 12.53 -37.39 9.87
N SER C 46 11.90 -37.18 11.01
CA SER C 46 10.50 -36.79 11.08
C SER C 46 10.31 -35.89 12.29
N HIS C 47 10.08 -34.59 12.01
CA HIS C 47 9.83 -33.59 13.05
C HIS C 47 8.78 -32.61 12.56
N ARG C 48 7.76 -32.37 13.39
CA ARG C 48 6.58 -31.59 12.99
C ARG C 48 6.07 -32.10 11.64
N GLU C 49 5.88 -31.19 10.70
CA GLU C 49 5.36 -31.53 9.38
C GLU C 49 6.49 -31.85 8.38
N PHE C 50 7.72 -31.93 8.88
CA PHE C 50 8.88 -32.15 8.04
C PHE C 50 9.39 -33.59 8.12
N THR C 51 8.87 -34.43 7.23
CA THR C 51 9.39 -35.79 7.09
C THR C 51 10.34 -35.85 5.90
N SER C 52 11.55 -36.31 6.17
CA SER C 52 12.57 -36.38 5.13
C SER C 52 13.06 -37.80 4.89
N TRP C 53 13.20 -38.12 3.61
CA TRP C 53 13.79 -39.35 3.13
C TRP C 53 14.91 -39.02 2.17
N ARG C 54 15.91 -39.89 2.12
CA ARG C 54 16.94 -39.81 1.10
C ARG C 54 16.73 -40.97 0.13
N ALA C 55 16.96 -40.71 -1.15
CA ALA C 55 16.94 -41.75 -2.17
C ALA C 55 18.09 -41.53 -3.15
N GLU C 56 18.09 -42.28 -4.24
CA GLU C 56 19.17 -42.23 -5.19
C GLU C 56 18.62 -42.31 -6.60
N LEU C 57 19.08 -41.41 -7.45
CA LEU C 57 18.59 -41.32 -8.81
C LEU C 57 19.77 -41.21 -9.76
N ASP C 58 19.87 -42.17 -10.68
CA ASP C 58 21.03 -42.31 -11.57
C ASP C 58 22.37 -42.25 -10.83
N GLY C 59 22.38 -42.76 -9.60
CA GLY C 59 23.59 -42.81 -8.79
C GLY C 59 23.86 -41.55 -7.99
N LYS C 60 22.96 -40.57 -8.07
CA LYS C 60 23.08 -39.32 -7.30
C LYS C 60 22.02 -39.25 -6.21
N ALA C 61 22.44 -38.82 -5.02
CA ALA C 61 21.53 -38.70 -3.87
C ALA C 61 20.49 -37.61 -4.10
N VAL C 62 19.24 -37.92 -3.76
CA VAL C 62 18.14 -36.98 -3.85
C VAL C 62 17.37 -36.98 -2.52
N ILE C 63 16.80 -35.83 -2.19
CA ILE C 63 16.03 -35.69 -0.96
C ILE C 63 14.54 -35.57 -1.28
N VAL C 64 13.72 -36.19 -0.45
CA VAL C 64 12.28 -35.97 -0.48
C VAL C 64 11.89 -35.49 0.92
N CYS C 65 11.39 -34.26 0.99
CA CYS C 65 11.05 -33.65 2.27
C CYS C 65 9.72 -32.93 2.20
N SER C 66 8.85 -33.19 3.17
CA SER C 66 7.56 -32.49 3.21
C SER C 66 7.70 -31.08 3.76
N THR C 67 6.78 -30.21 3.36
CA THR C 67 6.83 -28.80 3.71
C THR C 67 5.77 -28.44 4.74
N GLY C 68 4.72 -29.25 4.82
CA GLY C 68 3.52 -28.88 5.57
C GLY C 68 2.64 -27.96 4.74
N ILE C 69 1.54 -27.48 5.32
CA ILE C 69 0.62 -26.55 4.63
C ILE C 69 1.12 -25.12 4.81
N GLY C 70 1.18 -24.38 3.71
CA GLY C 70 1.43 -22.94 3.76
C GLY C 70 2.88 -22.48 3.61
N GLY C 71 3.02 -21.24 3.16
CA GLY C 71 4.33 -20.59 3.04
C GLY C 71 5.25 -20.58 4.26
N PRO C 72 4.74 -20.21 5.45
CA PRO C 72 5.59 -20.20 6.65
C PRO C 72 6.39 -21.50 6.87
N SER C 73 5.70 -22.63 6.88
CA SER C 73 6.36 -23.93 7.07
C SER C 73 7.25 -24.30 5.87
N THR C 74 6.80 -23.97 4.67
CA THR C 74 7.59 -24.17 3.44
C THR C 74 8.91 -23.40 3.53
N SER C 75 8.82 -22.13 3.94
CA SER C 75 10.00 -21.27 4.09
C SER C 75 11.02 -21.83 5.08
N ILE C 76 10.56 -22.52 6.13
CA ILE C 76 11.45 -23.17 7.08
C ILE C 76 12.16 -24.37 6.43
N ALA C 77 11.38 -25.25 5.78
CA ALA C 77 11.92 -26.42 5.10
C ALA C 77 12.92 -26.04 4.01
N VAL C 78 12.55 -25.09 3.15
CA VAL C 78 13.42 -24.66 2.05
C VAL C 78 14.72 -24.04 2.56
N GLU C 79 14.60 -23.08 3.48
CA GLU C 79 15.78 -22.44 4.07
C GLU C 79 16.77 -23.46 4.63
N GLU C 80 16.27 -24.37 5.45
CA GLU C 80 17.12 -25.33 6.14
C GLU C 80 17.70 -26.40 5.19
N LEU C 81 16.92 -26.81 4.20
CA LEU C 81 17.45 -27.67 3.13
C LEU C 81 18.55 -26.99 2.32
N ALA C 82 18.40 -25.68 2.08
CA ALA C 82 19.44 -24.88 1.40
C ALA C 82 20.72 -24.80 2.22
N GLN C 83 20.58 -24.71 3.54
CA GLN C 83 21.73 -24.69 4.45
C GLN C 83 22.50 -26.01 4.36
N LEU C 84 21.77 -27.10 4.16
CA LEU C 84 22.36 -28.44 4.11
C LEU C 84 22.91 -28.79 2.72
N GLY C 85 22.66 -27.92 1.73
CA GLY C 85 23.25 -28.06 0.40
C GLY C 85 22.31 -28.15 -0.80
N ILE C 86 21.00 -28.22 -0.55
CA ILE C 86 20.03 -28.28 -1.65
C ILE C 86 20.03 -26.98 -2.44
N ARG C 87 20.06 -27.10 -3.77
CA ARG C 87 20.07 -25.96 -4.69
C ARG C 87 18.91 -26.01 -5.68
N THR C 88 18.25 -27.17 -5.75
CA THR C 88 17.10 -27.36 -6.63
C THR C 88 15.91 -27.95 -5.85
N PHE C 89 14.77 -27.30 -5.98
CA PHE C 89 13.54 -27.68 -5.29
C PHE C 89 12.43 -27.97 -6.30
N LEU C 90 11.84 -29.15 -6.21
CA LEU C 90 10.72 -29.49 -7.06
C LEU C 90 9.48 -29.78 -6.21
N ARG C 91 8.52 -28.86 -6.28
CA ARG C 91 7.26 -29.06 -5.56
C ARG C 91 6.33 -29.95 -6.35
N ILE C 92 5.77 -30.93 -5.66
CA ILE C 92 4.70 -31.75 -6.21
C ILE C 92 3.46 -31.62 -5.34
N GLY C 93 2.33 -31.42 -5.99
CA GLY C 93 1.04 -31.35 -5.31
C GLY C 93 -0.08 -31.99 -6.11
N THR C 94 -1.24 -32.08 -5.48
CA THR C 94 -2.48 -32.35 -6.18
C THR C 94 -3.29 -31.09 -5.98
N THR C 95 -4.15 -30.76 -6.93
CA THR C 95 -4.77 -29.45 -6.94
C THR C 95 -6.17 -29.47 -7.53
N GLY C 96 -6.95 -28.46 -7.18
CA GLY C 96 -8.18 -28.17 -7.90
C GLY C 96 -7.84 -27.39 -9.17
N ALA C 97 -8.88 -26.83 -9.79
CA ALA C 97 -8.72 -25.98 -10.97
C ALA C 97 -9.80 -24.91 -10.93
N ILE C 98 -9.55 -23.78 -11.56
CA ILE C 98 -10.58 -22.74 -11.65
C ILE C 98 -10.96 -22.43 -13.10
N GLN C 99 -10.36 -23.17 -14.04
CA GLN C 99 -10.69 -23.07 -15.46
C GLN C 99 -11.48 -24.29 -15.91
N PRO C 100 -12.63 -24.06 -16.58
CA PRO C 100 -13.52 -25.15 -17.01
C PRO C 100 -12.89 -26.11 -18.02
N HIS C 101 -11.93 -25.62 -18.79
CA HIS C 101 -11.25 -26.46 -19.79
C HIS C 101 -10.25 -27.43 -19.17
N ILE C 102 -9.93 -27.22 -17.89
CA ILE C 102 -9.01 -28.10 -17.15
C ILE C 102 -9.81 -29.18 -16.43
N ASN C 103 -9.51 -30.44 -16.75
CA ASN C 103 -10.25 -31.56 -16.19
C ASN C 103 -9.43 -32.35 -15.18
N VAL C 104 -10.13 -33.09 -14.31
CA VAL C 104 -9.50 -34.04 -13.41
C VAL C 104 -8.66 -35.04 -14.23
N GLY C 105 -7.42 -35.26 -13.80
CA GLY C 105 -6.50 -36.12 -14.54
C GLY C 105 -5.41 -35.33 -15.24
N ASP C 106 -5.72 -34.08 -15.59
CA ASP C 106 -4.75 -33.17 -16.19
C ASP C 106 -3.62 -32.83 -15.23
N VAL C 107 -2.50 -32.39 -15.78
CA VAL C 107 -1.34 -32.02 -14.98
C VAL C 107 -1.02 -30.54 -15.22
N LEU C 108 -0.76 -29.82 -14.13
CA LEU C 108 -0.43 -28.40 -14.22
C LEU C 108 1.03 -28.12 -13.89
N VAL C 109 1.72 -27.47 -14.83
CA VAL C 109 3.07 -26.95 -14.56
C VAL C 109 2.99 -25.43 -14.44
N THR C 110 3.47 -24.94 -13.31
CA THR C 110 3.40 -23.53 -12.95
C THR C 110 4.65 -22.75 -13.37
N THR C 111 4.43 -21.74 -14.20
CA THR C 111 5.50 -20.84 -14.66
C THR C 111 5.80 -19.76 -13.62
N ALA C 112 4.74 -19.26 -12.98
CA ALA C 112 4.82 -18.24 -11.95
C ALA C 112 3.53 -18.20 -11.16
N SER C 113 3.56 -17.58 -9.98
CA SER C 113 2.39 -17.57 -9.11
C SER C 113 1.91 -16.16 -8.75
N VAL C 114 0.60 -16.01 -8.63
CA VAL C 114 0.01 -14.84 -7.99
C VAL C 114 0.31 -14.91 -6.49
N ARG C 115 0.96 -13.86 -5.98
CA ARG C 115 1.42 -13.88 -4.60
C ARG C 115 0.33 -13.43 -3.64
N LEU C 116 -0.56 -14.37 -3.28
CA LEU C 116 -1.61 -14.11 -2.31
C LEU C 116 -1.19 -14.66 -0.93
N ASP C 117 0.11 -14.63 -0.67
CA ASP C 117 0.69 -15.11 0.57
C ASP C 117 1.34 -13.93 1.30
N GLY C 118 1.96 -14.23 2.44
CA GLY C 118 2.72 -13.22 3.18
C GLY C 118 4.19 -13.50 3.22
N ALA C 119 4.56 -14.78 3.25
CA ALA C 119 5.96 -15.18 3.41
C ALA C 119 6.86 -14.74 2.25
N SER C 120 6.31 -14.71 1.03
CA SER C 120 7.09 -14.24 -0.13
C SER C 120 7.63 -12.83 0.09
N LEU C 121 6.84 -11.99 0.76
CA LEU C 121 7.22 -10.60 1.06
C LEU C 121 8.41 -10.50 2.03
N HIS C 122 8.73 -11.60 2.69
CA HIS C 122 9.86 -11.65 3.62
C HIS C 122 11.17 -11.91 2.86
N PHE C 123 11.05 -12.13 1.56
CA PHE C 123 12.21 -12.39 0.69
C PHE C 123 12.38 -11.39 -0.45
N ALA C 124 11.25 -10.91 -0.98
CA ALA C 124 11.29 -9.95 -2.08
C ALA C 124 10.03 -9.09 -2.04
N PRO C 125 10.15 -7.79 -2.42
CA PRO C 125 8.98 -6.92 -2.44
C PRO C 125 7.99 -7.41 -3.50
N MET C 126 6.73 -7.01 -3.39
CA MET C 126 5.65 -7.57 -4.21
C MET C 126 5.96 -7.48 -5.71
N GLU C 127 6.71 -6.45 -6.10
CA GLU C 127 7.09 -6.20 -7.48
C GLU C 127 7.85 -7.37 -8.11
N PHE C 128 8.59 -8.10 -7.28
CA PHE C 128 9.38 -9.24 -7.73
C PHE C 128 8.47 -10.41 -8.11
N PRO C 129 8.73 -11.03 -9.26
CA PRO C 129 7.90 -12.13 -9.75
C PRO C 129 8.13 -13.44 -9.01
N ALA C 130 7.04 -14.08 -8.58
CA ALA C 130 7.11 -15.44 -8.03
C ALA C 130 7.28 -16.43 -9.19
N VAL C 131 8.43 -16.36 -9.86
CA VAL C 131 8.68 -17.11 -11.09
C VAL C 131 9.46 -18.41 -10.87
N ALA C 132 9.06 -19.47 -11.57
CA ALA C 132 9.77 -20.74 -11.53
C ALA C 132 11.07 -20.66 -12.33
N ASP C 133 12.04 -21.49 -11.95
CA ASP C 133 13.28 -21.65 -12.70
C ASP C 133 12.98 -22.27 -14.08
N PHE C 134 13.63 -21.75 -15.12
CA PHE C 134 13.38 -22.21 -16.50
C PHE C 134 13.73 -23.68 -16.73
N ALA C 135 14.88 -24.11 -16.20
CA ALA C 135 15.33 -25.50 -16.34
C ALA C 135 14.36 -26.48 -15.68
N CYS C 136 13.94 -26.18 -14.45
CA CYS C 136 12.96 -26.99 -13.73
C CYS C 136 11.63 -27.08 -14.47
N THR C 137 11.13 -25.92 -14.93
CA THR C 137 9.87 -25.87 -15.67
C THR C 137 9.98 -26.67 -16.98
N THR C 138 11.07 -26.47 -17.71
CA THR C 138 11.37 -27.24 -18.92
C THR C 138 11.36 -28.75 -18.62
N ALA C 139 12.12 -29.15 -17.60
CA ALA C 139 12.21 -30.57 -17.22
C ALA C 139 10.85 -31.16 -16.87
N LEU C 140 10.01 -30.38 -16.19
CA LEU C 140 8.68 -30.84 -15.78
C LEU C 140 7.73 -30.99 -16.97
N VAL C 141 7.76 -30.01 -17.88
CA VAL C 141 6.94 -30.04 -19.10
C VAL C 141 7.35 -31.22 -19.99
N GLU C 142 8.65 -31.38 -20.19
CA GLU C 142 9.18 -32.49 -20.99
C GLU C 142 8.90 -33.86 -20.37
N ALA C 143 8.97 -33.94 -19.03
CA ALA C 143 8.65 -35.16 -18.30
C ALA C 143 7.17 -35.53 -18.45
N ALA C 144 6.32 -34.50 -18.46
CA ALA C 144 4.88 -34.66 -18.66
C ALA C 144 4.54 -35.13 -20.07
N LYS C 145 5.32 -34.66 -21.04
CA LYS C 145 5.17 -35.07 -22.43
C LYS C 145 5.64 -36.50 -22.66
N SER C 146 6.75 -36.87 -22.03
CA SER C 146 7.34 -38.20 -22.18
C SER C 146 6.38 -39.31 -21.76
N ILE C 147 5.60 -39.05 -20.71
CA ILE C 147 4.60 -40.03 -20.24
C ILE C 147 3.19 -39.74 -20.77
N GLY C 148 3.09 -38.76 -21.67
CA GLY C 148 1.85 -38.45 -22.39
C GLY C 148 0.71 -37.87 -21.57
N ALA C 149 1.04 -37.12 -20.53
CA ALA C 149 0.04 -36.47 -19.69
C ALA C 149 -0.54 -35.25 -20.40
N THR C 150 -1.83 -34.98 -20.16
CA THR C 150 -2.46 -33.75 -20.66
C THR C 150 -2.07 -32.59 -19.74
N THR C 151 -1.25 -31.70 -20.28
CA THR C 151 -0.55 -30.70 -19.48
C THR C 151 -1.02 -29.28 -19.76
N HIS C 152 -1.20 -28.51 -18.70
CA HIS C 152 -1.46 -27.08 -18.81
C HIS C 152 -0.32 -26.33 -18.14
N VAL C 153 0.23 -25.36 -18.85
CA VAL C 153 1.39 -24.61 -18.38
C VAL C 153 0.97 -23.15 -18.23
N GLY C 154 1.17 -22.60 -17.04
CA GLY C 154 0.75 -21.23 -16.79
C GLY C 154 0.76 -20.78 -15.35
N VAL C 155 -0.10 -19.82 -15.03
CA VAL C 155 -0.07 -19.13 -13.74
C VAL C 155 -0.99 -19.78 -12.72
N THR C 156 -0.50 -19.87 -11.49
CA THR C 156 -1.21 -20.43 -10.35
C THR C 156 -1.41 -19.34 -9.29
N ALA C 157 -2.59 -19.28 -8.68
CA ALA C 157 -2.81 -18.35 -7.57
C ALA C 157 -2.46 -19.05 -6.27
N SER C 158 -1.55 -18.45 -5.51
CA SER C 158 -1.03 -19.08 -4.29
C SER C 158 -1.50 -18.30 -3.06
N SER C 159 -2.35 -18.93 -2.27
CA SER C 159 -3.12 -18.27 -1.21
C SER C 159 -2.68 -18.71 0.18
N ASP C 160 -2.58 -17.76 1.11
CA ASP C 160 -2.32 -18.07 2.50
C ASP C 160 -3.51 -18.73 3.20
N THR C 161 -4.67 -18.74 2.55
CA THR C 161 -5.81 -19.42 3.15
C THR C 161 -6.42 -20.42 2.19
N PHE C 162 -7.05 -21.44 2.77
CA PHE C 162 -7.81 -22.41 2.02
C PHE C 162 -9.19 -21.82 1.71
N TYR C 163 -9.70 -20.98 2.60
CA TYR C 163 -11.09 -20.54 2.50
C TYR C 163 -11.30 -19.15 1.85
N PRO C 164 -11.13 -18.04 2.61
CA PRO C 164 -11.51 -16.75 2.01
C PRO C 164 -10.62 -16.30 0.84
N GLY C 165 -9.34 -16.64 0.87
CA GLY C 165 -8.41 -16.24 -0.20
C GLY C 165 -8.62 -17.01 -1.49
N GLN C 166 -9.37 -18.11 -1.39
CA GLN C 166 -9.79 -18.86 -2.56
C GLN C 166 -11.27 -18.60 -2.81
N GLU C 167 -11.76 -17.54 -2.18
CA GLU C 167 -13.16 -17.08 -2.24
C GLU C 167 -14.21 -18.19 -1.99
N ARG C 168 -13.98 -18.97 -0.94
CA ARG C 168 -14.98 -19.93 -0.48
C ARG C 168 -15.94 -19.24 0.49
N TYR C 169 -17.24 -19.42 0.26
CA TYR C 169 -18.27 -18.84 1.13
C TYR C 169 -18.92 -19.87 2.06
N ASP C 170 -18.60 -21.14 1.86
CA ASP C 170 -19.15 -22.25 2.67
C ASP C 170 -18.38 -22.35 3.99
N THR C 171 -18.51 -21.31 4.81
CA THR C 171 -17.68 -21.15 5.99
C THR C 171 -18.51 -20.77 7.21
N TYR C 172 -17.85 -20.70 8.36
CA TYR C 172 -18.47 -20.25 9.59
C TYR C 172 -19.13 -18.87 9.45
N SER C 173 -18.39 -17.92 8.89
CA SER C 173 -18.89 -16.56 8.77
C SER C 173 -19.72 -16.34 7.51
N GLY C 174 -19.44 -17.13 6.47
CA GLY C 174 -20.06 -16.94 5.16
C GLY C 174 -19.64 -15.63 4.48
N ARG C 175 -18.62 -14.99 5.06
CA ARG C 175 -18.12 -13.66 4.64
C ARG C 175 -16.76 -13.84 3.97
N VAL C 176 -16.52 -13.05 2.93
CA VAL C 176 -15.19 -12.91 2.32
C VAL C 176 -14.82 -11.43 2.31
N VAL C 177 -13.65 -11.11 2.85
CA VAL C 177 -13.14 -9.74 2.94
C VAL C 177 -13.12 -9.05 1.57
N ARG C 178 -13.33 -7.73 1.55
CA ARG C 178 -13.37 -6.93 0.32
C ARG C 178 -12.29 -7.31 -0.71
N ARG C 179 -11.04 -7.40 -0.25
CA ARG C 179 -9.90 -7.78 -1.11
C ARG C 179 -10.20 -9.00 -1.99
N PHE C 180 -10.86 -10.00 -1.42
CA PHE C 180 -11.10 -11.26 -2.12
C PHE C 180 -12.50 -11.46 -2.70
N LYS C 181 -13.42 -10.53 -2.40
CA LYS C 181 -14.74 -10.58 -3.02
CA LYS C 181 -14.76 -10.52 -3.01
C LYS C 181 -14.63 -10.37 -4.53
N GLY C 182 -15.17 -11.34 -5.28
CA GLY C 182 -15.11 -11.31 -6.74
C GLY C 182 -13.75 -11.65 -7.33
N SER C 183 -12.82 -12.11 -6.49
CA SER C 183 -11.44 -12.36 -6.92
C SER C 183 -11.26 -13.61 -7.79
N MET C 184 -12.02 -14.67 -7.52
CA MET C 184 -11.87 -15.90 -8.31
C MET C 184 -12.20 -15.66 -9.79
N GLU C 185 -13.30 -14.96 -10.04
CA GLU C 185 -13.67 -14.52 -11.39
C GLU C 185 -12.55 -13.70 -12.05
N GLU C 186 -11.90 -12.85 -11.26
CA GLU C 186 -10.81 -12.01 -11.76
C GLU C 186 -9.61 -12.85 -12.19
N TRP C 187 -9.24 -13.83 -11.36
CA TRP C 187 -8.13 -14.73 -11.70
C TRP C 187 -8.46 -15.61 -12.91
N GLN C 188 -9.70 -16.08 -12.97
CA GLN C 188 -10.17 -16.88 -14.12
C GLN C 188 -10.04 -16.12 -15.44
N ALA C 189 -10.51 -14.87 -15.44
CA ALA C 189 -10.42 -14.01 -16.61
C ALA C 189 -8.96 -13.68 -16.99
N MET C 190 -8.07 -13.67 -16.01
CA MET C 190 -6.64 -13.45 -16.24
C MET C 190 -5.88 -14.73 -16.62
N GLY C 191 -6.60 -15.83 -16.74
CA GLY C 191 -6.03 -17.09 -17.21
C GLY C 191 -5.34 -17.94 -16.17
N VAL C 192 -5.53 -17.60 -14.89
CA VAL C 192 -4.99 -18.39 -13.78
C VAL C 192 -5.59 -19.80 -13.78
N MET C 193 -4.74 -20.80 -13.62
CA MET C 193 -5.18 -22.19 -13.75
C MET C 193 -5.89 -22.74 -12.51
N ASN C 194 -5.37 -22.37 -11.33
CA ASN C 194 -5.71 -23.04 -10.09
C ASN C 194 -5.26 -22.29 -8.85
N TYR C 195 -5.75 -22.73 -7.70
CA TYR C 195 -5.27 -22.30 -6.39
C TYR C 195 -4.46 -23.41 -5.73
N GLU C 196 -3.40 -23.02 -5.05
CA GLU C 196 -2.79 -23.86 -4.03
C GLU C 196 -2.20 -22.89 -2.99
N MET C 197 -1.35 -23.37 -2.09
CA MET C 197 -1.04 -22.57 -0.90
C MET C 197 0.44 -22.39 -0.54
N GLU C 198 1.35 -22.87 -1.39
CA GLU C 198 2.78 -22.88 -1.03
C GLU C 198 3.72 -22.29 -2.09
N SER C 199 3.27 -22.22 -3.34
CA SER C 199 4.15 -21.87 -4.47
C SER C 199 4.65 -20.43 -4.47
N ALA C 200 3.79 -19.47 -4.10
CA ALA C 200 4.24 -18.08 -4.08
C ALA C 200 5.47 -17.94 -3.19
N THR C 201 5.40 -18.52 -1.98
CA THR C 201 6.52 -18.55 -1.06
C THR C 201 7.71 -19.31 -1.63
N LEU C 202 7.50 -20.56 -2.06
CA LEU C 202 8.58 -21.37 -2.64
C LEU C 202 9.29 -20.67 -3.80
N LEU C 203 8.51 -20.28 -4.81
CA LEU C 203 9.09 -19.71 -6.03
C LEU C 203 9.79 -18.37 -5.80
N THR C 204 9.20 -17.51 -4.97
CA THR C 204 9.81 -16.20 -4.67
C THR C 204 11.09 -16.34 -3.88
N MET C 205 11.05 -17.13 -2.81
CA MET C 205 12.23 -17.29 -1.95
C MET C 205 13.42 -17.92 -2.70
N CYS C 206 13.12 -18.77 -3.67
CA CYS C 206 14.18 -19.43 -4.45
C CYS C 206 14.71 -18.51 -5.56
N ALA C 207 13.80 -17.88 -6.31
CA ALA C 207 14.16 -17.01 -7.42
C ALA C 207 14.97 -15.78 -6.97
N SER C 208 14.79 -15.38 -5.72
CA SER C 208 15.49 -14.22 -5.16
C SER C 208 16.73 -14.59 -4.35
N GLN C 209 17.08 -15.88 -4.32
CA GLN C 209 18.24 -16.35 -3.54
C GLN C 209 19.14 -17.32 -4.30
N GLY C 210 19.04 -17.32 -5.62
CA GLY C 210 19.87 -18.17 -6.48
C GLY C 210 19.59 -19.66 -6.37
N LEU C 211 18.40 -20.01 -5.92
CA LEU C 211 17.97 -21.41 -5.85
C LEU C 211 16.99 -21.68 -6.98
N ARG C 212 17.01 -22.90 -7.50
CA ARG C 212 16.12 -23.29 -8.59
C ARG C 212 14.88 -23.99 -8.04
N ALA C 213 13.72 -23.51 -8.46
CA ALA C 213 12.45 -24.09 -8.04
C ALA C 213 11.54 -24.32 -9.23
N GLY C 214 10.76 -25.39 -9.14
CA GLY C 214 9.71 -25.68 -10.11
C GLY C 214 8.51 -26.29 -9.40
N MET C 215 7.38 -26.34 -10.08
CA MET C 215 6.18 -26.96 -9.52
C MET C 215 5.30 -27.66 -10.54
N VAL C 216 4.86 -28.87 -10.16
CA VAL C 216 3.91 -29.66 -10.92
C VAL C 216 2.78 -30.13 -9.99
N ALA C 217 1.57 -30.22 -10.53
CA ALA C 217 0.42 -30.67 -9.75
C ALA C 217 -0.59 -31.40 -10.61
N GLY C 218 -1.20 -32.43 -10.02
CA GLY C 218 -2.25 -33.19 -10.69
C GLY C 218 -3.61 -32.64 -10.34
N VAL C 219 -4.47 -32.50 -11.35
CA VAL C 219 -5.82 -31.99 -11.12
C VAL C 219 -6.71 -33.10 -10.61
N ILE C 220 -7.19 -32.95 -9.38
CA ILE C 220 -8.00 -33.98 -8.76
C ILE C 220 -9.48 -33.57 -8.69
N VAL C 221 -9.73 -32.26 -8.77
CA VAL C 221 -11.06 -31.69 -8.64
C VAL C 221 -11.17 -30.36 -9.40
N ASN C 222 -12.39 -29.95 -9.71
CA ASN C 222 -12.64 -28.68 -10.40
C ASN C 222 -13.93 -28.06 -9.88
N ARG C 223 -13.80 -26.96 -9.13
CA ARG C 223 -14.95 -26.31 -8.51
C ARG C 223 -15.95 -25.72 -9.52
N THR C 224 -15.45 -25.27 -10.67
CA THR C 224 -16.31 -24.74 -11.72
C THR C 224 -17.18 -25.82 -12.35
N GLN C 225 -16.64 -27.04 -12.43
CA GLN C 225 -17.34 -28.18 -13.02
C GLN C 225 -18.29 -28.86 -12.03
N MET C 234 -8.27 -39.54 -9.03
CA MET C 234 -7.47 -38.87 -8.00
C MET C 234 -6.23 -39.69 -7.64
N LYS C 235 -6.39 -41.01 -7.60
CA LYS C 235 -5.26 -41.93 -7.38
C LYS C 235 -4.47 -42.08 -8.68
N GLN C 236 -5.20 -42.07 -9.80
CA GLN C 236 -4.61 -42.16 -11.14
C GLN C 236 -3.83 -40.90 -11.48
N THR C 237 -4.36 -39.74 -11.07
CA THR C 237 -3.72 -38.44 -11.29
C THR C 237 -2.50 -38.26 -10.36
N GLU C 238 -2.64 -38.71 -9.12
CA GLU C 238 -1.56 -38.70 -8.14
C GLU C 238 -0.29 -39.32 -8.72
N SER C 239 -0.36 -40.59 -9.10
CA SER C 239 0.77 -41.33 -9.65
C SER C 239 1.37 -40.67 -10.89
N HIS C 240 0.51 -40.12 -11.75
CA HIS C 240 0.94 -39.37 -12.94
C HIS C 240 1.88 -38.23 -12.57
N ALA C 241 1.45 -37.39 -11.63
CA ALA C 241 2.22 -36.24 -11.18
C ALA C 241 3.55 -36.65 -10.53
N VAL C 242 3.51 -37.73 -9.74
CA VAL C 242 4.70 -38.23 -9.05
C VAL C 242 5.77 -38.76 -10.01
N LYS C 243 5.34 -39.50 -11.03
CA LYS C 243 6.25 -39.98 -12.08
C LYS C 243 6.91 -38.80 -12.78
N ILE C 244 6.12 -37.79 -13.11
CA ILE C 244 6.61 -36.56 -13.75
C ILE C 244 7.71 -35.88 -12.92
N VAL C 245 7.44 -35.65 -11.64
CA VAL C 245 8.39 -34.93 -10.78
C VAL C 245 9.70 -35.71 -10.58
N VAL C 246 9.59 -37.04 -10.49
CA VAL C 246 10.76 -37.90 -10.38
C VAL C 246 11.54 -37.92 -11.70
N GLU C 247 10.82 -38.04 -12.82
CA GLU C 247 11.42 -37.99 -14.15
C GLU C 247 12.08 -36.65 -14.46
N ALA C 248 11.44 -35.56 -14.05
CA ALA C 248 12.02 -34.22 -14.18
C ALA C 248 13.30 -34.10 -13.37
N ALA C 249 13.29 -34.65 -12.15
CA ALA C 249 14.45 -34.60 -11.26
C ALA C 249 15.71 -35.20 -11.88
N ARG C 250 15.54 -36.29 -12.63
CA ARG C 250 16.64 -36.94 -13.36
C ARG C 250 17.36 -35.98 -14.31
N ARG C 251 16.56 -35.20 -15.05
CA ARG C 251 17.09 -34.22 -16.01
C ARG C 251 17.83 -33.05 -15.33
N LEU C 252 17.61 -32.88 -14.03
CA LEU C 252 18.12 -31.72 -13.30
C LEU C 252 19.28 -32.04 -12.36
N LEU C 253 19.74 -33.28 -12.37
CA LEU C 253 20.77 -33.74 -11.42
C LEU C 253 22.19 -33.43 -11.85
N SER D 4 -7.97 3.26 -41.16
CA SER D 4 -7.39 2.62 -39.94
C SER D 4 -8.47 2.06 -39.01
N ASP D 5 -8.23 0.83 -38.52
CA ASP D 5 -9.13 0.17 -37.58
C ASP D 5 -8.77 0.51 -36.13
N VAL D 6 -7.56 1.03 -35.92
CA VAL D 6 -7.05 1.35 -34.60
C VAL D 6 -6.59 2.80 -34.49
N PHE D 7 -6.70 3.37 -33.30
CA PHE D 7 -6.51 4.80 -33.11
C PHE D 7 -5.08 5.32 -33.30
N HIS D 8 -4.07 4.53 -32.91
CA HIS D 8 -2.69 5.02 -32.96
C HIS D 8 -1.85 4.46 -34.10
N LEU D 9 -1.95 3.16 -34.33
CA LEU D 9 -1.03 2.47 -35.25
C LEU D 9 -1.29 2.81 -36.72
N GLY D 10 -2.52 3.20 -37.04
CA GLY D 10 -2.89 3.54 -38.41
C GLY D 10 -2.96 2.31 -39.28
N LEU D 11 -3.36 1.19 -38.70
CA LEU D 11 -3.42 -0.09 -39.41
C LEU D 11 -4.83 -0.64 -39.48
N THR D 12 -5.08 -1.44 -40.51
CA THR D 12 -6.33 -2.20 -40.62
C THR D 12 -6.00 -3.68 -40.48
N LYS D 13 -7.04 -4.50 -40.24
CA LYS D 13 -6.86 -5.95 -40.17
C LYS D 13 -6.22 -6.52 -41.44
N ASN D 14 -6.60 -5.98 -42.59
CA ASN D 14 -6.08 -6.45 -43.88
C ASN D 14 -4.59 -6.18 -44.10
N ASP D 15 -4.08 -5.08 -43.52
CA ASP D 15 -2.65 -4.76 -43.57
C ASP D 15 -1.80 -5.91 -43.02
N LEU D 16 -2.34 -6.62 -42.03
CA LEU D 16 -1.64 -7.71 -41.36
C LEU D 16 -1.58 -8.97 -42.21
N GLN D 17 -2.53 -9.08 -43.15
CA GLN D 17 -2.63 -10.24 -44.05
C GLN D 17 -2.55 -11.56 -43.26
N GLY D 18 -3.37 -11.65 -42.21
CA GLY D 18 -3.48 -12.86 -41.41
C GLY D 18 -2.43 -13.06 -40.34
N ALA D 19 -1.51 -12.10 -40.18
CA ALA D 19 -0.44 -12.19 -39.19
C ALA D 19 -0.99 -12.37 -37.78
N GLN D 20 -0.31 -13.23 -37.00
CA GLN D 20 -0.71 -13.51 -35.63
C GLN D 20 0.44 -13.35 -34.65
N LEU D 21 1.64 -13.14 -35.19
CA LEU D 21 2.82 -12.87 -34.38
C LEU D 21 3.41 -11.50 -34.73
N ALA D 22 3.82 -10.77 -33.69
CA ALA D 22 4.49 -9.48 -33.86
C ALA D 22 5.83 -9.46 -33.12
N ILE D 23 6.85 -8.98 -33.81
CA ILE D 23 8.13 -8.65 -33.18
C ILE D 23 8.09 -7.17 -32.82
N VAL D 24 8.27 -6.85 -31.54
CA VAL D 24 8.09 -5.48 -31.06
C VAL D 24 9.36 -4.86 -30.44
N PRO D 25 10.21 -4.22 -31.27
CA PRO D 25 11.34 -3.47 -30.72
C PRO D 25 10.88 -2.14 -30.14
N GLY D 26 11.73 -1.49 -29.35
CA GLY D 26 11.41 -0.18 -28.80
C GLY D 26 11.57 0.94 -29.83
N ASP D 27 12.65 0.88 -30.60
CA ASP D 27 13.02 1.96 -31.52
C ASP D 27 12.38 1.78 -32.90
N PRO D 28 11.60 2.80 -33.35
CA PRO D 28 11.03 2.83 -34.71
C PRO D 28 12.04 2.60 -35.82
N GLU D 29 13.27 3.08 -35.63
CA GLU D 29 14.34 2.92 -36.63
C GLU D 29 14.84 1.48 -36.75
N ARG D 30 14.60 0.68 -35.72
CA ARG D 30 15.03 -0.73 -35.74
C ARG D 30 14.04 -1.63 -36.47
N VAL D 31 12.84 -1.11 -36.77
CA VAL D 31 11.75 -1.91 -37.34
C VAL D 31 12.10 -2.46 -38.72
N GLU D 32 12.49 -1.56 -39.63
CA GLU D 32 12.83 -1.94 -41.01
C GLU D 32 13.97 -2.97 -41.02
N LYS D 33 14.97 -2.77 -40.15
CA LYS D 33 16.14 -3.65 -40.06
C LYS D 33 15.75 -5.10 -39.78
N ILE D 34 14.82 -5.28 -38.84
CA ILE D 34 14.29 -6.59 -38.46
C ILE D 34 13.44 -7.18 -39.59
N ALA D 35 12.56 -6.35 -40.15
CA ALA D 35 11.70 -6.76 -41.27
C ALA D 35 12.51 -7.19 -42.48
N ALA D 36 13.63 -6.50 -42.72
CA ALA D 36 14.51 -6.75 -43.87
C ALA D 36 15.22 -8.10 -43.78
N LEU D 37 15.23 -8.70 -42.60
CA LEU D 37 15.80 -10.03 -42.39
C LEU D 37 14.87 -11.14 -42.86
N MET D 38 13.61 -10.78 -43.08
CA MET D 38 12.61 -11.75 -43.48
C MET D 38 12.19 -11.49 -44.92
N ASP D 39 11.37 -12.38 -45.47
CA ASP D 39 10.92 -12.28 -46.85
C ASP D 39 9.83 -11.23 -47.02
N LYS D 40 9.81 -10.62 -48.20
CA LYS D 40 8.78 -9.63 -48.59
C LYS D 40 8.51 -8.53 -47.55
N PRO D 41 9.57 -7.82 -47.10
CA PRO D 41 9.31 -6.74 -46.15
C PRO D 41 8.58 -5.55 -46.79
N VAL D 42 7.48 -5.12 -46.18
CA VAL D 42 6.64 -4.03 -46.69
C VAL D 42 6.32 -3.07 -45.55
N LYS D 43 6.56 -1.77 -45.76
CA LYS D 43 6.20 -0.77 -44.77
C LYS D 43 4.68 -0.61 -44.73
N LEU D 44 4.12 -0.66 -43.53
CA LEU D 44 2.68 -0.49 -43.37
C LEU D 44 2.31 0.94 -42.97
N ALA D 45 2.91 1.43 -41.88
CA ALA D 45 2.55 2.74 -41.36
C ALA D 45 3.61 3.31 -40.42
N SER D 46 3.53 4.61 -40.20
CA SER D 46 4.38 5.28 -39.24
C SER D 46 3.63 6.45 -38.63
N HIS D 47 3.26 6.30 -37.35
CA HIS D 47 2.60 7.37 -36.60
C HIS D 47 3.22 7.44 -35.21
N ARG D 48 3.55 8.66 -34.77
CA ARG D 48 4.22 8.85 -33.48
C ARG D 48 5.43 7.90 -33.38
N GLU D 49 5.57 7.20 -32.26
CA GLU D 49 6.69 6.26 -32.10
C GLU D 49 6.36 4.85 -32.62
N PHE D 50 5.26 4.75 -33.36
CA PHE D 50 4.76 3.46 -33.84
C PHE D 50 5.01 3.29 -35.34
N THR D 51 6.12 2.64 -35.67
CA THR D 51 6.40 2.28 -37.05
C THR D 51 6.18 0.79 -37.22
N SER D 52 5.39 0.42 -38.22
CA SER D 52 5.02 -0.96 -38.44
C SER D 52 5.33 -1.42 -39.86
N TRP D 53 5.88 -2.63 -39.93
CA TRP D 53 6.22 -3.28 -41.18
C TRP D 53 5.59 -4.67 -41.16
N ARG D 54 5.30 -5.19 -42.34
CA ARG D 54 4.93 -6.59 -42.50
C ARG D 54 6.04 -7.31 -43.26
N ALA D 55 6.23 -8.58 -42.93
CA ALA D 55 7.18 -9.43 -43.65
C ALA D 55 6.63 -10.85 -43.65
N GLU D 56 7.37 -11.76 -44.27
CA GLU D 56 6.98 -13.17 -44.34
C GLU D 56 8.06 -14.08 -43.81
N LEU D 57 7.63 -15.06 -43.03
CA LEU D 57 8.52 -16.01 -42.41
C LEU D 57 7.96 -17.39 -42.70
N ASP D 58 8.71 -18.17 -43.46
CA ASP D 58 8.28 -19.50 -43.92
C ASP D 58 6.86 -19.47 -44.49
N GLY D 59 6.57 -18.45 -45.29
CA GLY D 59 5.28 -18.31 -45.96
C GLY D 59 4.17 -17.63 -45.16
N LYS D 60 4.43 -17.34 -43.90
CA LYS D 60 3.43 -16.72 -43.02
C LYS D 60 3.75 -15.27 -42.71
N ALA D 61 2.73 -14.42 -42.80
CA ALA D 61 2.85 -13.00 -42.48
C ALA D 61 3.23 -12.81 -41.01
N VAL D 62 4.14 -11.87 -40.78
CA VAL D 62 4.59 -11.48 -39.44
C VAL D 62 4.63 -9.95 -39.41
N ILE D 63 4.36 -9.38 -38.24
CA ILE D 63 4.43 -7.93 -38.05
C ILE D 63 5.69 -7.54 -37.27
N VAL D 64 6.27 -6.41 -37.65
CA VAL D 64 7.29 -5.76 -36.84
C VAL D 64 6.74 -4.37 -36.54
N CYS D 65 6.60 -4.07 -35.25
CA CYS D 65 6.01 -2.80 -34.83
C CYS D 65 6.77 -2.26 -33.61
N SER D 66 7.24 -1.02 -33.71
CA SER D 66 7.89 -0.39 -32.57
C SER D 66 6.90 -0.02 -31.46
N THR D 67 7.39 0.02 -30.23
CA THR D 67 6.57 0.30 -29.05
C THR D 67 6.85 1.68 -28.46
N GLY D 68 7.97 2.26 -28.87
CA GLY D 68 8.53 3.41 -28.19
C GLY D 68 9.09 3.00 -26.83
N ILE D 69 9.65 3.96 -26.11
CA ILE D 69 10.17 3.70 -24.77
C ILE D 69 9.05 3.70 -23.73
N GLY D 70 9.01 2.67 -22.90
CA GLY D 70 8.13 2.66 -21.75
C GLY D 70 6.87 1.84 -21.88
N GLY D 71 6.37 1.39 -20.72
CA GLY D 71 5.10 0.68 -20.65
C GLY D 71 3.89 1.34 -21.31
N PRO D 72 3.69 2.66 -21.09
CA PRO D 72 2.53 3.33 -21.67
C PRO D 72 2.39 3.19 -23.19
N SER D 73 3.42 3.55 -23.96
CA SER D 73 3.31 3.39 -25.41
C SER D 73 3.32 1.92 -25.83
N THR D 74 4.06 1.09 -25.11
CA THR D 74 4.04 -0.36 -25.33
C THR D 74 2.61 -0.89 -25.21
N SER D 75 1.90 -0.44 -24.19
CA SER D 75 0.54 -0.93 -23.92
C SER D 75 -0.43 -0.60 -25.05
N ILE D 76 -0.21 0.57 -25.67
CA ILE D 76 -0.99 1.00 -26.83
C ILE D 76 -0.73 0.12 -28.04
N ALA D 77 0.54 -0.07 -28.37
CA ALA D 77 0.93 -0.91 -29.52
C ALA D 77 0.41 -2.34 -29.35
N VAL D 78 0.61 -2.91 -28.17
CA VAL D 78 0.19 -4.30 -27.90
C VAL D 78 -1.33 -4.48 -28.00
N GLU D 79 -2.06 -3.58 -27.36
CA GLU D 79 -3.53 -3.61 -27.39
C GLU D 79 -4.07 -3.52 -28.81
N GLU D 80 -3.57 -2.54 -29.56
CA GLU D 80 -4.07 -2.29 -30.90
C GLU D 80 -3.69 -3.40 -31.90
N LEU D 81 -2.51 -3.97 -31.74
CA LEU D 81 -2.11 -5.17 -32.49
C LEU D 81 -2.98 -6.38 -32.13
N ALA D 82 -3.25 -6.56 -30.84
CA ALA D 82 -4.17 -7.60 -30.37
C ALA D 82 -5.56 -7.43 -30.99
N GLN D 83 -6.04 -6.19 -31.07
CA GLN D 83 -7.30 -5.89 -31.74
C GLN D 83 -7.28 -6.32 -33.20
N LEU D 84 -6.11 -6.22 -33.82
CA LEU D 84 -5.94 -6.53 -35.24
C LEU D 84 -5.66 -8.02 -35.48
N GLY D 85 -5.49 -8.77 -34.39
CA GLY D 85 -5.37 -10.22 -34.47
C GLY D 85 -4.08 -10.84 -33.98
N ILE D 86 -3.14 -10.00 -33.53
CA ILE D 86 -1.88 -10.54 -33.00
C ILE D 86 -2.13 -11.25 -31.67
N ARG D 87 -1.56 -12.46 -31.54
CA ARG D 87 -1.73 -13.26 -30.31
C ARG D 87 -0.40 -13.57 -29.65
N THR D 88 0.69 -13.38 -30.38
CA THR D 88 2.04 -13.61 -29.89
C THR D 88 2.91 -12.39 -30.11
N PHE D 89 3.59 -11.95 -29.05
CA PHE D 89 4.43 -10.77 -29.09
C PHE D 89 5.83 -11.11 -28.63
N LEU D 90 6.82 -10.78 -29.43
CA LEU D 90 8.21 -10.99 -29.02
C LEU D 90 8.93 -9.67 -28.93
N ARG D 91 9.31 -9.27 -27.72
CA ARG D 91 10.09 -8.07 -27.56
C ARG D 91 11.56 -8.37 -27.80
N ILE D 92 12.19 -7.50 -28.60
CA ILE D 92 13.62 -7.53 -28.80
C ILE D 92 14.13 -6.15 -28.39
N GLY D 93 15.01 -6.12 -27.38
CA GLY D 93 15.45 -4.85 -26.81
C GLY D 93 16.93 -4.67 -26.58
N THR D 94 17.28 -3.53 -25.98
CA THR D 94 18.62 -3.27 -25.49
C THR D 94 18.54 -3.21 -23.97
N THR D 95 19.65 -3.54 -23.31
CA THR D 95 19.63 -3.66 -21.87
C THR D 95 20.96 -3.34 -21.18
N GLY D 96 20.86 -2.80 -19.96
CA GLY D 96 22.01 -2.66 -19.07
C GLY D 96 22.04 -3.80 -18.09
N ALA D 97 23.09 -4.63 -18.16
CA ALA D 97 23.29 -5.72 -17.22
C ALA D 97 23.78 -5.20 -15.87
N ILE D 98 23.36 -5.86 -14.79
CA ILE D 98 23.77 -5.48 -13.44
C ILE D 98 24.52 -6.59 -12.70
N GLN D 99 24.72 -7.72 -13.38
CA GLN D 99 25.53 -8.80 -12.84
C GLN D 99 26.94 -8.73 -13.45
N PRO D 100 27.98 -8.86 -12.60
CA PRO D 100 29.36 -8.70 -13.06
C PRO D 100 29.78 -9.72 -14.12
N HIS D 101 29.17 -10.91 -14.08
CA HIS D 101 29.52 -11.99 -14.99
C HIS D 101 28.86 -11.87 -16.38
N ILE D 102 27.94 -10.92 -16.53
CA ILE D 102 27.25 -10.73 -17.81
C ILE D 102 27.93 -9.65 -18.66
N ASN D 103 28.61 -10.09 -19.72
CA ASN D 103 29.40 -9.21 -20.58
C ASN D 103 28.56 -8.42 -21.58
N VAL D 104 29.08 -7.25 -21.98
CA VAL D 104 28.46 -6.47 -23.05
C VAL D 104 28.44 -7.31 -24.32
N GLY D 105 27.28 -7.40 -24.95
CA GLY D 105 27.12 -8.24 -26.13
C GLY D 105 26.31 -9.50 -25.89
N ASP D 106 26.29 -9.96 -24.64
CA ASP D 106 25.52 -11.14 -24.23
C ASP D 106 24.03 -11.03 -24.54
N VAL D 107 23.35 -12.17 -24.50
CA VAL D 107 21.92 -12.25 -24.77
C VAL D 107 21.18 -12.65 -23.49
N LEU D 108 20.15 -11.89 -23.13
CA LEU D 108 19.37 -12.18 -21.94
C LEU D 108 17.94 -12.52 -22.32
N VAL D 109 17.49 -13.71 -21.93
CA VAL D 109 16.10 -14.12 -22.11
C VAL D 109 15.38 -13.99 -20.76
N THR D 110 14.31 -13.21 -20.76
CA THR D 110 13.57 -12.88 -19.55
C THR D 110 12.44 -13.87 -19.26
N THR D 111 12.54 -14.57 -18.12
CA THR D 111 11.47 -15.46 -17.66
C THR D 111 10.31 -14.68 -17.04
N ALA D 112 10.66 -13.61 -16.33
CA ALA D 112 9.70 -12.74 -15.65
C ALA D 112 10.37 -11.44 -15.23
N SER D 113 9.58 -10.41 -14.95
CA SER D 113 10.13 -9.10 -14.63
C SER D 113 9.73 -8.56 -13.27
N VAL D 114 10.65 -7.86 -12.63
CA VAL D 114 10.35 -7.06 -11.45
C VAL D 114 9.57 -5.85 -11.96
N ARG D 115 8.36 -5.66 -11.44
CA ARG D 115 7.45 -4.65 -11.96
C ARG D 115 7.72 -3.28 -11.34
N LEU D 116 8.69 -2.56 -11.91
CA LEU D 116 9.02 -1.22 -11.43
C LEU D 116 8.40 -0.18 -12.35
N ASP D 117 7.25 -0.56 -12.91
CA ASP D 117 6.48 0.25 -13.83
C ASP D 117 5.12 0.57 -13.21
N GLY D 118 4.32 1.36 -13.92
CA GLY D 118 2.96 1.69 -13.49
C GLY D 118 1.90 1.05 -14.36
N ALA D 119 2.21 0.88 -15.64
CA ALA D 119 1.24 0.36 -16.61
C ALA D 119 0.78 -1.09 -16.35
N SER D 120 1.69 -1.93 -15.85
CA SER D 120 1.35 -3.33 -15.51
C SER D 120 0.15 -3.39 -14.56
N LEU D 121 0.11 -2.44 -13.62
CA LEU D 121 -0.97 -2.33 -12.62
C LEU D 121 -2.34 -1.99 -13.22
N HIS D 122 -2.33 -1.47 -14.45
CA HIS D 122 -3.55 -1.17 -15.17
C HIS D 122 -4.16 -2.44 -15.79
N PHE D 123 -3.44 -3.56 -15.67
CA PHE D 123 -3.91 -4.85 -16.19
C PHE D 123 -4.07 -5.91 -15.11
N ALA D 124 -3.21 -5.86 -14.10
CA ALA D 124 -3.26 -6.84 -13.01
C ALA D 124 -2.68 -6.22 -11.76
N PRO D 125 -3.19 -6.62 -10.57
CA PRO D 125 -2.63 -6.11 -9.32
C PRO D 125 -1.19 -6.60 -9.16
N MET D 126 -0.42 -5.96 -8.29
CA MET D 126 1.01 -6.23 -8.17
C MET D 126 1.35 -7.67 -7.84
N GLU D 127 0.41 -8.37 -7.18
CA GLU D 127 0.58 -9.79 -6.81
C GLU D 127 0.71 -10.72 -8.02
N PHE D 128 0.18 -10.28 -9.17
CA PHE D 128 0.24 -11.07 -10.40
C PHE D 128 1.65 -11.03 -11.00
N PRO D 129 2.19 -12.18 -11.41
CA PRO D 129 3.56 -12.21 -11.91
C PRO D 129 3.67 -11.68 -13.33
N ALA D 130 4.63 -10.78 -13.57
CA ALA D 130 4.91 -10.34 -14.93
C ALA D 130 5.75 -11.43 -15.62
N VAL D 131 5.10 -12.53 -15.96
CA VAL D 131 5.79 -13.74 -16.43
C VAL D 131 5.63 -13.93 -17.94
N ALA D 132 6.72 -14.36 -18.58
CA ALA D 132 6.69 -14.61 -20.01
C ALA D 132 6.01 -15.94 -20.31
N ASP D 133 5.49 -16.07 -21.52
CA ASP D 133 4.90 -17.31 -22.00
C ASP D 133 5.99 -18.38 -22.14
N PHE D 134 5.68 -19.62 -21.73
CA PHE D 134 6.65 -20.70 -21.78
C PHE D 134 7.12 -21.04 -23.19
N ALA D 135 6.19 -21.12 -24.13
CA ALA D 135 6.52 -21.41 -25.54
C ALA D 135 7.48 -20.36 -26.12
N CYS D 136 7.17 -19.08 -25.88
CA CYS D 136 7.99 -17.98 -26.36
C CYS D 136 9.39 -18.02 -25.78
N THR D 137 9.47 -18.19 -24.46
CA THR D 137 10.73 -18.27 -23.74
C THR D 137 11.57 -19.45 -24.23
N THR D 138 10.91 -20.59 -24.43
CA THR D 138 11.55 -21.80 -24.96
C THR D 138 12.13 -21.55 -26.35
N ALA D 139 11.33 -20.94 -27.22
CA ALA D 139 11.75 -20.62 -28.58
C ALA D 139 12.98 -19.69 -28.61
N LEU D 140 12.95 -18.67 -27.74
CA LEU D 140 14.07 -17.73 -27.62
C LEU D 140 15.35 -18.40 -27.13
N VAL D 141 15.22 -19.30 -26.15
CA VAL D 141 16.37 -20.01 -25.59
C VAL D 141 16.97 -20.95 -26.64
N GLU D 142 16.10 -21.72 -27.29
CA GLU D 142 16.52 -22.67 -28.32
C GLU D 142 17.11 -21.98 -29.55
N ALA D 143 16.60 -20.80 -29.89
CA ALA D 143 17.15 -19.98 -30.98
C ALA D 143 18.53 -19.45 -30.64
N ALA D 144 18.72 -19.06 -29.37
CA ALA D 144 20.00 -18.55 -28.89
C ALA D 144 21.08 -19.64 -28.90
N LYS D 145 20.66 -20.89 -28.65
CA LYS D 145 21.55 -22.05 -28.69
C LYS D 145 22.00 -22.39 -30.10
N SER D 146 21.06 -22.34 -31.05
CA SER D 146 21.36 -22.63 -32.46
C SER D 146 22.33 -21.59 -33.05
N ILE D 147 22.19 -20.35 -32.61
CA ILE D 147 23.09 -19.27 -33.02
C ILE D 147 24.39 -19.32 -32.20
N GLY D 148 24.35 -20.08 -31.10
CA GLY D 148 25.52 -20.29 -30.24
C GLY D 148 25.88 -19.10 -29.35
N ALA D 149 24.89 -18.24 -29.08
CA ALA D 149 25.11 -17.01 -28.32
C ALA D 149 25.26 -17.24 -26.82
N THR D 150 26.11 -16.43 -26.18
CA THR D 150 26.25 -16.43 -24.72
C THR D 150 24.95 -15.88 -24.12
N THR D 151 24.20 -16.77 -23.48
CA THR D 151 22.83 -16.52 -23.08
C THR D 151 22.64 -16.68 -21.58
N HIS D 152 21.94 -15.74 -20.97
CA HIS D 152 21.51 -15.89 -19.59
C HIS D 152 19.99 -15.82 -19.53
N VAL D 153 19.40 -16.69 -18.72
CA VAL D 153 17.96 -16.78 -18.62
C VAL D 153 17.55 -16.48 -17.18
N GLY D 154 16.64 -15.53 -16.99
CA GLY D 154 16.18 -15.19 -15.65
C GLY D 154 15.37 -13.92 -15.54
N VAL D 155 15.54 -13.23 -14.41
CA VAL D 155 14.68 -12.12 -14.02
C VAL D 155 15.28 -10.78 -14.44
N THR D 156 14.40 -9.92 -14.94
CA THR D 156 14.77 -8.57 -15.39
C THR D 156 14.00 -7.53 -14.56
N ALA D 157 14.68 -6.46 -14.16
CA ALA D 157 14.03 -5.34 -13.50
C ALA D 157 13.52 -4.37 -14.57
N SER D 158 12.22 -4.13 -14.58
CA SER D 158 11.60 -3.31 -15.61
C SER D 158 11.08 -2.00 -15.05
N SER D 159 11.73 -0.91 -15.43
CA SER D 159 11.59 0.37 -14.76
C SER D 159 10.92 1.42 -15.63
N ASP D 160 10.04 2.21 -15.02
CA ASP D 160 9.41 3.33 -15.71
C ASP D 160 10.36 4.50 -15.96
N THR D 161 11.58 4.43 -15.41
CA THR D 161 12.58 5.46 -15.69
C THR D 161 13.92 4.88 -16.09
N PHE D 162 14.66 5.63 -16.90
CA PHE D 162 16.02 5.27 -17.28
C PHE D 162 16.98 5.66 -16.16
N TYR D 163 16.65 6.72 -15.44
CA TYR D 163 17.57 7.28 -14.46
C TYR D 163 17.32 6.83 -12.99
N PRO D 164 16.41 7.50 -12.26
CA PRO D 164 16.33 7.15 -10.82
C PRO D 164 15.89 5.71 -10.54
N GLY D 165 15.00 5.17 -11.36
CA GLY D 165 14.51 3.80 -11.19
C GLY D 165 15.56 2.73 -11.45
N GLN D 166 16.63 3.12 -12.13
CA GLN D 166 17.78 2.25 -12.36
C GLN D 166 18.94 2.69 -11.49
N GLU D 167 18.61 3.52 -10.48
CA GLU D 167 19.56 4.09 -9.52
C GLU D 167 20.79 4.74 -10.19
N ARG D 168 20.52 5.58 -11.19
CA ARG D 168 21.55 6.42 -11.78
C ARG D 168 21.60 7.75 -11.03
N TYR D 169 22.81 8.13 -10.62
CA TYR D 169 23.04 9.36 -9.85
C TYR D 169 23.66 10.47 -10.70
N ASP D 170 24.10 10.10 -11.90
CA ASP D 170 24.73 11.00 -12.87
C ASP D 170 23.66 11.82 -13.59
N THR D 171 22.95 12.64 -12.84
CA THR D 171 21.74 13.30 -13.32
C THR D 171 21.74 14.77 -12.95
N TYR D 172 20.74 15.50 -13.45
CA TYR D 172 20.56 16.91 -13.12
C TYR D 172 20.51 17.14 -11.61
N SER D 173 19.68 16.36 -10.91
CA SER D 173 19.52 16.53 -9.46
C SER D 173 20.55 15.75 -8.65
N GLY D 174 21.02 14.62 -9.20
CA GLY D 174 21.93 13.73 -8.48
C GLY D 174 21.28 13.02 -7.31
N ARG D 175 19.94 13.13 -7.25
CA ARG D 175 19.14 12.56 -6.16
C ARG D 175 18.40 11.32 -6.65
N VAL D 176 18.32 10.32 -5.79
CA VAL D 176 17.45 9.18 -6.04
C VAL D 176 16.51 9.03 -4.84
N VAL D 177 15.21 9.03 -5.13
CA VAL D 177 14.16 8.89 -4.13
C VAL D 177 14.37 7.64 -3.26
N ARG D 178 13.95 7.72 -1.99
CA ARG D 178 14.14 6.65 -1.01
C ARG D 178 13.86 5.23 -1.53
N ARG D 179 12.72 5.07 -2.21
CA ARG D 179 12.33 3.77 -2.77
C ARG D 179 13.45 3.12 -3.57
N PHE D 180 14.20 3.95 -4.30
CA PHE D 180 15.24 3.43 -5.20
C PHE D 180 16.68 3.52 -4.70
N LYS D 181 16.89 4.25 -3.61
CA LYS D 181 18.20 4.30 -2.98
C LYS D 181 18.59 2.89 -2.53
N GLY D 182 19.74 2.42 -3.00
CA GLY D 182 20.22 1.08 -2.67
C GLY D 182 19.53 -0.06 -3.41
N SER D 183 18.65 0.28 -4.34
CA SER D 183 17.84 -0.74 -5.02
C SER D 183 18.62 -1.62 -5.99
N MET D 184 19.64 -1.05 -6.66
CA MET D 184 20.39 -1.85 -7.62
C MET D 184 21.12 -3.01 -6.94
N GLU D 185 21.77 -2.73 -5.82
CA GLU D 185 22.43 -3.76 -5.01
C GLU D 185 21.43 -4.83 -4.54
N GLU D 186 20.21 -4.39 -4.20
CA GLU D 186 19.15 -5.32 -3.79
C GLU D 186 18.77 -6.25 -4.93
N TRP D 187 18.55 -5.69 -6.12
CA TRP D 187 18.25 -6.51 -7.29
C TRP D 187 19.41 -7.46 -7.65
N GLN D 188 20.63 -6.97 -7.52
CA GLN D 188 21.83 -7.79 -7.79
C GLN D 188 21.87 -9.00 -6.86
N ALA D 189 21.66 -8.75 -5.56
CA ALA D 189 21.64 -9.82 -4.56
C ALA D 189 20.54 -10.85 -4.83
N MET D 190 19.44 -10.38 -5.42
CA MET D 190 18.30 -11.24 -5.76
C MET D 190 18.44 -11.92 -7.11
N GLY D 191 19.60 -11.73 -7.75
CA GLY D 191 19.94 -12.42 -9.00
C GLY D 191 19.30 -11.84 -10.25
N VAL D 192 18.77 -10.63 -10.15
CA VAL D 192 18.22 -9.92 -11.31
C VAL D 192 19.35 -9.65 -12.29
N MET D 193 19.11 -9.92 -13.57
CA MET D 193 20.16 -9.85 -14.58
C MET D 193 20.43 -8.45 -15.06
N ASN D 194 19.37 -7.66 -15.22
CA ASN D 194 19.43 -6.44 -16.00
C ASN D 194 18.28 -5.49 -15.76
N TYR D 195 18.42 -4.28 -16.30
CA TYR D 195 17.36 -3.30 -16.36
C TYR D 195 16.89 -3.11 -17.79
N GLU D 196 15.59 -2.91 -17.96
CA GLU D 196 15.04 -2.26 -19.15
C GLU D 196 13.71 -1.60 -18.77
N MET D 197 12.88 -1.25 -19.75
CA MET D 197 11.78 -0.33 -19.45
C MET D 197 10.41 -0.69 -20.01
N GLU D 198 10.26 -1.89 -20.56
CA GLU D 198 9.02 -2.27 -21.25
C GLU D 198 8.44 -3.63 -20.87
N SER D 199 9.31 -4.55 -20.42
CA SER D 199 8.92 -5.94 -20.19
C SER D 199 7.83 -6.16 -19.12
N ALA D 200 7.91 -5.45 -17.99
CA ALA D 200 6.88 -5.61 -16.96
C ALA D 200 5.48 -5.36 -17.52
N THR D 201 5.32 -4.26 -18.25
CA THR D 201 4.05 -3.94 -18.90
C THR D 201 3.69 -5.00 -19.93
N LEU D 202 4.61 -5.26 -20.87
CA LEU D 202 4.37 -6.25 -21.91
C LEU D 202 3.95 -7.60 -21.34
N LEU D 203 4.74 -8.13 -20.43
CA LEU D 203 4.51 -9.49 -19.92
C LEU D 203 3.24 -9.59 -19.09
N THR D 204 3.02 -8.60 -18.24
CA THR D 204 1.82 -8.58 -17.39
C THR D 204 0.54 -8.47 -18.23
N MET D 205 0.53 -7.54 -19.18
CA MET D 205 -0.67 -7.33 -20.00
C MET D 205 -0.98 -8.52 -20.89
N CYS D 206 0.05 -9.25 -21.33
CA CYS D 206 -0.17 -10.43 -22.16
C CYS D 206 -0.60 -11.66 -21.34
N ALA D 207 0.13 -11.94 -20.27
CA ALA D 207 -0.15 -13.10 -19.41
C ALA D 207 -1.52 -13.04 -18.73
N SER D 208 -2.03 -11.82 -18.54
CA SER D 208 -3.35 -11.65 -17.91
C SER D 208 -4.48 -11.52 -18.93
N GLN D 209 -4.17 -11.64 -20.23
CA GLN D 209 -5.18 -11.48 -21.27
C GLN D 209 -5.18 -12.58 -22.33
N GLY D 210 -4.48 -13.68 -22.04
CA GLY D 210 -4.42 -14.82 -22.95
C GLY D 210 -3.54 -14.60 -24.16
N LEU D 211 -2.66 -13.61 -24.10
CA LEU D 211 -1.72 -13.36 -25.18
C LEU D 211 -0.34 -13.91 -24.80
N ARG D 212 0.39 -14.39 -25.79
CA ARG D 212 1.72 -14.97 -25.54
C ARG D 212 2.79 -13.92 -25.75
N ALA D 213 3.70 -13.80 -24.80
CA ALA D 213 4.78 -12.83 -24.91
C ALA D 213 6.13 -13.42 -24.50
N GLY D 214 7.16 -12.99 -25.21
CA GLY D 214 8.53 -13.33 -24.90
C GLY D 214 9.37 -12.07 -24.92
N MET D 215 10.53 -12.16 -24.27
CA MET D 215 11.41 -11.00 -24.11
C MET D 215 12.85 -11.44 -24.25
N VAL D 216 13.54 -10.87 -25.25
CA VAL D 216 14.97 -11.11 -25.45
C VAL D 216 15.68 -9.76 -25.61
N ALA D 217 16.91 -9.66 -25.11
CA ALA D 217 17.66 -8.41 -25.21
C ALA D 217 19.16 -8.64 -25.32
N GLY D 218 19.83 -7.71 -26.01
CA GLY D 218 21.29 -7.69 -26.10
C GLY D 218 21.86 -6.68 -25.12
N VAL D 219 22.93 -7.07 -24.45
CA VAL D 219 23.57 -6.24 -23.42
C VAL D 219 24.40 -5.10 -24.03
N ILE D 220 23.98 -3.86 -23.81
CA ILE D 220 24.67 -2.67 -24.35
C ILE D 220 25.60 -1.98 -23.33
N VAL D 221 25.41 -2.30 -22.06
CA VAL D 221 26.26 -1.77 -21.00
C VAL D 221 26.22 -2.73 -19.81
N ASN D 222 27.32 -2.78 -19.05
CA ASN D 222 27.29 -3.43 -17.76
C ASN D 222 27.42 -2.37 -16.66
N ARG D 223 26.40 -2.28 -15.81
CA ARG D 223 26.30 -1.28 -14.76
C ARG D 223 27.34 -1.41 -13.63
N THR D 224 28.09 -2.51 -13.63
CA THR D 224 29.17 -2.70 -12.65
C THR D 224 30.49 -2.18 -13.18
N MET D 234 30.00 -4.17 -29.82
CA MET D 234 29.01 -3.10 -29.65
C MET D 234 27.96 -3.13 -30.77
N LYS D 235 28.43 -3.03 -32.01
CA LYS D 235 27.56 -3.04 -33.19
C LYS D 235 26.97 -4.44 -33.44
N GLN D 236 27.79 -5.46 -33.20
CA GLN D 236 27.47 -6.84 -33.54
C GLN D 236 26.40 -7.49 -32.63
N THR D 237 26.27 -7.00 -31.41
CA THR D 237 25.34 -7.60 -30.44
C THR D 237 23.86 -7.35 -30.77
N GLU D 238 23.58 -6.22 -31.41
CA GLU D 238 22.23 -5.89 -31.85
C GLU D 238 21.73 -6.93 -32.84
N SER D 239 22.46 -7.10 -33.93
CA SER D 239 22.15 -8.11 -34.94
C SER D 239 22.11 -9.53 -34.37
N HIS D 240 22.85 -9.76 -33.29
CA HIS D 240 22.92 -11.05 -32.61
C HIS D 240 21.60 -11.39 -31.92
N ALA D 241 21.04 -10.43 -31.19
CA ALA D 241 19.75 -10.57 -30.54
C ALA D 241 18.60 -10.53 -31.55
N VAL D 242 18.76 -9.70 -32.59
CA VAL D 242 17.79 -9.58 -33.67
C VAL D 242 17.63 -10.90 -34.43
N LYS D 243 18.75 -11.58 -34.68
CA LYS D 243 18.75 -12.90 -35.33
C LYS D 243 18.00 -13.92 -34.50
N ILE D 244 18.21 -13.86 -33.18
CA ILE D 244 17.57 -14.77 -32.22
C ILE D 244 16.04 -14.62 -32.22
N VAL D 245 15.56 -13.38 -32.14
CA VAL D 245 14.11 -13.12 -32.10
C VAL D 245 13.41 -13.57 -33.40
N VAL D 246 14.09 -13.40 -34.53
CA VAL D 246 13.55 -13.82 -35.82
C VAL D 246 13.50 -15.35 -35.92
N GLU D 247 14.59 -16.00 -35.48
CA GLU D 247 14.62 -17.47 -35.39
C GLU D 247 13.55 -18.02 -34.44
N ALA D 248 13.38 -17.37 -33.29
CA ALA D 248 12.37 -17.80 -32.32
C ALA D 248 10.96 -17.68 -32.91
N ALA D 249 10.71 -16.56 -33.59
CA ALA D 249 9.45 -16.31 -34.27
C ALA D 249 9.05 -17.45 -35.21
N ARG D 250 10.03 -18.00 -35.93
CA ARG D 250 9.83 -19.15 -36.81
C ARG D 250 9.23 -20.36 -36.09
N ARG D 251 9.65 -20.56 -34.84
CA ARG D 251 9.20 -21.68 -34.02
C ARG D 251 7.82 -21.45 -33.41
N LEU D 252 7.31 -20.23 -33.51
CA LEU D 252 6.04 -19.86 -32.87
C LEU D 252 4.92 -19.54 -33.86
N LEU D 253 5.18 -19.76 -35.15
CA LEU D 253 4.20 -19.51 -36.21
C LEU D 253 3.18 -20.63 -36.34
N LYS E 3 -17.87 -39.52 10.32
CA LYS E 3 -16.42 -39.59 9.99
C LYS E 3 -15.77 -38.21 10.06
N SER E 4 -16.26 -37.27 9.25
CA SER E 4 -15.85 -35.87 9.34
C SER E 4 -16.88 -34.89 8.77
N ASP E 5 -17.15 -33.84 9.55
CA ASP E 5 -18.00 -32.73 9.13
C ASP E 5 -17.17 -31.60 8.48
N VAL E 6 -15.86 -31.77 8.44
CA VAL E 6 -14.93 -30.74 7.97
C VAL E 6 -13.87 -31.31 7.02
N PHE E 7 -13.31 -30.46 6.15
CA PHE E 7 -12.41 -30.91 5.08
C PHE E 7 -11.08 -31.49 5.57
N HIS E 8 -10.49 -30.91 6.62
CA HIS E 8 -9.13 -31.28 7.03
C HIS E 8 -9.01 -31.99 8.37
N LEU E 9 -9.79 -31.57 9.36
CA LEU E 9 -9.57 -32.03 10.74
C LEU E 9 -9.93 -33.48 10.99
N GLY E 10 -10.82 -34.04 10.18
CA GLY E 10 -11.31 -35.41 10.36
C GLY E 10 -12.16 -35.55 11.60
N LEU E 11 -12.97 -34.53 11.89
CA LEU E 11 -13.82 -34.50 13.08
C LEU E 11 -15.27 -34.24 12.72
N THR E 12 -16.17 -34.73 13.57
CA THR E 12 -17.60 -34.43 13.48
C THR E 12 -17.96 -33.58 14.68
N LYS E 13 -19.10 -32.89 14.62
CA LYS E 13 -19.62 -32.18 15.80
C LYS E 13 -19.76 -33.13 16.99
N ASN E 14 -20.15 -34.37 16.71
CA ASN E 14 -20.29 -35.39 17.75
C ASN E 14 -19.01 -35.63 18.53
N ASP E 15 -17.87 -35.57 17.84
CA ASP E 15 -16.56 -35.76 18.47
C ASP E 15 -16.28 -34.74 19.57
N LEU E 16 -16.76 -33.51 19.37
CA LEU E 16 -16.55 -32.41 20.32
C LEU E 16 -17.39 -32.55 21.60
N GLN E 17 -18.48 -33.30 21.51
CA GLN E 17 -19.40 -33.50 22.63
C GLN E 17 -19.82 -32.17 23.26
N GLY E 18 -20.17 -31.22 22.41
CA GLY E 18 -20.65 -29.92 22.85
C GLY E 18 -19.56 -28.92 23.24
N ALA E 19 -18.29 -29.27 23.00
CA ALA E 19 -17.17 -28.37 23.30
C ALA E 19 -17.31 -27.02 22.59
N GLN E 20 -17.01 -25.95 23.32
CA GLN E 20 -17.04 -24.59 22.77
C GLN E 20 -15.69 -23.87 22.88
N LEU E 21 -14.77 -24.50 23.61
CA LEU E 21 -13.43 -23.93 23.79
C LEU E 21 -12.38 -24.92 23.33
N ALA E 22 -11.39 -24.41 22.61
CA ALA E 22 -10.24 -25.21 22.18
C ALA E 22 -8.93 -24.54 22.59
N ILE E 23 -8.04 -25.34 23.15
CA ILE E 23 -6.65 -24.95 23.34
C ILE E 23 -5.88 -25.36 22.08
N VAL E 24 -5.16 -24.40 21.49
CA VAL E 24 -4.54 -24.62 20.18
C VAL E 24 -3.01 -24.43 20.18
N PRO E 25 -2.25 -25.50 20.49
CA PRO E 25 -0.80 -25.43 20.36
C PRO E 25 -0.39 -25.54 18.89
N GLY E 26 0.87 -25.25 18.59
CA GLY E 26 1.36 -25.38 17.23
C GLY E 26 1.70 -26.83 16.91
N ASP E 27 2.35 -27.50 17.86
CA ASP E 27 2.93 -28.81 17.66
C ASP E 27 1.97 -29.92 18.06
N PRO E 28 1.64 -30.84 17.12
CA PRO E 28 0.82 -32.02 17.40
C PRO E 28 1.29 -32.79 18.63
N GLU E 29 2.60 -32.81 18.87
CA GLU E 29 3.18 -33.55 19.99
C GLU E 29 2.74 -33.03 21.35
N ARG E 30 2.49 -31.73 21.41
CA ARG E 30 2.11 -31.05 22.64
C ARG E 30 0.63 -31.31 23.01
N VAL E 31 -0.16 -31.74 22.03
CA VAL E 31 -1.61 -31.88 22.21
C VAL E 31 -1.97 -32.82 23.38
N GLU E 32 -1.48 -34.05 23.33
CA GLU E 32 -1.74 -35.04 24.37
C GLU E 32 -1.29 -34.58 25.77
N LYS E 33 -0.16 -33.88 25.82
CA LYS E 33 0.39 -33.40 27.09
C LYS E 33 -0.50 -32.35 27.75
N ILE E 34 -1.06 -31.45 26.93
CA ILE E 34 -2.02 -30.46 27.42
C ILE E 34 -3.31 -31.15 27.85
N ALA E 35 -3.80 -32.05 27.01
CA ALA E 35 -5.03 -32.81 27.29
C ALA E 35 -4.91 -33.59 28.60
N ALA E 36 -3.74 -34.18 28.84
CA ALA E 36 -3.48 -35.00 30.02
C ALA E 36 -3.60 -34.25 31.35
N LEU E 37 -3.65 -32.92 31.31
CA LEU E 37 -3.82 -32.14 32.53
C LEU E 37 -5.30 -31.96 32.91
N MET E 38 -6.18 -32.47 32.06
CA MET E 38 -7.62 -32.32 32.26
C MET E 38 -8.29 -33.68 32.49
N ASP E 39 -9.60 -33.66 32.75
CA ASP E 39 -10.33 -34.90 33.03
C ASP E 39 -10.73 -35.63 31.76
N LYS E 40 -10.71 -36.96 31.83
CA LYS E 40 -11.14 -37.84 30.73
C LYS E 40 -10.53 -37.48 29.37
N PRO E 41 -9.18 -37.37 29.29
CA PRO E 41 -8.59 -37.02 28.00
C PRO E 41 -8.63 -38.19 27.02
N VAL E 42 -9.06 -37.92 25.79
CA VAL E 42 -9.13 -38.95 24.76
CA VAL E 42 -9.19 -38.94 24.74
C VAL E 42 -8.66 -38.39 23.41
N LYS E 43 -7.91 -39.21 22.68
CA LYS E 43 -7.49 -38.88 21.32
C LYS E 43 -8.73 -38.79 20.43
N LEU E 44 -8.74 -37.82 19.53
CA LEU E 44 -9.79 -37.76 18.52
C LEU E 44 -9.27 -38.15 17.13
N ALA E 45 -8.41 -37.32 16.55
CA ALA E 45 -7.95 -37.53 15.17
C ALA E 45 -6.57 -36.93 14.93
N SER E 46 -5.94 -37.40 13.86
CA SER E 46 -4.67 -36.85 13.41
C SER E 46 -4.62 -36.89 11.89
N HIS E 47 -4.60 -35.70 11.28
CA HIS E 47 -4.48 -35.55 9.85
C HIS E 47 -3.56 -34.36 9.60
N ARG E 48 -2.53 -34.57 8.77
CA ARG E 48 -1.48 -33.58 8.54
C ARG E 48 -0.99 -33.06 9.90
N GLU E 49 -0.89 -31.74 10.04
CA GLU E 49 -0.42 -31.12 11.27
C GLU E 49 -1.52 -30.90 12.31
N PHE E 50 -2.69 -31.49 12.09
CA PHE E 50 -3.86 -31.31 12.94
C PHE E 50 -4.14 -32.54 13.80
N THR E 51 -3.58 -32.54 15.01
CA THR E 51 -3.89 -33.56 15.99
C THR E 51 -4.84 -32.98 17.02
N SER E 52 -5.93 -33.69 17.25
CA SER E 52 -6.95 -33.24 18.17
C SER E 52 -7.23 -34.27 19.26
N TRP E 53 -7.39 -33.76 20.47
CA TRP E 53 -7.83 -34.52 21.63
C TRP E 53 -9.02 -33.82 22.26
N ARG E 54 -9.83 -34.57 22.99
CA ARG E 54 -10.88 -33.98 23.80
C ARG E 54 -10.61 -34.31 25.26
N ALA E 55 -10.95 -33.38 26.14
CA ALA E 55 -10.93 -33.62 27.56
C ALA E 55 -12.12 -32.94 28.22
N GLU E 56 -12.07 -32.81 29.53
CA GLU E 56 -13.17 -32.25 30.28
C GLU E 56 -12.61 -31.41 31.44
N LEU E 57 -13.18 -30.23 31.63
CA LEU E 57 -12.89 -29.41 32.80
C LEU E 57 -14.19 -29.01 33.46
N ASP E 58 -14.32 -29.31 34.74
CA ASP E 58 -15.52 -28.98 35.51
C ASP E 58 -16.78 -29.46 34.79
N GLY E 59 -16.71 -30.67 34.26
CA GLY E 59 -17.85 -31.32 33.60
C GLY E 59 -18.20 -30.79 32.22
N LYS E 60 -17.29 -29.99 31.65
CA LYS E 60 -17.51 -29.39 30.34
CA LYS E 60 -17.50 -29.37 30.34
C LYS E 60 -16.42 -29.83 29.35
N ALA E 61 -16.85 -30.18 28.13
CA ALA E 61 -15.92 -30.66 27.11
C ALA E 61 -15.02 -29.55 26.58
N VAL E 62 -13.74 -29.88 26.45
CA VAL E 62 -12.73 -28.97 25.93
C VAL E 62 -11.96 -29.71 24.83
N ILE E 63 -11.59 -28.97 23.79
CA ILE E 63 -10.79 -29.50 22.68
C ILE E 63 -9.35 -29.04 22.81
N VAL E 64 -8.41 -29.92 22.52
CA VAL E 64 -7.03 -29.51 22.27
C VAL E 64 -6.71 -29.91 20.82
N CYS E 65 -6.30 -28.95 20.01
CA CYS E 65 -6.03 -29.21 18.60
C CYS E 65 -4.83 -28.41 18.12
N SER E 66 -3.86 -29.09 17.51
CA SER E 66 -2.68 -28.40 16.99
C SER E 66 -2.97 -27.63 15.72
N THR E 67 -2.19 -26.59 15.46
CA THR E 67 -2.40 -25.73 14.28
C THR E 67 -1.34 -25.91 13.19
N GLY E 68 -0.22 -26.54 13.52
CA GLY E 68 0.96 -26.51 12.66
C GLY E 68 1.65 -25.16 12.77
N ILE E 69 2.71 -24.98 11.98
CA ILE E 69 3.46 -23.73 11.97
C ILE E 69 2.83 -22.77 10.97
N GLY E 70 2.56 -21.55 11.41
CA GLY E 70 2.18 -20.46 10.51
C GLY E 70 0.70 -20.22 10.31
N GLY E 71 0.40 -19.01 9.84
CA GLY E 71 -0.98 -18.57 9.61
C GLY E 71 -1.85 -19.46 8.75
N PRO E 72 -1.35 -19.91 7.58
CA PRO E 72 -2.15 -20.75 6.67
C PRO E 72 -2.76 -22.00 7.31
N SER E 73 -1.93 -22.81 7.98
CA SER E 73 -2.46 -24.02 8.61
CA SER E 73 -2.40 -24.02 8.64
C SER E 73 -3.32 -23.67 9.82
N THR E 74 -2.93 -22.64 10.57
CA THR E 74 -3.74 -22.12 11.69
C THR E 74 -5.14 -21.71 11.21
N SER E 75 -5.22 -21.03 10.07
CA SER E 75 -6.49 -20.54 9.54
C SER E 75 -7.43 -21.70 9.19
N ILE E 76 -6.85 -22.81 8.74
CA ILE E 76 -7.60 -24.03 8.46
C ILE E 76 -8.20 -24.59 9.75
N ALA E 77 -7.34 -24.79 10.76
CA ALA E 77 -7.76 -25.37 12.04
C ALA E 77 -8.83 -24.53 12.73
N VAL E 78 -8.64 -23.21 12.75
CA VAL E 78 -9.55 -22.32 13.46
C VAL E 78 -10.90 -22.31 12.76
N GLU E 79 -10.89 -22.22 11.44
CA GLU E 79 -12.14 -22.22 10.66
C GLU E 79 -12.96 -23.48 10.86
N GLU E 80 -12.29 -24.63 10.78
CA GLU E 80 -12.99 -25.91 10.84
C GLU E 80 -13.45 -26.21 12.26
N LEU E 81 -12.66 -25.79 13.25
CA LEU E 81 -13.11 -25.86 14.64
C LEU E 81 -14.33 -24.96 14.89
N ALA E 82 -14.30 -23.75 14.32
CA ALA E 82 -15.44 -22.84 14.39
C ALA E 82 -16.70 -23.47 13.79
N GLN E 83 -16.55 -24.14 12.66
CA GLN E 83 -17.65 -24.86 12.01
C GLN E 83 -18.25 -25.93 12.90
N LEU E 84 -17.40 -26.55 13.71
CA LEU E 84 -17.80 -27.64 14.60
C LEU E 84 -18.36 -27.13 15.93
N GLY E 85 -18.29 -25.82 16.14
CA GLY E 85 -18.89 -25.19 17.33
C GLY E 85 -17.95 -24.53 18.32
N ILE E 86 -16.64 -24.53 18.06
CA ILE E 86 -15.68 -23.83 18.93
C ILE E 86 -15.87 -22.32 18.79
N ARG E 87 -15.95 -21.63 19.93
CA ARG E 87 -16.18 -20.18 19.95
C ARG E 87 -15.06 -19.45 20.67
N THR E 88 -14.25 -20.19 21.43
CA THR E 88 -13.13 -19.63 22.18
C THR E 88 -11.86 -20.41 21.89
N PHE E 89 -10.80 -19.69 21.52
CA PHE E 89 -9.52 -20.30 21.17
C PHE E 89 -8.43 -19.74 22.05
N LEU E 90 -7.66 -20.64 22.67
CA LEU E 90 -6.52 -20.21 23.47
C LEU E 90 -5.27 -20.81 22.88
N ARG E 91 -4.45 -19.98 22.27
CA ARG E 91 -3.20 -20.45 21.73
C ARG E 91 -2.16 -20.53 22.83
N ILE E 92 -1.39 -21.61 22.80
CA ILE E 92 -0.25 -21.76 23.68
C ILE E 92 0.99 -22.09 22.84
N GLY E 93 2.05 -21.31 23.06
CA GLY E 93 3.31 -21.53 22.35
C GLY E 93 4.50 -21.42 23.29
N THR E 94 5.68 -21.68 22.72
CA THR E 94 6.94 -21.28 23.35
C THR E 94 7.53 -20.22 22.43
N THR E 95 8.33 -19.32 22.97
CA THR E 95 8.73 -18.14 22.21
C THR E 95 10.11 -17.58 22.57
N GLY E 96 10.65 -16.75 21.67
CA GLY E 96 11.89 -16.03 21.89
C GLY E 96 11.68 -14.54 22.05
N ALA E 97 12.06 -14.04 23.22
CA ALA E 97 11.87 -12.63 23.58
C ALA E 97 12.83 -11.70 22.86
N ILE E 98 12.37 -10.47 22.61
CA ILE E 98 13.20 -9.44 21.98
C ILE E 98 13.47 -8.26 22.91
N GLN E 99 12.89 -8.32 24.11
CA GLN E 99 13.15 -7.31 25.12
C GLN E 99 14.25 -7.78 26.06
N PRO E 100 15.25 -6.92 26.33
CA PRO E 100 16.33 -7.22 27.27
C PRO E 100 15.87 -7.71 28.64
N HIS E 101 14.75 -7.19 29.14
CA HIS E 101 14.28 -7.56 30.47
C HIS E 101 13.14 -8.59 30.51
N ILE E 102 12.94 -9.29 29.39
CA ILE E 102 12.10 -10.48 29.38
C ILE E 102 13.02 -11.70 29.32
N ASN E 103 12.99 -12.49 30.39
CA ASN E 103 13.95 -13.57 30.57
C ASN E 103 13.37 -14.94 30.23
N VAL E 104 14.25 -15.90 29.99
CA VAL E 104 13.85 -17.29 29.78
C VAL E 104 13.07 -17.77 31.02
N GLY E 105 11.97 -18.47 30.78
CA GLY E 105 11.11 -18.94 31.88
C GLY E 105 10.00 -17.97 32.24
N ASP E 106 10.03 -16.78 31.64
CA ASP E 106 8.93 -15.82 31.77
C ASP E 106 7.75 -16.28 30.92
N VAL E 107 6.57 -15.79 31.28
CA VAL E 107 5.33 -16.10 30.58
C VAL E 107 4.83 -14.82 29.91
N LEU E 108 4.49 -14.92 28.63
CA LEU E 108 3.98 -13.76 27.91
C LEU E 108 2.52 -13.95 27.55
N VAL E 109 1.71 -12.95 27.88
CA VAL E 109 0.32 -12.90 27.48
C VAL E 109 0.16 -11.79 26.44
N THR E 110 -0.38 -12.16 25.28
CA THR E 110 -0.45 -11.23 24.15
C THR E 110 -1.79 -10.50 24.11
N THR E 111 -1.74 -9.17 24.17
CA THR E 111 -2.95 -8.34 24.05
C THR E 111 -3.31 -8.15 22.58
N ALA E 112 -2.29 -8.03 21.74
CA ALA E 112 -2.45 -7.86 20.30
C ALA E 112 -1.13 -8.09 19.59
N SER E 113 -1.22 -8.33 18.29
CA SER E 113 -0.06 -8.70 17.50
C SER E 113 0.22 -7.75 16.34
N VAL E 114 1.51 -7.52 16.09
CA VAL E 114 1.96 -6.90 14.86
C VAL E 114 1.75 -7.93 13.76
N ARG E 115 1.06 -7.51 12.70
CA ARG E 115 0.63 -8.40 11.63
C ARG E 115 1.69 -8.48 10.53
N LEU E 116 2.70 -9.32 10.77
CA LEU E 116 3.75 -9.56 9.79
C LEU E 116 3.48 -10.88 9.06
N ASP E 117 2.19 -11.16 8.87
CA ASP E 117 1.71 -12.36 8.20
C ASP E 117 0.93 -11.99 6.95
N GLY E 118 0.53 -12.99 6.16
CA GLY E 118 -0.36 -12.76 5.03
C GLY E 118 -1.80 -13.18 5.32
N ALA E 119 -1.98 -14.22 6.11
CA ALA E 119 -3.32 -14.82 6.29
C ALA E 119 -4.31 -13.89 6.99
N SER E 120 -3.83 -13.08 7.93
CA SER E 120 -4.71 -12.12 8.63
C SER E 120 -5.45 -11.21 7.63
N LEU E 121 -4.75 -10.86 6.54
CA LEU E 121 -5.30 -9.98 5.50
C LEU E 121 -6.41 -10.65 4.70
N HIS E 122 -6.55 -11.96 4.85
CA HIS E 122 -7.61 -12.69 4.18
C HIS E 122 -8.91 -12.62 4.99
N PHE E 123 -8.84 -12.02 6.18
CA PHE E 123 -10.02 -11.85 7.03
C PHE E 123 -10.38 -10.39 7.29
N ALA E 124 -9.35 -9.54 7.40
CA ALA E 124 -9.56 -8.12 7.68
C ALA E 124 -8.44 -7.31 7.06
N PRO E 125 -8.73 -6.07 6.63
CA PRO E 125 -7.68 -5.23 6.07
C PRO E 125 -6.67 -4.86 7.18
N MET E 126 -5.50 -4.37 6.79
CA MET E 126 -4.42 -4.14 7.75
C MET E 126 -4.79 -3.19 8.90
N GLU E 127 -5.71 -2.26 8.66
CA GLU E 127 -6.12 -1.28 9.65
CA GLU E 127 -6.13 -1.27 9.66
C GLU E 127 -6.77 -1.93 10.87
N PHE E 128 -7.33 -3.12 10.67
CA PHE E 128 -8.00 -3.86 11.73
C PHE E 128 -6.99 -4.44 12.72
N PRO E 129 -7.25 -4.30 14.04
CA PRO E 129 -6.28 -4.78 15.03
C PRO E 129 -6.31 -6.30 15.23
N ALA E 130 -5.14 -6.92 15.23
CA ALA E 130 -5.00 -8.34 15.58
C ALA E 130 -5.05 -8.44 17.10
N VAL E 131 -6.22 -8.20 17.66
CA VAL E 131 -6.40 -8.04 19.10
C VAL E 131 -7.01 -9.29 19.75
N ALA E 132 -6.52 -9.63 20.93
CA ALA E 132 -7.05 -10.73 21.71
C ALA E 132 -8.35 -10.31 22.40
N ASP E 133 -9.19 -11.30 22.68
CA ASP E 133 -10.42 -11.11 23.43
C ASP E 133 -10.08 -10.79 24.89
N PHE E 134 -10.81 -9.86 25.48
CA PHE E 134 -10.54 -9.37 26.83
C PHE E 134 -10.74 -10.45 27.90
N ALA E 135 -11.82 -11.21 27.79
CA ALA E 135 -12.10 -12.31 28.72
C ALA E 135 -10.98 -13.36 28.68
N CYS E 136 -10.50 -13.67 27.48
CA CYS E 136 -9.41 -14.63 27.31
C CYS E 136 -8.10 -14.10 27.91
N THR E 137 -7.77 -12.87 27.56
CA THR E 137 -6.57 -12.21 28.10
C THR E 137 -6.63 -12.15 29.64
N THR E 138 -7.77 -11.72 30.17
CA THR E 138 -8.02 -11.71 31.62
C THR E 138 -7.78 -13.08 32.27
N ALA E 139 -8.40 -14.11 31.73
CA ALA E 139 -8.27 -15.48 32.26
C ALA E 139 -6.81 -15.95 32.28
N LEU E 140 -6.08 -15.66 31.22
CA LEU E 140 -4.67 -16.04 31.10
C LEU E 140 -3.78 -15.30 32.10
N VAL E 141 -3.98 -13.99 32.21
CA VAL E 141 -3.22 -13.17 33.16
C VAL E 141 -3.49 -13.61 34.59
N GLU E 142 -4.76 -13.81 34.91
CA GLU E 142 -5.16 -14.25 36.25
C GLU E 142 -4.65 -15.65 36.57
N ALA E 143 -4.68 -16.55 35.59
CA ALA E 143 -4.13 -17.90 35.75
C ALA E 143 -2.62 -17.85 36.00
N ALA E 144 -1.93 -16.97 35.27
CA ALA E 144 -0.49 -16.78 35.42
C ALA E 144 -0.14 -16.25 36.82
N LYS E 145 -0.92 -15.29 37.31
CA LYS E 145 -0.70 -14.74 38.64
C LYS E 145 -1.03 -15.76 39.73
N SER E 146 -2.04 -16.61 39.50
CA SER E 146 -2.44 -17.61 40.48
C SER E 146 -1.38 -18.69 40.74
N ILE E 147 -0.46 -18.87 39.78
CA ILE E 147 0.66 -19.80 39.97
C ILE E 147 2.01 -19.09 40.18
N GLY E 148 1.99 -17.77 40.20
CA GLY E 148 3.17 -16.97 40.55
C GLY E 148 4.24 -16.86 39.48
N ALA E 149 3.85 -17.06 38.22
CA ALA E 149 4.76 -16.87 37.09
C ALA E 149 5.16 -15.40 36.93
N THR E 150 6.36 -15.16 36.41
CA THR E 150 6.77 -13.81 36.03
C THR E 150 6.16 -13.56 34.66
N THR E 151 5.21 -12.63 34.61
CA THR E 151 4.34 -12.44 33.46
C THR E 151 4.49 -11.07 32.83
N HIS E 152 4.56 -11.04 31.49
CA HIS E 152 4.57 -9.79 30.75
C HIS E 152 3.38 -9.78 29.81
N VAL E 153 2.65 -8.67 29.83
CA VAL E 153 1.42 -8.53 29.06
C VAL E 153 1.63 -7.41 28.05
N GLY E 154 1.36 -7.69 26.78
CA GLY E 154 1.59 -6.70 25.73
C GLY E 154 1.64 -7.24 24.32
N VAL E 155 2.41 -6.57 23.49
CA VAL E 155 2.37 -6.77 22.03
C VAL E 155 3.41 -7.79 21.57
N THR E 156 2.99 -8.61 20.60
CA THR E 156 3.80 -9.66 20.02
C THR E 156 3.91 -9.41 18.51
N ALA E 157 5.10 -9.63 17.95
CA ALA E 157 5.26 -9.57 16.50
C ALA E 157 5.04 -10.96 15.92
N SER E 158 4.11 -11.07 14.98
CA SER E 158 3.72 -12.36 14.43
C SER E 158 4.12 -12.44 12.96
N SER E 159 5.11 -13.27 12.67
CA SER E 159 5.81 -13.29 11.39
C SER E 159 5.51 -14.54 10.58
N ASP E 160 5.33 -14.38 9.27
CA ASP E 160 5.15 -15.51 8.35
C ASP E 160 6.46 -16.31 8.15
N THR E 161 7.58 -15.79 8.63
CA THR E 161 8.83 -16.54 8.54
C THR E 161 9.51 -16.64 9.89
N PHE E 162 10.34 -17.66 10.03
CA PHE E 162 11.15 -17.88 11.20
C PHE E 162 12.45 -17.10 11.05
N TYR E 163 12.86 -16.89 9.80
CA TYR E 163 14.17 -16.30 9.51
C TYR E 163 14.13 -14.79 9.15
N PRO E 164 13.91 -14.44 7.86
CA PRO E 164 14.06 -13.00 7.54
C PRO E 164 13.04 -12.09 8.26
N GLY E 165 11.82 -12.59 8.46
CA GLY E 165 10.76 -11.82 9.12
C GLY E 165 11.04 -11.54 10.58
N GLN E 166 11.96 -12.31 11.16
CA GLN E 166 12.39 -12.11 12.52
C GLN E 166 13.82 -11.54 12.55
N GLU E 167 14.23 -11.01 11.41
CA GLU E 167 15.56 -10.44 11.16
C GLU E 167 16.74 -11.32 11.60
N ARG E 168 16.66 -12.59 11.24
CA ARG E 168 17.79 -13.51 11.41
C ARG E 168 18.68 -13.51 10.18
N TYR E 169 19.99 -13.40 10.41
CA TYR E 169 20.98 -13.33 9.32
C TYR E 169 21.81 -14.59 9.21
N ASP E 170 21.65 -15.48 10.18
CA ASP E 170 22.38 -16.75 10.23
C ASP E 170 21.72 -17.75 9.28
N THR E 171 21.66 -17.38 8.00
CA THR E 171 20.89 -18.10 7.00
C THR E 171 21.73 -18.41 5.77
N TYR E 172 21.12 -19.12 4.84
CA TYR E 172 21.75 -19.44 3.56
C TYR E 172 22.25 -18.20 2.82
N SER E 173 21.36 -17.22 2.61
CA SER E 173 21.72 -15.98 1.90
C SER E 173 22.43 -14.96 2.79
N GLY E 174 22.17 -15.00 4.09
CA GLY E 174 22.69 -14.01 5.01
C GLY E 174 22.11 -12.62 4.78
N ARG E 175 21.05 -12.55 3.97
CA ARG E 175 20.42 -11.27 3.68
C ARG E 175 18.98 -11.19 4.21
N VAL E 176 18.56 -9.98 4.52
CA VAL E 176 17.20 -9.70 4.93
C VAL E 176 16.66 -8.60 4.03
N VAL E 177 15.52 -8.86 3.43
CA VAL E 177 14.83 -7.90 2.56
C VAL E 177 14.67 -6.53 3.25
N ARG E 178 14.68 -5.46 2.44
CA ARG E 178 14.61 -4.08 2.92
C ARG E 178 13.56 -3.85 4.01
N ARG E 179 12.35 -4.35 3.80
CA ARG E 179 11.24 -4.25 4.76
C ARG E 179 11.65 -4.64 6.17
N PHE E 180 12.45 -5.70 6.28
CA PHE E 180 12.78 -6.26 7.59
C PHE E 180 14.18 -5.92 8.13
N LYS E 181 14.99 -5.24 7.31
CA LYS E 181 16.28 -4.74 7.76
C LYS E 181 16.06 -3.71 8.85
N GLY E 182 16.66 -3.94 10.02
CA GLY E 182 16.52 -3.02 11.15
C GLY E 182 15.18 -3.10 11.85
N SER E 183 14.36 -4.09 11.49
CA SER E 183 13.01 -4.20 12.02
C SER E 183 12.94 -4.67 13.48
N MET E 184 13.86 -5.54 13.88
CA MET E 184 13.86 -6.02 15.27
C MET E 184 14.10 -4.87 16.24
N GLU E 185 15.07 -4.03 15.94
CA GLU E 185 15.37 -2.87 16.77
C GLU E 185 14.12 -1.97 16.85
N GLU E 186 13.46 -1.79 15.71
CA GLU E 186 12.23 -1.00 15.65
C GLU E 186 11.13 -1.57 16.55
N TRP E 187 10.86 -2.87 16.43
CA TRP E 187 9.87 -3.51 17.30
C TRP E 187 10.25 -3.39 18.77
N GLN E 188 11.55 -3.58 19.05
CA GLN E 188 12.07 -3.45 20.42
CA GLN E 188 12.07 -3.44 20.42
C GLN E 188 11.76 -2.06 21.00
N ALA E 189 12.06 -1.02 20.24
CA ALA E 189 11.83 0.37 20.64
C ALA E 189 10.35 0.67 20.85
N MET E 190 9.50 -0.05 20.12
CA MET E 190 8.04 0.06 20.24
C MET E 190 7.44 -0.80 21.36
N GLY E 191 8.30 -1.52 22.09
CA GLY E 191 7.85 -2.29 23.25
C GLY E 191 7.31 -3.67 22.93
N VAL E 192 7.51 -4.11 21.69
CA VAL E 192 7.10 -5.47 21.30
C VAL E 192 7.87 -6.49 22.12
N MET E 193 7.15 -7.45 22.69
CA MET E 193 7.74 -8.41 23.62
C MET E 193 8.58 -9.48 22.93
N ASN E 194 8.05 -10.02 21.84
CA ASN E 194 8.55 -11.27 21.28
C ASN E 194 8.13 -11.47 19.83
N TYR E 195 8.70 -12.51 19.22
CA TYR E 195 8.31 -13.03 17.91
C TYR E 195 7.66 -14.41 18.04
N GLU E 196 6.59 -14.61 17.29
CA GLU E 196 6.12 -15.97 16.98
C GLU E 196 5.46 -15.93 15.59
N MET E 197 4.71 -16.96 15.23
CA MET E 197 4.32 -17.10 13.83
C MET E 197 2.83 -17.33 13.53
N GLU E 198 1.98 -17.35 14.55
CA GLU E 198 0.57 -17.73 14.35
C GLU E 198 -0.47 -16.75 14.90
N SER E 199 -0.07 -15.89 15.83
CA SER E 199 -1.05 -15.06 16.55
C SER E 199 -1.75 -13.98 15.71
N ALA E 200 -1.02 -13.33 14.80
CA ALA E 200 -1.62 -12.32 13.92
C ALA E 200 -2.80 -12.92 13.17
N THR E 201 -2.62 -14.12 12.62
CA THR E 201 -3.69 -14.82 11.93
C THR E 201 -4.82 -15.22 12.88
N LEU E 202 -4.47 -15.94 13.95
CA LEU E 202 -5.44 -16.37 14.96
C LEU E 202 -6.27 -15.21 15.48
N LEU E 203 -5.60 -14.16 15.96
CA LEU E 203 -6.30 -13.06 16.62
C LEU E 203 -7.17 -12.25 15.65
N THR E 204 -6.65 -12.00 14.46
CA THR E 204 -7.42 -11.24 13.45
C THR E 204 -8.63 -12.03 13.00
N MET E 205 -8.45 -13.32 12.70
CA MET E 205 -9.57 -14.10 12.19
C MET E 205 -10.68 -14.27 13.22
N CYS E 206 -10.32 -14.34 14.50
CA CYS E 206 -11.31 -14.46 15.57
C CYS E 206 -12.00 -13.14 15.89
N ALA E 207 -11.21 -12.08 16.01
CA ALA E 207 -11.73 -10.76 16.39
C ALA E 207 -12.67 -10.18 15.33
N SER E 208 -12.48 -10.59 14.08
CA SER E 208 -13.29 -10.10 12.96
C SER E 208 -14.46 -11.04 12.60
N GLN E 209 -14.62 -12.13 13.36
CA GLN E 209 -15.65 -13.14 13.06
C GLN E 209 -16.47 -13.58 14.27
N GLY E 210 -16.42 -12.78 15.34
CA GLY E 210 -17.19 -13.03 16.56
C GLY E 210 -16.72 -14.23 17.35
N LEU E 211 -15.41 -14.51 17.29
CA LEU E 211 -14.82 -15.60 18.05
C LEU E 211 -13.88 -15.01 19.08
N ARG E 212 -13.78 -15.67 20.23
CA ARG E 212 -12.87 -15.18 21.27
C ARG E 212 -11.52 -15.89 21.13
N ALA E 213 -10.44 -15.12 21.20
CA ALA E 213 -9.10 -15.70 21.20
C ALA E 213 -8.15 -15.03 22.18
N GLY E 214 -7.26 -15.83 22.74
CA GLY E 214 -6.19 -15.34 23.59
C GLY E 214 -4.91 -16.08 23.29
N MET E 215 -3.80 -15.54 23.76
CA MET E 215 -2.55 -16.25 23.63
C MET E 215 -1.59 -16.08 24.80
N VAL E 216 -0.98 -17.20 25.16
CA VAL E 216 0.02 -17.26 26.19
C VAL E 216 1.21 -18.03 25.62
N ALA E 217 2.42 -17.63 26.02
CA ALA E 217 3.64 -18.31 25.57
C ALA E 217 4.71 -18.32 26.66
N GLY E 218 5.55 -19.35 26.62
CA GLY E 218 6.68 -19.45 27.53
C GLY E 218 7.94 -19.00 26.83
N VAL E 219 8.73 -18.17 27.50
CA VAL E 219 10.00 -17.72 26.95
C VAL E 219 11.04 -18.78 27.24
N ILE E 220 11.67 -19.27 26.17
CA ILE E 220 12.68 -20.30 26.29
C ILE E 220 14.06 -19.82 25.80
N VAL E 221 14.10 -18.61 25.22
CA VAL E 221 15.31 -18.03 24.62
C VAL E 221 15.16 -16.50 24.44
N ASN E 222 16.26 -15.76 24.54
CA ASN E 222 16.25 -14.31 24.32
C ASN E 222 17.11 -13.84 23.13
N ARG E 223 16.48 -13.14 22.19
CA ARG E 223 17.11 -12.73 20.92
C ARG E 223 18.13 -11.58 21.02
N THR E 224 18.27 -10.99 22.19
CA THR E 224 19.22 -9.90 22.40
C THR E 224 20.60 -10.45 22.71
N GLN E 236 9.80 -27.71 31.59
CA GLN E 236 9.67 -26.93 32.81
C GLN E 236 9.03 -25.56 32.53
N THR E 237 9.58 -24.84 31.55
CA THR E 237 9.00 -23.58 31.09
C THR E 237 7.68 -23.86 30.38
N GLU E 238 7.71 -24.84 29.46
CA GLU E 238 6.53 -25.27 28.72
C GLU E 238 5.38 -25.67 29.65
N SER E 239 5.67 -26.52 30.64
CA SER E 239 4.66 -27.04 31.57
C SER E 239 4.01 -25.99 32.47
N HIS E 240 4.68 -24.85 32.63
CA HIS E 240 4.13 -23.71 33.37
C HIS E 240 3.18 -22.89 32.52
N ALA E 241 3.57 -22.65 31.27
CA ALA E 241 2.67 -22.04 30.29
C ALA E 241 1.46 -22.95 30.05
N VAL E 242 1.70 -24.26 30.01
CA VAL E 242 0.64 -25.26 29.84
C VAL E 242 -0.34 -25.25 31.01
N LYS E 243 0.17 -25.18 32.23
CA LYS E 243 -0.68 -25.08 33.41
C LYS E 243 -1.55 -23.81 33.37
N ILE E 244 -0.96 -22.72 32.89
CA ILE E 244 -1.66 -21.44 32.78
C ILE E 244 -2.81 -21.50 31.77
N VAL E 245 -2.57 -22.06 30.59
CA VAL E 245 -3.61 -22.15 29.56
C VAL E 245 -4.79 -23.04 29.99
N VAL E 246 -4.49 -24.11 30.74
CA VAL E 246 -5.53 -25.01 31.21
C VAL E 246 -6.37 -24.33 32.31
N GLU E 247 -5.70 -23.68 33.26
CA GLU E 247 -6.40 -22.94 34.31
C GLU E 247 -7.20 -21.76 33.74
N ALA E 248 -6.66 -21.10 32.72
CA ALA E 248 -7.39 -20.03 32.02
C ALA E 248 -8.64 -20.58 31.34
N ALA E 249 -8.51 -21.71 30.65
CA ALA E 249 -9.62 -22.40 30.00
C ALA E 249 -10.72 -22.72 31.02
N ARG E 250 -10.32 -23.19 32.19
CA ARG E 250 -11.23 -23.47 33.29
C ARG E 250 -12.14 -22.26 33.57
N ARG E 251 -11.57 -21.06 33.50
CA ARG E 251 -12.29 -19.82 33.82
C ARG E 251 -13.18 -19.30 32.69
N LEU E 252 -13.10 -19.94 31.52
CA LEU E 252 -13.79 -19.44 30.32
C LEU E 252 -14.90 -20.34 29.80
N LEU E 253 -15.17 -21.43 30.51
CA LEU E 253 -16.18 -22.40 30.09
C LEU E 253 -17.61 -21.95 30.40
N LYS F 3 -31.52 26.03 16.87
CA LYS F 3 -30.39 27.01 17.06
C LYS F 3 -29.07 26.57 16.39
N SER F 4 -29.11 25.46 15.65
CA SER F 4 -27.99 25.00 14.82
C SER F 4 -28.39 24.06 13.69
N ASP F 5 -28.05 24.44 12.46
CA ASP F 5 -28.33 23.63 11.27
C ASP F 5 -27.27 22.54 11.02
N VAL F 6 -26.18 22.61 11.78
CA VAL F 6 -25.04 21.70 11.63
C VAL F 6 -24.64 21.12 12.99
N PHE F 7 -24.08 19.91 12.99
CA PHE F 7 -23.87 19.20 14.25
C PHE F 7 -22.85 19.83 15.21
N HIS F 8 -21.71 20.28 14.70
CA HIS F 8 -20.60 20.71 15.56
C HIS F 8 -20.44 22.21 15.74
N LEU F 9 -20.71 22.98 14.68
CA LEU F 9 -20.39 24.42 14.69
C LEU F 9 -21.33 25.28 15.52
N GLY F 10 -22.57 24.82 15.70
CA GLY F 10 -23.58 25.57 16.42
C GLY F 10 -24.05 26.78 15.63
N LEU F 11 -24.10 26.62 14.31
CA LEU F 11 -24.47 27.70 13.40
C LEU F 11 -25.70 27.34 12.57
N THR F 12 -26.47 28.35 12.19
CA THR F 12 -27.58 28.17 11.26
C THR F 12 -27.25 28.89 9.97
N LYS F 13 -27.88 28.46 8.87
CA LYS F 13 -27.71 29.10 7.57
C LYS F 13 -28.04 30.58 7.69
N ASN F 14 -29.04 30.89 8.52
CA ASN F 14 -29.40 32.27 8.82
C ASN F 14 -28.25 33.11 9.39
N ASP F 15 -27.47 32.49 10.28
CA ASP F 15 -26.29 33.11 10.90
C ASP F 15 -25.27 33.65 9.90
N LEU F 16 -25.19 33.00 8.73
CA LEU F 16 -24.20 33.35 7.72
C LEU F 16 -24.55 34.60 6.91
N GLN F 17 -25.84 34.93 6.84
CA GLN F 17 -26.30 36.14 6.15
C GLN F 17 -25.85 36.19 4.69
N GLY F 18 -25.89 35.03 4.03
CA GLY F 18 -25.52 34.93 2.63
C GLY F 18 -24.04 34.72 2.36
N ALA F 19 -23.23 34.63 3.42
CA ALA F 19 -21.79 34.41 3.29
C ALA F 19 -21.49 33.20 2.40
N GLN F 20 -20.51 33.37 1.51
CA GLN F 20 -20.08 32.30 0.60
C GLN F 20 -18.58 32.03 0.71
N LEU F 21 -17.91 32.85 1.51
CA LEU F 21 -16.48 32.71 1.74
C LEU F 21 -16.20 32.69 3.24
N ALA F 22 -15.31 31.78 3.64
CA ALA F 22 -14.86 31.69 5.00
C ALA F 22 -13.33 31.73 5.08
N ILE F 23 -12.84 32.49 6.04
CA ILE F 23 -11.42 32.49 6.38
C ILE F 23 -11.29 31.52 7.55
N VAL F 24 -10.38 30.56 7.43
CA VAL F 24 -10.33 29.46 8.38
C VAL F 24 -8.96 29.33 9.09
N PRO F 25 -8.78 30.05 10.21
CA PRO F 25 -7.55 29.89 10.98
C PRO F 25 -7.60 28.62 11.82
N GLY F 26 -6.44 28.16 12.29
CA GLY F 26 -6.39 27.00 13.17
C GLY F 26 -6.85 27.30 14.58
N ASP F 27 -6.45 28.45 15.10
CA ASP F 27 -6.64 28.80 16.51
C ASP F 27 -7.92 29.62 16.73
N PRO F 28 -8.85 29.11 17.57
CA PRO F 28 -10.07 29.80 17.96
C PRO F 28 -9.84 31.23 18.41
N GLU F 29 -8.72 31.45 19.09
CA GLU F 29 -8.38 32.75 19.68
C GLU F 29 -7.93 33.79 18.65
N ARG F 30 -7.72 33.35 17.41
CA ARG F 30 -7.30 34.24 16.33
CA ARG F 30 -7.30 34.24 16.33
C ARG F 30 -8.51 34.75 15.54
N VAL F 31 -9.66 34.08 15.75
CA VAL F 31 -10.86 34.38 14.98
C VAL F 31 -11.33 35.84 15.11
N GLU F 32 -11.46 36.30 16.37
CA GLU F 32 -11.90 37.68 16.64
C GLU F 32 -10.97 38.70 16.01
N LYS F 33 -9.67 38.46 16.12
CA LYS F 33 -8.63 39.33 15.55
C LYS F 33 -8.82 39.54 14.05
N ILE F 34 -9.01 38.45 13.32
CA ILE F 34 -9.21 38.51 11.87
C ILE F 34 -10.51 39.26 11.56
N ALA F 35 -11.59 38.87 12.23
CA ALA F 35 -12.91 39.48 12.03
C ALA F 35 -12.88 40.99 12.25
N ALA F 36 -12.06 41.42 13.21
CA ALA F 36 -11.93 42.83 13.58
C ALA F 36 -11.38 43.70 12.44
N LEU F 37 -10.63 43.09 11.53
CA LEU F 37 -10.07 43.81 10.38
C LEU F 37 -11.12 44.14 9.32
N MET F 38 -12.36 43.71 9.55
CA MET F 38 -13.43 43.88 8.57
C MET F 38 -14.61 44.64 9.17
N ASP F 39 -15.61 44.94 8.34
CA ASP F 39 -16.80 45.69 8.78
C ASP F 39 -17.73 44.83 9.60
N LYS F 40 -18.38 45.47 10.58
CA LYS F 40 -19.47 44.86 11.35
C LYS F 40 -19.15 43.46 11.89
N PRO F 41 -18.06 43.32 12.68
CA PRO F 41 -17.72 41.99 13.21
C PRO F 41 -18.68 41.57 14.32
N VAL F 42 -19.27 40.39 14.16
CA VAL F 42 -20.25 39.84 15.11
C VAL F 42 -19.89 38.39 15.45
N LYS F 43 -19.74 38.11 16.74
CA LYS F 43 -19.52 36.74 17.20
C LYS F 43 -20.78 35.89 16.99
N LEU F 44 -20.58 34.69 16.46
CA LEU F 44 -21.69 33.79 16.18
C LEU F 44 -21.79 32.66 17.20
N ALA F 45 -20.69 31.93 17.38
CA ALA F 45 -20.69 30.72 18.20
C ALA F 45 -19.29 30.32 18.62
N SER F 46 -19.24 29.52 19.69
CA SER F 46 -18.01 28.90 20.16
C SER F 46 -18.34 27.54 20.77
N HIS F 47 -17.97 26.48 20.06
CA HIS F 47 -18.21 25.11 20.50
C HIS F 47 -16.98 24.29 20.17
N ARG F 48 -16.43 23.61 21.18
CA ARG F 48 -15.18 22.86 21.04
C ARG F 48 -14.07 23.80 20.50
N GLU F 49 -13.35 23.35 19.48
CA GLU F 49 -12.33 24.18 18.85
C GLU F 49 -12.89 25.07 17.73
N PHE F 50 -14.22 25.17 17.64
CA PHE F 50 -14.85 25.91 16.56
C PHE F 50 -15.44 27.23 17.03
N THR F 51 -14.66 28.29 16.86
CA THR F 51 -15.12 29.66 17.15
C THR F 51 -15.36 30.37 15.83
N SER F 52 -16.55 30.94 15.70
CA SER F 52 -16.95 31.58 14.46
C SER F 52 -17.48 32.99 14.65
N TRP F 53 -17.00 33.89 13.79
CA TRP F 53 -17.50 35.25 13.72
C TRP F 53 -18.00 35.50 12.30
N ARG F 54 -18.94 36.42 12.16
CA ARG F 54 -19.31 36.93 10.86
C ARG F 54 -18.85 38.39 10.77
N ALA F 55 -18.41 38.80 9.58
CA ALA F 55 -18.05 40.19 9.33
C ALA F 55 -18.48 40.59 7.93
N GLU F 56 -18.15 41.82 7.54
CA GLU F 56 -18.47 42.32 6.21
C GLU F 56 -17.26 42.89 5.50
N LEU F 57 -17.19 42.60 4.20
CA LEU F 57 -16.08 43.01 3.37
C LEU F 57 -16.66 43.47 2.04
N ASP F 58 -16.60 44.79 1.80
CA ASP F 58 -17.21 45.42 0.63
C ASP F 58 -18.71 45.10 0.47
N GLY F 59 -19.41 45.11 1.59
CA GLY F 59 -20.87 44.93 1.61
C GLY F 59 -21.33 43.48 1.59
N LYS F 60 -20.38 42.55 1.66
CA LYS F 60 -20.70 41.12 1.56
C LYS F 60 -20.33 40.38 2.84
N ALA F 61 -21.22 39.49 3.26
CA ALA F 61 -21.00 38.68 4.47
C ALA F 61 -19.84 37.72 4.29
N VAL F 62 -18.97 37.68 5.28
CA VAL F 62 -17.81 36.77 5.30
C VAL F 62 -17.75 36.09 6.67
N ILE F 63 -17.47 34.79 6.68
CA ILE F 63 -17.31 34.04 7.92
C ILE F 63 -15.83 33.88 8.27
N VAL F 64 -15.52 33.99 9.56
CA VAL F 64 -14.22 33.56 10.08
C VAL F 64 -14.50 32.44 11.07
N CYS F 65 -13.94 31.26 10.82
CA CYS F 65 -14.20 30.09 11.66
C CYS F 65 -12.91 29.30 11.89
N SER F 66 -12.60 29.05 13.16
CA SER F 66 -11.45 28.23 13.51
C SER F 66 -11.68 26.76 13.14
N THR F 67 -10.58 26.05 12.88
CA THR F 67 -10.65 24.64 12.49
C THR F 67 -10.15 23.70 13.58
N GLY F 68 -9.49 24.28 14.60
CA GLY F 68 -8.65 23.48 15.48
C GLY F 68 -7.42 22.97 14.73
N ILE F 69 -6.56 22.24 15.43
CA ILE F 69 -5.37 21.64 14.84
C ILE F 69 -5.70 20.32 14.14
N GLY F 70 -5.28 20.18 12.89
CA GLY F 70 -5.32 18.90 12.20
C GLY F 70 -6.47 18.71 11.24
N GLY F 71 -6.23 17.84 10.26
CA GLY F 71 -7.24 17.45 9.27
C GLY F 71 -8.62 17.06 9.79
N PRO F 72 -8.69 16.15 10.79
CA PRO F 72 -10.02 15.75 11.27
C PRO F 72 -10.93 16.90 11.67
N SER F 73 -10.50 17.75 12.59
CA SER F 73 -11.31 18.90 12.98
C SER F 73 -11.53 19.90 11.82
N THR F 74 -10.51 20.08 10.99
CA THR F 74 -10.64 20.88 9.76
C THR F 74 -11.76 20.33 8.86
N SER F 75 -11.80 19.01 8.67
CA SER F 75 -12.80 18.40 7.78
C SER F 75 -14.23 18.61 8.27
N ILE F 76 -14.41 18.66 9.58
CA ILE F 76 -15.70 18.94 10.18
C ILE F 76 -16.11 20.39 9.92
N ALA F 77 -15.22 21.33 10.23
CA ALA F 77 -15.49 22.74 9.99
C ALA F 77 -15.83 23.03 8.52
N VAL F 78 -15.02 22.50 7.60
CA VAL F 78 -15.20 22.76 6.17
C VAL F 78 -16.53 22.16 5.67
N GLU F 79 -16.81 20.92 6.09
CA GLU F 79 -18.02 20.24 5.64
C GLU F 79 -19.28 20.96 6.10
N GLU F 80 -19.32 21.31 7.39
CA GLU F 80 -20.49 21.96 7.96
C GLU F 80 -20.64 23.39 7.45
N LEU F 81 -19.51 24.09 7.24
CA LEU F 81 -19.54 25.39 6.58
C LEU F 81 -20.03 25.30 5.13
N ALA F 82 -19.61 24.26 4.41
CA ALA F 82 -20.12 23.99 3.06
C ALA F 82 -21.62 23.73 3.08
N GLN F 83 -22.08 22.94 4.05
CA GLN F 83 -23.51 22.67 4.25
C GLN F 83 -24.30 23.96 4.45
N LEU F 84 -23.68 24.95 5.09
CA LEU F 84 -24.33 26.24 5.35
C LEU F 84 -24.18 27.22 4.18
N GLY F 85 -23.44 26.81 3.15
CA GLY F 85 -23.34 27.60 1.92
C GLY F 85 -22.00 28.18 1.53
N ILE F 86 -20.96 27.95 2.35
CA ILE F 86 -19.62 28.43 2.02
C ILE F 86 -19.04 27.61 0.87
N ARG F 87 -18.47 28.31 -0.12
CA ARG F 87 -17.96 27.69 -1.33
C ARG F 87 -16.48 27.99 -1.54
N THR F 88 -15.97 28.96 -0.79
CA THR F 88 -14.57 29.35 -0.87
C THR F 88 -14.00 29.39 0.55
N PHE F 89 -12.89 28.69 0.74
CA PHE F 89 -12.21 28.61 2.02
C PHE F 89 -10.78 29.10 1.89
N LEU F 90 -10.40 30.06 2.73
CA LEU F 90 -9.02 30.54 2.77
C LEU F 90 -8.41 30.21 4.12
N ARG F 91 -7.45 29.29 4.14
CA ARG F 91 -6.75 29.01 5.39
C ARG F 91 -5.64 30.03 5.63
N ILE F 92 -5.62 30.54 6.85
CA ILE F 92 -4.54 31.39 7.34
C ILE F 92 -3.89 30.70 8.53
N GLY F 93 -2.62 30.37 8.38
CA GLY F 93 -1.92 29.61 9.42
C GLY F 93 -0.58 30.16 9.85
N THR F 94 0.06 29.42 10.74
CA THR F 94 1.45 29.65 11.15
C THR F 94 2.23 28.45 10.63
N THR F 95 3.53 28.61 10.45
CA THR F 95 4.31 27.56 9.80
C THR F 95 5.79 27.58 10.15
N GLY F 96 6.40 26.40 10.08
CA GLY F 96 7.85 26.27 10.17
C GLY F 96 8.43 26.03 8.79
N ALA F 97 9.29 26.94 8.36
CA ALA F 97 10.00 26.79 7.08
C ALA F 97 11.13 25.77 7.18
N ILE F 98 11.34 25.03 6.09
CA ILE F 98 12.41 24.04 6.07
C ILE F 98 13.46 24.33 5.01
N GLN F 99 13.31 25.47 4.34
CA GLN F 99 14.33 25.95 3.41
C GLN F 99 15.16 27.05 4.09
N PRO F 100 16.49 27.05 3.87
CA PRO F 100 17.39 27.99 4.53
C PRO F 100 17.11 29.44 4.12
N HIS F 101 16.70 29.64 2.87
CA HIS F 101 16.49 30.99 2.33
C HIS F 101 15.17 31.64 2.77
N ILE F 102 14.27 30.85 3.34
CA ILE F 102 12.99 31.38 3.81
C ILE F 102 13.15 31.88 5.24
N ASN F 103 12.89 33.17 5.45
CA ASN F 103 13.10 33.80 6.75
C ASN F 103 11.86 33.81 7.63
N VAL F 104 12.08 33.90 8.94
CA VAL F 104 10.99 34.11 9.89
C VAL F 104 10.30 35.44 9.56
N GLY F 105 8.97 35.42 9.51
CA GLY F 105 8.19 36.59 9.15
C GLY F 105 7.82 36.65 7.67
N ASP F 106 8.42 35.80 6.86
CA ASP F 106 8.04 35.65 5.45
C ASP F 106 6.64 35.05 5.32
N VAL F 107 6.04 35.21 4.13
CA VAL F 107 4.68 34.73 3.88
C VAL F 107 4.72 33.63 2.80
N LEU F 108 4.06 32.51 3.07
CA LEU F 108 4.09 31.37 2.16
C LEU F 108 2.72 31.08 1.59
N VAL F 109 2.62 31.08 0.27
CA VAL F 109 1.39 30.69 -0.42
C VAL F 109 1.58 29.27 -0.96
N THR F 110 0.66 28.38 -0.59
CA THR F 110 0.74 26.97 -0.94
C THR F 110 -0.02 26.68 -2.23
N THR F 111 0.69 26.12 -3.21
CA THR F 111 0.07 25.68 -4.46
C THR F 111 -0.54 24.30 -4.31
N ALA F 112 0.15 23.44 -3.54
CA ALA F 112 -0.31 22.08 -3.27
C ALA F 112 0.49 21.52 -2.11
N SER F 113 -0.03 20.46 -1.50
CA SER F 113 0.58 19.93 -0.29
C SER F 113 0.98 18.46 -0.40
N VAL F 114 2.08 18.12 0.25
CA VAL F 114 2.43 16.71 0.47
C VAL F 114 1.44 16.17 1.50
N ARG F 115 0.76 15.08 1.15
CA ARG F 115 -0.29 14.53 2.00
C ARG F 115 0.28 13.59 3.05
N LEU F 116 0.79 14.17 4.13
CA LEU F 116 1.28 13.38 5.27
C LEU F 116 0.19 13.28 6.35
N ASP F 117 -1.05 13.30 5.88
CA ASP F 117 -2.24 13.26 6.73
C ASP F 117 -3.06 11.99 6.45
N GLY F 118 -4.11 11.78 7.24
CA GLY F 118 -5.04 10.68 7.00
C GLY F 118 -6.38 11.12 6.44
N ALA F 119 -6.83 12.32 6.82
CA ALA F 119 -8.18 12.76 6.45
C ALA F 119 -8.36 13.00 4.94
N SER F 120 -7.31 13.44 4.26
CA SER F 120 -7.39 13.63 2.81
C SER F 120 -7.82 12.33 2.10
N LEU F 121 -7.37 11.19 2.63
CA LEU F 121 -7.69 9.88 2.05
C LEU F 121 -9.16 9.51 2.21
N HIS F 122 -9.89 10.27 3.04
CA HIS F 122 -11.31 10.03 3.22
C HIS F 122 -12.12 10.75 2.13
N PHE F 123 -11.43 11.49 1.26
CA PHE F 123 -12.07 12.25 0.18
C PHE F 123 -11.59 11.85 -1.21
N ALA F 124 -10.33 11.44 -1.30
CA ALA F 124 -9.72 11.08 -2.57
C ALA F 124 -8.53 10.16 -2.31
N PRO F 125 -8.25 9.21 -3.24
CA PRO F 125 -7.10 8.33 -3.00
C PRO F 125 -5.80 9.14 -3.08
N MET F 126 -4.70 8.57 -2.64
CA MET F 126 -3.44 9.30 -2.51
C MET F 126 -2.97 9.89 -3.84
N GLU F 127 -3.33 9.23 -4.95
CA GLU F 127 -2.97 9.67 -6.31
C GLU F 127 -3.47 11.08 -6.62
N PHE F 128 -4.60 11.46 -6.02
CA PHE F 128 -5.22 12.77 -6.21
C PHE F 128 -4.37 13.86 -5.57
N PRO F 129 -4.16 14.98 -6.29
CA PRO F 129 -3.32 16.05 -5.75
C PRO F 129 -4.04 16.90 -4.69
N ALA F 130 -3.35 17.16 -3.59
CA ALA F 130 -3.83 18.13 -2.60
C ALA F 130 -3.55 19.54 -3.15
N VAL F 131 -4.26 19.92 -4.20
CA VAL F 131 -3.95 21.17 -4.92
C VAL F 131 -4.90 22.29 -4.55
N ALA F 132 -4.35 23.49 -4.41
CA ALA F 132 -5.16 24.69 -4.16
C ALA F 132 -5.92 25.14 -5.42
N ASP F 133 -7.00 25.89 -5.18
CA ASP F 133 -7.76 26.50 -6.26
C ASP F 133 -6.91 27.58 -6.92
N PHE F 134 -6.96 27.65 -8.25
CA PHE F 134 -6.13 28.63 -8.99
C PHE F 134 -6.49 30.09 -8.69
N ALA F 135 -7.79 30.39 -8.62
CA ALA F 135 -8.24 31.77 -8.32
C ALA F 135 -7.87 32.18 -6.90
N CYS F 136 -8.02 31.26 -5.95
CA CYS F 136 -7.64 31.51 -4.57
C CYS F 136 -6.14 31.77 -4.43
N THR F 137 -5.33 30.92 -5.06
CA THR F 137 -3.87 31.07 -5.04
C THR F 137 -3.45 32.39 -5.68
N THR F 138 -4.07 32.73 -6.81
CA THR F 138 -3.82 33.98 -7.49
C THR F 138 -4.15 35.17 -6.59
N ALA F 139 -5.32 35.14 -5.96
CA ALA F 139 -5.76 36.20 -5.07
C ALA F 139 -4.80 36.40 -3.90
N LEU F 140 -4.26 35.29 -3.39
CA LEU F 140 -3.29 35.32 -2.30
C LEU F 140 -1.94 35.92 -2.71
N VAL F 141 -1.44 35.51 -3.88
CA VAL F 141 -0.21 36.06 -4.44
C VAL F 141 -0.38 37.56 -4.71
N GLU F 142 -1.49 37.92 -5.35
CA GLU F 142 -1.82 39.33 -5.63
C GLU F 142 -2.00 40.17 -4.36
N ALA F 143 -2.74 39.63 -3.38
CA ALA F 143 -2.89 40.25 -2.07
C ALA F 143 -1.53 40.48 -1.39
N ALA F 144 -0.62 39.51 -1.53
CA ALA F 144 0.72 39.61 -0.96
C ALA F 144 1.50 40.79 -1.53
N LYS F 145 1.36 41.03 -2.84
CA LYS F 145 1.99 42.19 -3.49
C LYS F 145 1.40 43.49 -2.93
N SER F 146 0.08 43.50 -2.79
CA SER F 146 -0.65 44.65 -2.26
C SER F 146 -0.20 45.04 -0.84
N ILE F 147 -0.23 44.08 0.07
CA ILE F 147 0.11 44.33 1.48
C ILE F 147 1.61 44.57 1.67
N GLY F 148 2.42 43.90 0.87
CA GLY F 148 3.87 44.06 0.94
C GLY F 148 4.52 43.10 1.91
N ALA F 149 5.00 41.97 1.39
CA ALA F 149 5.63 40.93 2.18
C ALA F 149 6.55 40.09 1.31
N THR F 150 7.61 39.57 1.92
CA THR F 150 8.47 38.60 1.25
C THR F 150 7.68 37.30 1.10
N THR F 151 7.39 36.94 -0.14
CA THR F 151 6.46 35.86 -0.44
C THR F 151 7.12 34.71 -1.20
N HIS F 152 6.88 33.49 -0.74
CA HIS F 152 7.31 32.30 -1.46
C HIS F 152 6.08 31.49 -1.80
N VAL F 153 6.03 31.00 -3.04
CA VAL F 153 4.90 30.27 -3.55
C VAL F 153 5.38 28.86 -3.91
N GLY F 154 4.75 27.83 -3.33
CA GLY F 154 5.12 26.47 -3.66
C GLY F 154 4.48 25.38 -2.83
N VAL F 155 5.19 24.26 -2.68
CA VAL F 155 4.68 23.06 -2.05
C VAL F 155 4.89 23.07 -0.53
N THR F 156 3.88 22.56 0.18
CA THR F 156 3.90 22.48 1.64
C THR F 156 3.75 21.02 2.07
N ALA F 157 4.48 20.62 3.11
CA ALA F 157 4.28 19.29 3.70
C ALA F 157 3.27 19.40 4.82
N SER F 158 2.16 18.66 4.68
CA SER F 158 1.06 18.73 5.65
C SER F 158 0.95 17.45 6.47
N SER F 159 1.34 17.55 7.74
CA SER F 159 1.56 16.40 8.60
C SER F 159 0.47 16.22 9.63
N ASP F 160 0.04 14.97 9.82
CA ASP F 160 -0.91 14.62 10.90
C ASP F 160 -0.30 14.76 12.30
N THR F 161 1.00 14.97 12.39
CA THR F 161 1.62 15.23 13.69
C THR F 161 2.49 16.48 13.69
N PHE F 162 2.65 17.06 14.87
CA PHE F 162 3.56 18.17 15.08
C PHE F 162 4.96 17.63 15.26
N TYR F 163 5.07 16.44 15.84
CA TYR F 163 6.36 15.90 16.26
C TYR F 163 7.01 14.90 15.28
N PRO F 164 6.66 13.59 15.33
CA PRO F 164 7.40 12.67 14.46
C PRO F 164 7.23 12.92 12.95
N GLY F 165 6.07 13.41 12.53
CA GLY F 165 5.80 13.64 11.11
C GLY F 165 6.52 14.85 10.56
N GLN F 166 6.99 15.72 11.46
CA GLN F 166 7.83 16.85 11.09
C GLN F 166 9.27 16.58 11.51
N GLU F 167 9.55 15.29 11.72
CA GLU F 167 10.84 14.77 12.18
C GLU F 167 11.45 15.57 13.34
N ARG F 168 10.68 15.66 14.42
CA ARG F 168 11.15 16.27 15.66
C ARG F 168 11.60 15.17 16.61
N TYR F 169 12.76 15.35 17.23
CA TYR F 169 13.39 14.33 18.09
C TYR F 169 13.40 14.69 19.57
N ASP F 170 13.20 15.96 19.89
CA ASP F 170 13.12 16.43 21.27
C ASP F 170 11.73 16.11 21.83
N THR F 171 11.49 14.81 21.97
CA THR F 171 10.20 14.29 22.38
C THR F 171 10.43 13.31 23.52
N TYR F 172 9.35 12.81 24.09
CA TYR F 172 9.42 11.83 25.17
C TYR F 172 10.24 10.58 24.82
N SER F 173 9.97 10.02 23.64
CA SER F 173 10.63 8.78 23.23
C SER F 173 11.95 9.02 22.50
N GLY F 174 12.05 10.20 21.88
CA GLY F 174 13.18 10.52 20.99
C GLY F 174 13.24 9.63 19.75
N ARG F 175 12.21 8.83 19.54
CA ARG F 175 12.13 7.92 18.40
C ARG F 175 11.31 8.57 17.29
N VAL F 176 11.80 8.49 16.05
CA VAL F 176 10.99 8.81 14.88
C VAL F 176 10.87 7.54 14.03
N VAL F 177 9.62 7.17 13.72
CA VAL F 177 9.32 5.93 12.98
C VAL F 177 10.00 5.92 11.61
N ARG F 178 10.31 4.71 11.12
CA ARG F 178 11.04 4.50 9.87
C ARG F 178 10.59 5.44 8.74
N ARG F 179 9.28 5.53 8.52
CA ARG F 179 8.68 6.34 7.46
C ARG F 179 9.19 7.79 7.47
N PHE F 180 9.42 8.32 8.67
CA PHE F 180 9.79 9.72 8.81
C PHE F 180 11.26 9.99 9.16
N LYS F 181 12.03 8.94 9.44
CA LYS F 181 13.48 9.10 9.63
C LYS F 181 14.09 9.62 8.33
N GLY F 182 14.74 10.78 8.42
CA GLY F 182 15.38 11.42 7.26
C GLY F 182 14.43 12.10 6.30
N SER F 183 13.16 12.21 6.69
CA SER F 183 12.13 12.76 5.80
C SER F 183 12.27 14.27 5.57
N MET F 184 12.64 15.02 6.60
CA MET F 184 12.76 16.47 6.45
C MET F 184 13.80 16.83 5.38
N GLU F 185 14.96 16.19 5.42
CA GLU F 185 15.99 16.41 4.39
C GLU F 185 15.51 16.02 2.98
N GLU F 186 14.65 15.00 2.92
CA GLU F 186 14.05 14.58 1.66
C GLU F 186 13.10 15.64 1.11
N TRP F 187 12.20 16.15 1.95
CA TRP F 187 11.28 17.22 1.52
C TRP F 187 12.06 18.47 1.13
N GLN F 188 13.11 18.76 1.88
CA GLN F 188 14.00 19.89 1.61
C GLN F 188 14.61 19.81 0.20
N ALA F 189 15.15 18.65 -0.15
CA ALA F 189 15.75 18.43 -1.48
C ALA F 189 14.73 18.49 -2.60
N MET F 190 13.47 18.19 -2.27
CA MET F 190 12.36 18.24 -3.23
C MET F 190 11.73 19.64 -3.35
N GLY F 191 12.30 20.60 -2.62
CA GLY F 191 11.87 21.99 -2.70
C GLY F 191 10.65 22.37 -1.86
N VAL F 192 10.24 21.47 -0.97
CA VAL F 192 9.11 21.75 -0.08
C VAL F 192 9.49 22.92 0.83
N MET F 193 8.58 23.88 0.96
CA MET F 193 8.87 25.12 1.68
C MET F 193 8.80 24.96 3.19
N ASN F 194 7.82 24.18 3.65
CA ASN F 194 7.38 24.28 5.03
C ASN F 194 6.52 23.12 5.50
N TYR F 195 6.38 23.03 6.82
CA TYR F 195 5.47 22.10 7.46
C TYR F 195 4.29 22.84 8.06
N GLU F 196 3.10 22.30 7.88
CA GLU F 196 1.97 22.63 8.75
C GLU F 196 1.08 21.39 8.86
N MET F 197 -0.15 21.54 9.35
CA MET F 197 -0.92 20.36 9.73
C MET F 197 -2.35 20.26 9.19
N GLU F 198 -2.77 21.17 8.32
CA GLU F 198 -4.17 21.21 7.91
C GLU F 198 -4.41 21.23 6.40
N SER F 199 -3.40 21.68 5.65
CA SER F 199 -3.58 21.96 4.22
C SER F 199 -3.88 20.75 3.35
N ALA F 200 -3.23 19.62 3.62
CA ALA F 200 -3.48 18.41 2.82
C ALA F 200 -4.96 18.02 2.89
N THR F 201 -5.52 18.02 4.10
CA THR F 201 -6.96 17.77 4.27
C THR F 201 -7.81 18.84 3.59
N LEU F 202 -7.55 20.11 3.92
CA LEU F 202 -8.35 21.20 3.36
C LEU F 202 -8.33 21.18 1.83
N LEU F 203 -7.13 21.15 1.24
CA LEU F 203 -7.01 21.26 -0.21
C LEU F 203 -7.59 20.05 -0.94
N THR F 204 -7.32 18.85 -0.43
CA THR F 204 -7.87 17.63 -1.04
C THR F 204 -9.39 17.61 -0.97
N MET F 205 -9.95 17.88 0.21
CA MET F 205 -11.40 17.77 0.37
C MET F 205 -12.14 18.81 -0.47
N CYS F 206 -11.52 19.96 -0.68
CA CYS F 206 -12.12 21.01 -1.50
C CYS F 206 -11.97 20.76 -2.99
N ALA F 207 -10.75 20.43 -3.41
CA ALA F 207 -10.44 20.18 -4.83
C ALA F 207 -11.21 18.99 -5.39
N SER F 208 -11.58 18.06 -4.52
CA SER F 208 -12.31 16.85 -4.92
C SER F 208 -13.82 16.97 -4.71
N GLN F 209 -14.29 18.15 -4.30
CA GLN F 209 -15.72 18.34 -3.99
C GLN F 209 -16.31 19.61 -4.59
N GLY F 210 -15.59 20.24 -5.50
CA GLY F 210 -16.05 21.46 -6.17
C GLY F 210 -16.13 22.66 -5.25
N LEU F 211 -15.27 22.68 -4.24
CA LEU F 211 -15.12 23.84 -3.35
C LEU F 211 -13.77 24.50 -3.63
N ARG F 212 -13.70 25.82 -3.50
CA ARG F 212 -12.46 26.55 -3.76
C ARG F 212 -11.68 26.73 -2.47
N ALA F 213 -10.39 26.40 -2.51
CA ALA F 213 -9.55 26.57 -1.33
C ALA F 213 -8.21 27.19 -1.63
N GLY F 214 -7.77 28.05 -0.72
CA GLY F 214 -6.45 28.66 -0.78
C GLY F 214 -5.78 28.55 0.58
N MET F 215 -4.46 28.65 0.58
CA MET F 215 -3.64 28.43 1.75
C MET F 215 -2.48 29.43 1.83
N VAL F 216 -2.45 30.20 2.91
CA VAL F 216 -1.38 31.16 3.18
C VAL F 216 -0.93 31.02 4.65
N ALA F 217 0.36 31.27 4.91
CA ALA F 217 0.87 31.17 6.27
C ALA F 217 2.06 32.08 6.51
N GLY F 218 2.23 32.47 7.78
CA GLY F 218 3.38 33.26 8.20
C GLY F 218 4.40 32.37 8.86
N VAL F 219 5.67 32.55 8.50
CA VAL F 219 6.77 31.75 9.04
C VAL F 219 7.12 32.17 10.48
N ILE F 220 6.85 31.28 11.43
CA ILE F 220 7.12 31.55 12.86
C ILE F 220 8.43 30.91 13.36
N VAL F 221 9.02 30.06 12.52
CA VAL F 221 10.28 29.39 12.84
C VAL F 221 10.89 28.81 11.56
N ASN F 222 12.22 28.78 11.50
CA ASN F 222 12.92 28.10 10.43
C ASN F 222 13.67 26.89 10.98
N ARG F 223 13.30 25.71 10.50
CA ARG F 223 13.80 24.44 11.03
C ARG F 223 15.29 24.17 10.78
N THR F 224 15.85 24.77 9.73
CA THR F 224 17.28 24.61 9.44
C THR F 224 18.14 25.24 10.54
N GLN F 225 17.46 25.91 11.48
CA GLN F 225 18.10 26.50 12.64
C GLN F 225 17.42 26.10 13.96
N GLN F 226 16.08 26.13 13.99
CA GLN F 226 15.30 25.69 15.16
C GLN F 226 14.11 24.82 14.74
N GLU F 227 14.01 23.60 15.25
CA GLU F 227 14.99 23.02 16.17
N SER F 239 1.41 39.35 11.35
CA SER F 239 0.26 40.17 10.98
C SER F 239 0.15 40.37 9.46
N HIS F 240 1.29 40.28 8.77
CA HIS F 240 1.33 40.34 7.30
C HIS F 240 0.40 39.32 6.65
N ALA F 241 0.52 38.07 7.08
CA ALA F 241 -0.31 36.98 6.56
C ALA F 241 -1.80 37.21 6.76
N VAL F 242 -2.17 37.73 7.93
CA VAL F 242 -3.57 38.04 8.25
C VAL F 242 -4.12 39.13 7.33
N LYS F 243 -3.32 40.17 7.09
CA LYS F 243 -3.74 41.26 6.19
C LYS F 243 -3.90 40.72 4.76
N ILE F 244 -3.00 39.81 4.38
CA ILE F 244 -3.02 39.20 3.05
C ILE F 244 -4.26 38.33 2.81
N VAL F 245 -4.66 37.55 3.81
CA VAL F 245 -5.82 36.67 3.67
C VAL F 245 -7.14 37.46 3.55
N VAL F 246 -7.21 38.59 4.27
CA VAL F 246 -8.38 39.46 4.23
C VAL F 246 -8.48 40.15 2.86
N GLU F 247 -7.35 40.65 2.37
CA GLU F 247 -7.28 41.27 1.04
C GLU F 247 -7.55 40.27 -0.07
N ALA F 248 -7.05 39.05 0.09
CA ALA F 248 -7.34 37.98 -0.87
C ALA F 248 -8.85 37.69 -0.90
N ALA F 249 -9.47 37.65 0.27
CA ALA F 249 -10.91 37.43 0.39
C ALA F 249 -11.71 38.47 -0.37
N ARG F 250 -11.27 39.73 -0.32
CA ARG F 250 -11.90 40.83 -1.08
C ARG F 250 -11.94 40.50 -2.57
N ARG F 251 -10.83 40.00 -3.08
CA ARG F 251 -10.69 39.66 -4.50
C ARG F 251 -11.52 38.44 -4.92
N LEU F 252 -12.06 37.70 -3.95
CA LEU F 252 -12.73 36.43 -4.24
C LEU F 252 -14.24 36.44 -4.00
N LEU F 253 -14.79 37.58 -3.59
CA LEU F 253 -16.20 37.69 -3.23
C LEU F 253 -17.11 37.80 -4.45
P PO4 G . -0.04 14.41 -26.85
O1 PO4 G . 1.00 15.51 -26.93
O2 PO4 G . -0.92 14.46 -28.07
O3 PO4 G . 0.66 13.06 -26.82
O4 PO4 G . -0.84 14.57 -25.57
K K H . 7.06 6.42 -25.47
O3' ANU I . 0.17 11.09 -25.06
C3' ANU I . -1.21 10.78 -25.09
C2' ANU I . -2.09 11.62 -24.40
O2 ANU I . -2.95 10.70 -23.71
C2 ANU I . -4.25 10.86 -24.20
N3 ANU I . -5.49 10.29 -23.86
C4 ANU I . -6.60 10.64 -24.55
O4 ANU I . -7.85 10.06 -24.20
C5 ANU I . -6.53 11.66 -25.71
C6 ANU I . -5.28 12.22 -26.05
N1 ANU I . -4.16 11.88 -25.37
C1' ANU I . -2.94 12.24 -25.50
O4' ANU I . -2.50 11.70 -26.73
C4' ANU I . -1.82 10.57 -26.43
C5' ANU I . -2.46 9.23 -26.76
O5' ANU I . -3.47 9.28 -27.76
K K J . 2.07 -25.66 8.51
P PO4 K . 14.77 -1.01 -26.79
O1 PO4 K . 14.11 -1.92 -27.81
O2 PO4 K . 13.91 0.22 -26.59
O3 PO4 K . 14.94 -1.74 -25.49
O4 PO4 K . 16.11 -0.56 -27.33
O3' ANU L . 13.30 1.28 -24.09
C3' ANU L . 14.47 1.37 -23.34
C2' ANU L . 14.99 0.21 -22.76
O2 ANU L . 15.25 0.64 -21.42
C2 ANU L . 16.61 0.53 -21.18
N3 ANU L . 17.42 0.69 -20.03
C4 ANU L . 18.77 0.51 -20.12
O4 ANU L . 19.57 0.67 -18.97
C5 ANU L . 19.43 0.13 -21.46
C6 ANU L . 18.62 -0.02 -22.61
N1 ANU L . 17.28 0.16 -22.53
C1' ANU L . 16.36 0.07 -23.43
O4' ANU L . 16.55 1.18 -24.28
C4' ANU L . 15.63 2.12 -23.93
C5' ANU L . 16.11 3.37 -23.22
O5' ANU L . 17.42 3.78 -23.52
K K M . -8.47 19.43 16.63
P PO4 N . -2.47 27.68 12.75
O1 PO4 N . -1.57 27.16 11.64
O2 PO4 N . -3.63 28.41 12.11
O3 PO4 N . -2.99 26.53 13.57
O4 PO4 N . -1.69 28.63 13.65
O3' ANU O . -2.36 23.96 13.20
C3' ANU O . -0.96 23.87 13.33
C2' ANU O . -0.17 24.24 12.24
O2 ANU O . 0.77 23.16 12.13
C2 ANU O . 2.05 23.68 12.33
N3 ANU O . 3.35 23.13 12.24
C4 ANU O . 4.43 23.93 12.53
O4 ANU O . 5.74 23.40 12.44
C5 ANU O . 4.25 25.41 12.93
C6 ANU O . 2.94 25.95 13.02
N1 ANU O . 1.86 25.17 12.75
C1' ANU O . 0.61 25.44 12.77
O4' ANU O . 0.27 25.62 14.13
C4' ANU O . -0.34 24.49 14.55
C5' ANU O . 0.37 23.60 15.55
O5' ANU O . 1.30 24.23 16.41
#